data_3F43
# 
_entry.id   3F43 
# 
_audit_conform.dict_name       mmcif_pdbx.dic 
_audit_conform.dict_version    5.398 
_audit_conform.dict_location   http://mmcif.pdb.org/dictionaries/ascii/mmcif_pdbx.dic 
# 
loop_
_database_2.database_id 
_database_2.database_code 
_database_2.pdbx_database_accession 
_database_2.pdbx_DOI 
PDB   3F43         pdb_00003f43 10.2210/pdb3f43/pdb 
RCSB  RCSB050121   ?            ?                   
WWPDB D_1000050121 ?            ?                   
# 
loop_
_pdbx_audit_revision_history.ordinal 
_pdbx_audit_revision_history.data_content_type 
_pdbx_audit_revision_history.major_revision 
_pdbx_audit_revision_history.minor_revision 
_pdbx_audit_revision_history.revision_date 
1 'Structure model' 1 0 2008-11-25 
2 'Structure model' 1 1 2011-07-13 
3 'Structure model' 1 2 2017-10-25 
4 'Structure model' 1 3 2019-07-24 
5 'Structure model' 1 4 2023-02-01 
6 'Structure model' 1 5 2024-10-30 
# 
_pdbx_audit_revision_details.ordinal             1 
_pdbx_audit_revision_details.revision_ordinal    1 
_pdbx_audit_revision_details.data_content_type   'Structure model' 
_pdbx_audit_revision_details.provider            repository 
_pdbx_audit_revision_details.type                'Initial release' 
_pdbx_audit_revision_details.description         ? 
_pdbx_audit_revision_details.details             ? 
# 
loop_
_pdbx_audit_revision_group.ordinal 
_pdbx_audit_revision_group.revision_ordinal 
_pdbx_audit_revision_group.data_content_type 
_pdbx_audit_revision_group.group 
1  2 'Structure model' Advisory                    
2  2 'Structure model' 'Version format compliance' 
3  3 'Structure model' 'Refinement description'    
4  4 'Structure model' 'Data collection'           
5  4 'Structure model' 'Derived calculations'      
6  4 'Structure model' 'Refinement description'    
7  5 'Structure model' 'Database references'       
8  5 'Structure model' 'Derived calculations'      
9  6 'Structure model' 'Data collection'           
10 6 'Structure model' 'Structure summary'         
# 
loop_
_pdbx_audit_revision_category.ordinal 
_pdbx_audit_revision_category.revision_ordinal 
_pdbx_audit_revision_category.data_content_type 
_pdbx_audit_revision_category.category 
1  3 'Structure model' software                  
2  4 'Structure model' software                  
3  4 'Structure model' struct_conn               
4  5 'Structure model' database_2                
5  5 'Structure model' struct_ref_seq_dif        
6  5 'Structure model' struct_site               
7  6 'Structure model' chem_comp_atom            
8  6 'Structure model' chem_comp_bond            
9  6 'Structure model' pdbx_entry_details        
10 6 'Structure model' pdbx_modification_feature 
# 
loop_
_pdbx_audit_revision_item.ordinal 
_pdbx_audit_revision_item.revision_ordinal 
_pdbx_audit_revision_item.data_content_type 
_pdbx_audit_revision_item.item 
1  3 'Structure model' '_software.classification'                     
2  3 'Structure model' '_software.name'                               
3  4 'Structure model' '_software.classification'                     
4  4 'Structure model' '_software.contact_author'                     
5  4 'Structure model' '_software.contact_author_email'               
6  4 'Structure model' '_software.language'                           
7  4 'Structure model' '_software.location'                           
8  4 'Structure model' '_software.name'                               
9  4 'Structure model' '_software.type'                               
10 4 'Structure model' '_software.version'                            
11 4 'Structure model' '_struct_conn.pdbx_leaving_atom_flag'          
12 5 'Structure model' '_database_2.pdbx_DOI'                         
13 5 'Structure model' '_database_2.pdbx_database_accession'          
14 5 'Structure model' '_struct_ref_seq_dif.details'                  
15 5 'Structure model' '_struct_site.pdbx_auth_asym_id'               
16 5 'Structure model' '_struct_site.pdbx_auth_comp_id'               
17 5 'Structure model' '_struct_site.pdbx_auth_seq_id'                
18 6 'Structure model' '_pdbx_entry_details.has_protein_modification' 
# 
_pdbx_database_status.SG_entry                        Y 
_pdbx_database_status.entry_id                        3F43 
_pdbx_database_status.deposit_site                    RCSB 
_pdbx_database_status.process_site                    RCSB 
_pdbx_database_status.recvd_initial_deposition_date   2008-10-31 
_pdbx_database_status.status_code                     REL 
_pdbx_database_status.status_code_sf                  REL 
_pdbx_database_status.status_code_mr                  ? 
_pdbx_database_status.status_code_cs                  ? 
_pdbx_database_status.pdb_format_compatible           Y 
_pdbx_database_status.methods_development_category    ? 
_pdbx_database_status.status_code_nmr_data            ? 
# 
_pdbx_database_related.db_name        TargetDB 
_pdbx_database_related.db_id          282948 
_pdbx_database_related.details        . 
_pdbx_database_related.content_type   unspecified 
# 
_audit_author.name           'Joint Center for Structural Genomics (JCSG)' 
_audit_author.pdbx_ordinal   1 
# 
_citation.id                        primary 
_citation.title                     
'Crystal structure of Putative anti-sigma factor antagonist TM1081 (TM1081) from THERMOTOGA MARITIMA at 1.59 A resolution' 
_citation.journal_abbrev            'To be published' 
_citation.journal_volume            ? 
_citation.page_first                ? 
_citation.page_last                 ? 
_citation.year                      ? 
_citation.journal_id_ASTM           ? 
_citation.country                   ? 
_citation.journal_id_ISSN           ? 
_citation.journal_id_CSD            0353 
_citation.book_publisher            ? 
_citation.pdbx_database_id_PubMed   ? 
_citation.pdbx_database_id_DOI      ? 
# 
_citation_author.citation_id        primary 
_citation_author.name               'Joint Center for Structural Genomics (JCSG)' 
_citation_author.ordinal            1 
_citation_author.identifier_ORCID   ? 
# 
loop_
_entity.id 
_entity.type 
_entity.src_method 
_entity.pdbx_description 
_entity.formula_weight 
_entity.pdbx_number_of_molecules 
_entity.pdbx_ec 
_entity.pdbx_mutation 
_entity.pdbx_fragment 
_entity.details 
1 polymer     man 'Putative anti-sigma factor antagonist TM1081' 14637.297 1   ? ? ? ? 
2 non-polymer syn 'CHLORIDE ION'                                 35.453    3   ? ? ? ? 
3 non-polymer syn 'PENTAETHYLENE GLYCOL'                         238.278   1   ? ? ? ? 
4 non-polymer syn 'DI(HYDROXYETHYL)ETHER'                        106.120   1   ? ? ? ? 
5 water       nat water                                          18.015    121 ? ? ? ? 
# 
_entity_poly.entity_id                      1 
_entity_poly.type                           'polypeptide(L)' 
_entity_poly.nstd_linkage                   no 
_entity_poly.nstd_monomer                   yes 
_entity_poly.pdbx_seq_one_letter_code       
;(MSE)GSDKIHHHHHH(MSE)FPYKIVDDVVIL(MSE)PNKELNIENAHLFKKWVFDEFLNKGYNKIFLVLSDVESIDSF
SLGVIVNILKSISSSGGFFALVSPNEKVERVLSLTNLDRIVKIYDTISEA(MSE)EEVRRK
;
_entity_poly.pdbx_seq_one_letter_code_can   
;MGSDKIHHHHHHMFPYKIVDDVVILMPNKELNIENAHLFKKWVFDEFLNKGYNKIFLVLSDVESIDSFSLGVIVNILKSI
SSSGGFFALVSPNEKVERVLSLTNLDRIVKIYDTISEAMEEVRRK
;
_entity_poly.pdbx_strand_id                 A 
_entity_poly.pdbx_target_identifier         282948 
# 
loop_
_pdbx_entity_nonpoly.entity_id 
_pdbx_entity_nonpoly.name 
_pdbx_entity_nonpoly.comp_id 
2 'CHLORIDE ION'          CL  
3 'PENTAETHYLENE GLYCOL'  1PE 
4 'DI(HYDROXYETHYL)ETHER' PEG 
5 water                   HOH 
# 
loop_
_entity_poly_seq.entity_id 
_entity_poly_seq.num 
_entity_poly_seq.mon_id 
_entity_poly_seq.hetero 
1 1   MSE n 
1 2   GLY n 
1 3   SER n 
1 4   ASP n 
1 5   LYS n 
1 6   ILE n 
1 7   HIS n 
1 8   HIS n 
1 9   HIS n 
1 10  HIS n 
1 11  HIS n 
1 12  HIS n 
1 13  MSE n 
1 14  PHE n 
1 15  PRO n 
1 16  TYR n 
1 17  LYS n 
1 18  ILE n 
1 19  VAL n 
1 20  ASP n 
1 21  ASP n 
1 22  VAL n 
1 23  VAL n 
1 24  ILE n 
1 25  LEU n 
1 26  MSE n 
1 27  PRO n 
1 28  ASN n 
1 29  LYS n 
1 30  GLU n 
1 31  LEU n 
1 32  ASN n 
1 33  ILE n 
1 34  GLU n 
1 35  ASN n 
1 36  ALA n 
1 37  HIS n 
1 38  LEU n 
1 39  PHE n 
1 40  LYS n 
1 41  LYS n 
1 42  TRP n 
1 43  VAL n 
1 44  PHE n 
1 45  ASP n 
1 46  GLU n 
1 47  PHE n 
1 48  LEU n 
1 49  ASN n 
1 50  LYS n 
1 51  GLY n 
1 52  TYR n 
1 53  ASN n 
1 54  LYS n 
1 55  ILE n 
1 56  PHE n 
1 57  LEU n 
1 58  VAL n 
1 59  LEU n 
1 60  SER n 
1 61  ASP n 
1 62  VAL n 
1 63  GLU n 
1 64  SER n 
1 65  ILE n 
1 66  ASP n 
1 67  SER n 
1 68  PHE n 
1 69  SER n 
1 70  LEU n 
1 71  GLY n 
1 72  VAL n 
1 73  ILE n 
1 74  VAL n 
1 75  ASN n 
1 76  ILE n 
1 77  LEU n 
1 78  LYS n 
1 79  SER n 
1 80  ILE n 
1 81  SER n 
1 82  SER n 
1 83  SER n 
1 84  GLY n 
1 85  GLY n 
1 86  PHE n 
1 87  PHE n 
1 88  ALA n 
1 89  LEU n 
1 90  VAL n 
1 91  SER n 
1 92  PRO n 
1 93  ASN n 
1 94  GLU n 
1 95  LYS n 
1 96  VAL n 
1 97  GLU n 
1 98  ARG n 
1 99  VAL n 
1 100 LEU n 
1 101 SER n 
1 102 LEU n 
1 103 THR n 
1 104 ASN n 
1 105 LEU n 
1 106 ASP n 
1 107 ARG n 
1 108 ILE n 
1 109 VAL n 
1 110 LYS n 
1 111 ILE n 
1 112 TYR n 
1 113 ASP n 
1 114 THR n 
1 115 ILE n 
1 116 SER n 
1 117 GLU n 
1 118 ALA n 
1 119 MSE n 
1 120 GLU n 
1 121 GLU n 
1 122 VAL n 
1 123 ARG n 
1 124 ARG n 
1 125 LYS n 
# 
_entity_src_gen.entity_id                          1 
_entity_src_gen.pdbx_src_id                        1 
_entity_src_gen.pdbx_alt_source_flag               sample 
_entity_src_gen.pdbx_seq_type                      ? 
_entity_src_gen.pdbx_beg_seq_num                   ? 
_entity_src_gen.pdbx_end_seq_num                   ? 
_entity_src_gen.gene_src_common_name               ? 
_entity_src_gen.gene_src_genus                     ? 
_entity_src_gen.pdbx_gene_src_gene                 'TM1081, TM_1081' 
_entity_src_gen.gene_src_species                   ? 
_entity_src_gen.gene_src_strain                    ? 
_entity_src_gen.gene_src_tissue                    ? 
_entity_src_gen.gene_src_tissue_fraction           ? 
_entity_src_gen.gene_src_details                   ? 
_entity_src_gen.pdbx_gene_src_fragment             ? 
_entity_src_gen.pdbx_gene_src_scientific_name      'Thermotoga maritima' 
_entity_src_gen.pdbx_gene_src_ncbi_taxonomy_id     2336 
_entity_src_gen.pdbx_gene_src_variant              ? 
_entity_src_gen.pdbx_gene_src_cell_line            ? 
_entity_src_gen.pdbx_gene_src_atcc                 ? 
_entity_src_gen.pdbx_gene_src_organ                ? 
_entity_src_gen.pdbx_gene_src_organelle            ? 
_entity_src_gen.pdbx_gene_src_cell                 ? 
_entity_src_gen.pdbx_gene_src_cellular_location    ? 
_entity_src_gen.host_org_common_name               ? 
_entity_src_gen.pdbx_host_org_scientific_name      'Escherichia Coli' 
_entity_src_gen.pdbx_host_org_ncbi_taxonomy_id     562 
_entity_src_gen.host_org_genus                     ? 
_entity_src_gen.pdbx_host_org_gene                 ? 
_entity_src_gen.pdbx_host_org_organ                ? 
_entity_src_gen.host_org_species                   ? 
_entity_src_gen.pdbx_host_org_tissue               ? 
_entity_src_gen.pdbx_host_org_tissue_fraction      ? 
_entity_src_gen.pdbx_host_org_strain               HK200 
_entity_src_gen.pdbx_host_org_variant              ? 
_entity_src_gen.pdbx_host_org_cell_line            ? 
_entity_src_gen.pdbx_host_org_atcc                 ? 
_entity_src_gen.pdbx_host_org_culture_collection   ? 
_entity_src_gen.pdbx_host_org_cell                 ? 
_entity_src_gen.pdbx_host_org_organelle            ? 
_entity_src_gen.pdbx_host_org_cellular_location    ? 
_entity_src_gen.pdbx_host_org_vector_type          Plasmid 
_entity_src_gen.pdbx_host_org_vector               ? 
_entity_src_gen.host_org_details                   ? 
_entity_src_gen.expression_system_id               ? 
_entity_src_gen.plasmid_name                       MH4a 
_entity_src_gen.plasmid_details                    ? 
_entity_src_gen.pdbx_description                   ? 
# 
loop_
_chem_comp.id 
_chem_comp.type 
_chem_comp.mon_nstd_flag 
_chem_comp.name 
_chem_comp.pdbx_synonyms 
_chem_comp.formula 
_chem_comp.formula_weight 
1PE non-polymer         . 'PENTAETHYLENE GLYCOL'  PEG400 'C10 H22 O6'     238.278 
ALA 'L-peptide linking' y ALANINE                 ?      'C3 H7 N O2'     89.093  
ARG 'L-peptide linking' y ARGININE                ?      'C6 H15 N4 O2 1' 175.209 
ASN 'L-peptide linking' y ASPARAGINE              ?      'C4 H8 N2 O3'    132.118 
ASP 'L-peptide linking' y 'ASPARTIC ACID'         ?      'C4 H7 N O4'     133.103 
CL  non-polymer         . 'CHLORIDE ION'          ?      'Cl -1'          35.453  
GLU 'L-peptide linking' y 'GLUTAMIC ACID'         ?      'C5 H9 N O4'     147.129 
GLY 'peptide linking'   y GLYCINE                 ?      'C2 H5 N O2'     75.067  
HIS 'L-peptide linking' y HISTIDINE               ?      'C6 H10 N3 O2 1' 156.162 
HOH non-polymer         . WATER                   ?      'H2 O'           18.015  
ILE 'L-peptide linking' y ISOLEUCINE              ?      'C6 H13 N O2'    131.173 
LEU 'L-peptide linking' y LEUCINE                 ?      'C6 H13 N O2'    131.173 
LYS 'L-peptide linking' y LYSINE                  ?      'C6 H15 N2 O2 1' 147.195 
MSE 'L-peptide linking' n SELENOMETHIONINE        ?      'C5 H11 N O2 Se' 196.106 
PEG non-polymer         . 'DI(HYDROXYETHYL)ETHER' ?      'C4 H10 O3'      106.120 
PHE 'L-peptide linking' y PHENYLALANINE           ?      'C9 H11 N O2'    165.189 
PRO 'L-peptide linking' y PROLINE                 ?      'C5 H9 N O2'     115.130 
SER 'L-peptide linking' y SERINE                  ?      'C3 H7 N O3'     105.093 
THR 'L-peptide linking' y THREONINE               ?      'C4 H9 N O3'     119.119 
TRP 'L-peptide linking' y TRYPTOPHAN              ?      'C11 H12 N2 O2'  204.225 
TYR 'L-peptide linking' y TYROSINE                ?      'C9 H11 N O3'    181.189 
VAL 'L-peptide linking' y VALINE                  ?      'C5 H11 N O2'    117.146 
# 
loop_
_pdbx_poly_seq_scheme.asym_id 
_pdbx_poly_seq_scheme.entity_id 
_pdbx_poly_seq_scheme.seq_id 
_pdbx_poly_seq_scheme.mon_id 
_pdbx_poly_seq_scheme.ndb_seq_num 
_pdbx_poly_seq_scheme.pdb_seq_num 
_pdbx_poly_seq_scheme.auth_seq_num 
_pdbx_poly_seq_scheme.pdb_mon_id 
_pdbx_poly_seq_scheme.auth_mon_id 
_pdbx_poly_seq_scheme.pdb_strand_id 
_pdbx_poly_seq_scheme.pdb_ins_code 
_pdbx_poly_seq_scheme.hetero 
A 1 1   MSE 1   -11 ?   ?   ?   A . n 
A 1 2   GLY 2   -10 ?   ?   ?   A . n 
A 1 3   SER 3   -9  ?   ?   ?   A . n 
A 1 4   ASP 4   -8  ?   ?   ?   A . n 
A 1 5   LYS 5   -7  ?   ?   ?   A . n 
A 1 6   ILE 6   -6  ?   ?   ?   A . n 
A 1 7   HIS 7   -5  ?   ?   ?   A . n 
A 1 8   HIS 8   -4  -4  HIS HIS A . n 
A 1 9   HIS 9   -3  -3  HIS HIS A . n 
A 1 10  HIS 10  -2  -2  HIS HIS A . n 
A 1 11  HIS 11  -1  -1  HIS HIS A . n 
A 1 12  HIS 12  0   0   HIS HIS A . n 
A 1 13  MSE 13  1   1   MSE MSE A . n 
A 1 14  PHE 14  2   2   PHE PHE A . n 
A 1 15  PRO 15  3   3   PRO PRO A . n 
A 1 16  TYR 16  4   4   TYR TYR A . n 
A 1 17  LYS 17  5   5   LYS LYS A . n 
A 1 18  ILE 18  6   6   ILE ILE A . n 
A 1 19  VAL 19  7   7   VAL VAL A . n 
A 1 20  ASP 20  8   8   ASP ASP A . n 
A 1 21  ASP 21  9   9   ASP ASP A . n 
A 1 22  VAL 22  10  10  VAL VAL A . n 
A 1 23  VAL 23  11  11  VAL VAL A . n 
A 1 24  ILE 24  12  12  ILE ILE A . n 
A 1 25  LEU 25  13  13  LEU LEU A . n 
A 1 26  MSE 26  14  14  MSE MSE A . n 
A 1 27  PRO 27  15  15  PRO PRO A . n 
A 1 28  ASN 28  16  16  ASN ASN A . n 
A 1 29  LYS 29  17  17  LYS LYS A . n 
A 1 30  GLU 30  18  18  GLU GLU A . n 
A 1 31  LEU 31  19  19  LEU LEU A . n 
A 1 32  ASN 32  20  20  ASN ASN A . n 
A 1 33  ILE 33  21  21  ILE ILE A . n 
A 1 34  GLU 34  22  22  GLU GLU A . n 
A 1 35  ASN 35  23  23  ASN ASN A . n 
A 1 36  ALA 36  24  24  ALA ALA A . n 
A 1 37  HIS 37  25  25  HIS HIS A . n 
A 1 38  LEU 38  26  26  LEU LEU A . n 
A 1 39  PHE 39  27  27  PHE PHE A . n 
A 1 40  LYS 40  28  28  LYS LYS A . n 
A 1 41  LYS 41  29  29  LYS LYS A . n 
A 1 42  TRP 42  30  30  TRP TRP A . n 
A 1 43  VAL 43  31  31  VAL VAL A . n 
A 1 44  PHE 44  32  32  PHE PHE A . n 
A 1 45  ASP 45  33  33  ASP ASP A . n 
A 1 46  GLU 46  34  34  GLU GLU A . n 
A 1 47  PHE 47  35  35  PHE PHE A . n 
A 1 48  LEU 48  36  36  LEU LEU A . n 
A 1 49  ASN 49  37  37  ASN ASN A . n 
A 1 50  LYS 50  38  38  LYS LYS A . n 
A 1 51  GLY 51  39  39  GLY GLY A . n 
A 1 52  TYR 52  40  40  TYR TYR A . n 
A 1 53  ASN 53  41  41  ASN ASN A . n 
A 1 54  LYS 54  42  42  LYS LYS A . n 
A 1 55  ILE 55  43  43  ILE ILE A . n 
A 1 56  PHE 56  44  44  PHE PHE A . n 
A 1 57  LEU 57  45  45  LEU LEU A . n 
A 1 58  VAL 58  46  46  VAL VAL A . n 
A 1 59  LEU 59  47  47  LEU LEU A . n 
A 1 60  SER 60  48  48  SER SER A . n 
A 1 61  ASP 61  49  49  ASP ASP A . n 
A 1 62  VAL 62  50  50  VAL VAL A . n 
A 1 63  GLU 63  51  51  GLU GLU A . n 
A 1 64  SER 64  52  52  SER SER A . n 
A 1 65  ILE 65  53  53  ILE ILE A . n 
A 1 66  ASP 66  54  54  ASP ASP A . n 
A 1 67  SER 67  55  55  SER SER A . n 
A 1 68  PHE 68  56  56  PHE PHE A . n 
A 1 69  SER 69  57  57  SER SER A . n 
A 1 70  LEU 70  58  58  LEU LEU A . n 
A 1 71  GLY 71  59  59  GLY GLY A . n 
A 1 72  VAL 72  60  60  VAL VAL A . n 
A 1 73  ILE 73  61  61  ILE ILE A . n 
A 1 74  VAL 74  62  62  VAL VAL A . n 
A 1 75  ASN 75  63  63  ASN ASN A . n 
A 1 76  ILE 76  64  64  ILE ILE A . n 
A 1 77  LEU 77  65  65  LEU LEU A . n 
A 1 78  LYS 78  66  66  LYS LYS A . n 
A 1 79  SER 79  67  67  SER SER A . n 
A 1 80  ILE 80  68  68  ILE ILE A . n 
A 1 81  SER 81  69  69  SER SER A . n 
A 1 82  SER 82  70  70  SER SER A . n 
A 1 83  SER 83  71  71  SER SER A . n 
A 1 84  GLY 84  72  72  GLY GLY A . n 
A 1 85  GLY 85  73  73  GLY GLY A . n 
A 1 86  PHE 86  74  74  PHE PHE A . n 
A 1 87  PHE 87  75  75  PHE PHE A . n 
A 1 88  ALA 88  76  76  ALA ALA A . n 
A 1 89  LEU 89  77  77  LEU LEU A . n 
A 1 90  VAL 90  78  78  VAL VAL A . n 
A 1 91  SER 91  79  79  SER SER A . n 
A 1 92  PRO 92  80  80  PRO PRO A . n 
A 1 93  ASN 93  81  81  ASN ASN A . n 
A 1 94  GLU 94  82  82  GLU GLU A . n 
A 1 95  LYS 95  83  83  LYS LYS A . n 
A 1 96  VAL 96  84  84  VAL VAL A . n 
A 1 97  GLU 97  85  85  GLU GLU A . n 
A 1 98  ARG 98  86  86  ARG ARG A . n 
A 1 99  VAL 99  87  87  VAL VAL A . n 
A 1 100 LEU 100 88  88  LEU LEU A . n 
A 1 101 SER 101 89  89  SER SER A . n 
A 1 102 LEU 102 90  90  LEU LEU A . n 
A 1 103 THR 103 91  91  THR THR A . n 
A 1 104 ASN 104 92  92  ASN ASN A . n 
A 1 105 LEU 105 93  93  LEU LEU A . n 
A 1 106 ASP 106 94  94  ASP ASP A . n 
A 1 107 ARG 107 95  95  ARG ARG A . n 
A 1 108 ILE 108 96  96  ILE ILE A . n 
A 1 109 VAL 109 97  97  VAL VAL A . n 
A 1 110 LYS 110 98  98  LYS LYS A . n 
A 1 111 ILE 111 99  99  ILE ILE A . n 
A 1 112 TYR 112 100 100 TYR TYR A . n 
A 1 113 ASP 113 101 101 ASP ASP A . n 
A 1 114 THR 114 102 102 THR THR A . n 
A 1 115 ILE 115 103 103 ILE ILE A . n 
A 1 116 SER 116 104 104 SER SER A . n 
A 1 117 GLU 117 105 105 GLU GLU A . n 
A 1 118 ALA 118 106 106 ALA ALA A . n 
A 1 119 MSE 119 107 107 MSE MSE A . n 
A 1 120 GLU 120 108 108 GLU GLU A . n 
A 1 121 GLU 121 109 109 GLU GLU A . n 
A 1 122 VAL 122 110 110 VAL VAL A . n 
A 1 123 ARG 123 111 111 ARG ARG A . n 
A 1 124 ARG 124 112 112 ARG ARG A . n 
A 1 125 LYS 125 113 ?   ?   ?   A . n 
# 
loop_
_pdbx_nonpoly_scheme.asym_id 
_pdbx_nonpoly_scheme.entity_id 
_pdbx_nonpoly_scheme.mon_id 
_pdbx_nonpoly_scheme.ndb_seq_num 
_pdbx_nonpoly_scheme.pdb_seq_num 
_pdbx_nonpoly_scheme.auth_seq_num 
_pdbx_nonpoly_scheme.pdb_mon_id 
_pdbx_nonpoly_scheme.auth_mon_id 
_pdbx_nonpoly_scheme.pdb_strand_id 
_pdbx_nonpoly_scheme.pdb_ins_code 
B 2 CL  1   114 1   CL  CL  A . 
C 2 CL  1   115 2   CL  CL  A . 
D 2 CL  1   116 3   CL  CL  A . 
E 3 1PE 1   117 4   1PE 1PE A . 
F 4 PEG 1   118 5   PEG PEG A . 
G 5 HOH 1   119 119 HOH HOH A . 
G 5 HOH 2   120 120 HOH HOH A . 
G 5 HOH 3   121 121 HOH HOH A . 
G 5 HOH 4   122 122 HOH HOH A . 
G 5 HOH 5   123 123 HOH HOH A . 
G 5 HOH 6   124 124 HOH HOH A . 
G 5 HOH 7   125 125 HOH HOH A . 
G 5 HOH 8   126 126 HOH HOH A . 
G 5 HOH 9   127 127 HOH HOH A . 
G 5 HOH 10  128 128 HOH HOH A . 
G 5 HOH 11  129 129 HOH HOH A . 
G 5 HOH 12  130 130 HOH HOH A . 
G 5 HOH 13  131 131 HOH HOH A . 
G 5 HOH 14  132 132 HOH HOH A . 
G 5 HOH 15  133 133 HOH HOH A . 
G 5 HOH 16  134 134 HOH HOH A . 
G 5 HOH 17  135 135 HOH HOH A . 
G 5 HOH 18  136 136 HOH HOH A . 
G 5 HOH 19  137 6   HOH HOH A . 
G 5 HOH 20  138 7   HOH HOH A . 
G 5 HOH 21  139 8   HOH HOH A . 
G 5 HOH 22  140 9   HOH HOH A . 
G 5 HOH 23  141 10  HOH HOH A . 
G 5 HOH 24  142 11  HOH HOH A . 
G 5 HOH 25  143 12  HOH HOH A . 
G 5 HOH 26  144 13  HOH HOH A . 
G 5 HOH 27  145 14  HOH HOH A . 
G 5 HOH 28  146 15  HOH HOH A . 
G 5 HOH 29  147 16  HOH HOH A . 
G 5 HOH 30  148 17  HOH HOH A . 
G 5 HOH 31  149 18  HOH HOH A . 
G 5 HOH 32  150 19  HOH HOH A . 
G 5 HOH 33  151 20  HOH HOH A . 
G 5 HOH 34  152 21  HOH HOH A . 
G 5 HOH 35  153 22  HOH HOH A . 
G 5 HOH 36  154 23  HOH HOH A . 
G 5 HOH 37  155 24  HOH HOH A . 
G 5 HOH 38  156 25  HOH HOH A . 
G 5 HOH 39  157 26  HOH HOH A . 
G 5 HOH 40  158 27  HOH HOH A . 
G 5 HOH 41  159 28  HOH HOH A . 
G 5 HOH 42  160 29  HOH HOH A . 
G 5 HOH 43  161 30  HOH HOH A . 
G 5 HOH 44  162 31  HOH HOH A . 
G 5 HOH 45  163 32  HOH HOH A . 
G 5 HOH 46  164 33  HOH HOH A . 
G 5 HOH 47  165 34  HOH HOH A . 
G 5 HOH 48  166 35  HOH HOH A . 
G 5 HOH 49  167 36  HOH HOH A . 
G 5 HOH 50  168 37  HOH HOH A . 
G 5 HOH 51  169 38  HOH HOH A . 
G 5 HOH 52  170 39  HOH HOH A . 
G 5 HOH 53  171 40  HOH HOH A . 
G 5 HOH 54  172 41  HOH HOH A . 
G 5 HOH 55  173 42  HOH HOH A . 
G 5 HOH 56  174 43  HOH HOH A . 
G 5 HOH 57  175 44  HOH HOH A . 
G 5 HOH 58  176 45  HOH HOH A . 
G 5 HOH 59  177 46  HOH HOH A . 
G 5 HOH 60  178 47  HOH HOH A . 
G 5 HOH 61  179 48  HOH HOH A . 
G 5 HOH 62  180 49  HOH HOH A . 
G 5 HOH 63  181 50  HOH HOH A . 
G 5 HOH 64  182 51  HOH HOH A . 
G 5 HOH 65  183 52  HOH HOH A . 
G 5 HOH 66  184 53  HOH HOH A . 
G 5 HOH 67  185 54  HOH HOH A . 
G 5 HOH 68  186 55  HOH HOH A . 
G 5 HOH 69  187 56  HOH HOH A . 
G 5 HOH 70  188 57  HOH HOH A . 
G 5 HOH 71  189 58  HOH HOH A . 
G 5 HOH 72  190 59  HOH HOH A . 
G 5 HOH 73  191 60  HOH HOH A . 
G 5 HOH 74  192 61  HOH HOH A . 
G 5 HOH 75  193 62  HOH HOH A . 
G 5 HOH 76  194 63  HOH HOH A . 
G 5 HOH 77  195 64  HOH HOH A . 
G 5 HOH 78  196 65  HOH HOH A . 
G 5 HOH 79  197 66  HOH HOH A . 
G 5 HOH 80  198 67  HOH HOH A . 
G 5 HOH 81  199 68  HOH HOH A . 
G 5 HOH 82  200 69  HOH HOH A . 
G 5 HOH 83  201 70  HOH HOH A . 
G 5 HOH 84  202 71  HOH HOH A . 
G 5 HOH 85  203 72  HOH HOH A . 
G 5 HOH 86  204 73  HOH HOH A . 
G 5 HOH 87  205 74  HOH HOH A . 
G 5 HOH 88  206 75  HOH HOH A . 
G 5 HOH 89  207 76  HOH HOH A . 
G 5 HOH 90  208 77  HOH HOH A . 
G 5 HOH 91  209 78  HOH HOH A . 
G 5 HOH 92  210 79  HOH HOH A . 
G 5 HOH 93  211 80  HOH HOH A . 
G 5 HOH 94  212 81  HOH HOH A . 
G 5 HOH 95  213 82  HOH HOH A . 
G 5 HOH 96  214 83  HOH HOH A . 
G 5 HOH 97  215 84  HOH HOH A . 
G 5 HOH 98  216 85  HOH HOH A . 
G 5 HOH 99  217 86  HOH HOH A . 
G 5 HOH 100 218 87  HOH HOH A . 
G 5 HOH 101 219 88  HOH HOH A . 
G 5 HOH 102 220 89  HOH HOH A . 
G 5 HOH 103 221 90  HOH HOH A . 
G 5 HOH 104 222 91  HOH HOH A . 
G 5 HOH 105 223 92  HOH HOH A . 
G 5 HOH 106 224 93  HOH HOH A . 
G 5 HOH 107 225 94  HOH HOH A . 
G 5 HOH 108 226 95  HOH HOH A . 
G 5 HOH 109 227 96  HOH HOH A . 
G 5 HOH 110 228 97  HOH HOH A . 
G 5 HOH 111 229 98  HOH HOH A . 
G 5 HOH 112 230 99  HOH HOH A . 
G 5 HOH 113 231 100 HOH HOH A . 
G 5 HOH 114 232 111 HOH HOH A . 
G 5 HOH 115 233 112 HOH HOH A . 
G 5 HOH 116 234 113 HOH HOH A . 
G 5 HOH 117 235 114 HOH HOH A . 
G 5 HOH 118 236 115 HOH HOH A . 
G 5 HOH 119 237 116 HOH HOH A . 
G 5 HOH 120 238 117 HOH HOH A . 
G 5 HOH 121 239 118 HOH HOH A . 
# 
loop_
_pdbx_unobs_or_zero_occ_atoms.id 
_pdbx_unobs_or_zero_occ_atoms.PDB_model_num 
_pdbx_unobs_or_zero_occ_atoms.polymer_flag 
_pdbx_unobs_or_zero_occ_atoms.occupancy_flag 
_pdbx_unobs_or_zero_occ_atoms.auth_asym_id 
_pdbx_unobs_or_zero_occ_atoms.auth_comp_id 
_pdbx_unobs_or_zero_occ_atoms.auth_seq_id 
_pdbx_unobs_or_zero_occ_atoms.PDB_ins_code 
_pdbx_unobs_or_zero_occ_atoms.auth_atom_id 
_pdbx_unobs_or_zero_occ_atoms.label_alt_id 
_pdbx_unobs_or_zero_occ_atoms.label_asym_id 
_pdbx_unobs_or_zero_occ_atoms.label_comp_id 
_pdbx_unobs_or_zero_occ_atoms.label_seq_id 
_pdbx_unobs_or_zero_occ_atoms.label_atom_id 
1  1 Y 1 A ASP 9   ? OD1 ? A ASP 21  OD1 
2  1 Y 1 A ASP 9   ? OD2 ? A ASP 21  OD2 
3  1 Y 1 A LYS 42  ? CE  ? A LYS 54  CE  
4  1 Y 1 A LYS 42  ? NZ  ? A LYS 54  NZ  
5  1 Y 1 A LYS 83  ? CE  ? A LYS 95  CE  
6  1 Y 1 A LYS 83  ? NZ  ? A LYS 95  NZ  
7  1 Y 1 A LYS 98  ? CE  ? A LYS 110 CE  
8  1 Y 1 A LYS 98  ? NZ  ? A LYS 110 NZ  
9  1 Y 1 A ARG 112 ? CG  ? A ARG 124 CG  
10 1 Y 1 A ARG 112 ? CD  ? A ARG 124 CD  
11 1 Y 1 A ARG 112 ? NE  ? A ARG 124 NE  
12 1 Y 1 A ARG 112 ? CZ  ? A ARG 124 CZ  
13 1 Y 1 A ARG 112 ? NH1 ? A ARG 124 NH1 
14 1 Y 1 A ARG 112 ? NH2 ? A ARG 124 NH2 
# 
loop_
_software.name 
_software.version 
_software.date 
_software.type 
_software.contact_author 
_software.contact_author_email 
_software.classification 
_software.location 
_software.language 
_software.citation_id 
_software.pdbx_ordinal 
REFMAC      5.2.0019 ?               program 'Garib N. Murshudov'         garib@ysbl.york.ac.uk                refinement        
http://www.ccp4.ac.uk/dist/html/refmac5.html                                Fortran_77 ? 1 
PHENIX      .        ?               package 'P.D. Adams'                 PDAdams@lbl.gov                      refinement        
http://www.phenix-online.org/                                               C++        ? 2 
SOLVE       .        ?               program 'Tom Terwilliger'            terwilliger@LANL.gov                 phasing           
http://www.solve.lanl.gov/                                                  ?          ? 3 
MolProbity  3beta29  ?               package 'D.C. & J.S. Richardson lab' molprobity@kinemage.biochem.duke.edu 'model building'  
http://kinemage.biochem.duke.edu/molprobity/                                ?          ? 4 
XSCALE      .        ?               package 'Wolfgang Kabsch'            ?                                    'data scaling'    
http://www.mpimf-heidelberg.mpg.de/~kabsch/xds/html_doc/xscale_program.html ?          ? 5 
PDB_EXTRACT 3.006    'June 11, 2008' package PDB                          help@deposit.rcsb.org                'data extraction' 
http://sw-tools.pdb.org/apps/PDB_EXTRACT/                                   C++        ? 6 
XDS         .        ?               ?       ?                            ?                                    'data reduction'  ? 
?          ? 7 
# 
_cell.entry_id           3F43 
_cell.length_a           49.700 
_cell.length_b           49.700 
_cell.length_c           113.620 
_cell.angle_alpha        90.000 
_cell.angle_beta         90.000 
_cell.angle_gamma        90.000 
_cell.pdbx_unique_axis   ? 
_cell.Z_PDB              8 
_cell.length_a_esd       ? 
_cell.length_b_esd       ? 
_cell.length_c_esd       ? 
_cell.angle_alpha_esd    ? 
_cell.angle_beta_esd     ? 
_cell.angle_gamma_esd    ? 
# 
_symmetry.entry_id                         3F43 
_symmetry.Int_Tables_number                92 
_symmetry.space_group_name_H-M             'P 41 21 2' 
_symmetry.pdbx_full_space_group_name_H-M   ? 
_symmetry.cell_setting                     ? 
_symmetry.space_group_name_Hall            ? 
# 
_exptl.crystals_number   1 
_exptl.method            'X-RAY DIFFRACTION' 
_exptl.entry_id          3F43 
# 
_exptl_crystal.id                    1 
_exptl_crystal.density_Matthews      2.40 
_exptl_crystal.density_meas          ? 
_exptl_crystal.density_percent_sol   48.68 
_exptl_crystal.description           ? 
_exptl_crystal.F_000                 ? 
_exptl_crystal.preparation           ? 
# 
_exptl_crystal_grow.crystal_id      1 
_exptl_crystal_grow.method          'VAPOR DIFFUSION, SITTING DROP' 
_exptl_crystal_grow.pH              5.67 
_exptl_crystal_grow.temp            277 
_exptl_crystal_grow.pdbx_details    
;38.0% polyethylene glycol 400, 0.2M magnesium chloride, 0.1M citric acid pH 5.67, NANODROP', VAPOR DIFFUSION, SITTING DROP, temperature 277K
;
_exptl_crystal_grow.temp_details    ? 
_exptl_crystal_grow.pdbx_pH_range   ? 
# 
_diffrn.id                     1 
_diffrn.ambient_temp           100 
_diffrn.ambient_temp_details   ? 
_diffrn.crystal_id             1 
# 
_diffrn_detector.diffrn_id              1 
_diffrn_detector.detector               CCD 
_diffrn_detector.type                   'MARMOSAIC 300 mm CCD' 
_diffrn_detector.details                'Adjustable focusing mirrors in K-B geometry' 
_diffrn_detector.pdbx_collection_date   2008-10-11 
# 
_diffrn_radiation.diffrn_id                        1 
_diffrn_radiation.pdbx_monochromatic_or_laue_m_l   M 
_diffrn_radiation.monochromator                    'Si(111) Double Crystal Monochrometer' 
_diffrn_radiation.pdbx_diffrn_protocol             MAD 
_diffrn_radiation.wavelength_id                    1 
_diffrn_radiation.pdbx_scattering_type             x-ray 
# 
loop_
_diffrn_radiation_wavelength.id 
_diffrn_radiation_wavelength.wavelength 
_diffrn_radiation_wavelength.wt 
1 0.94645 1.0 
2 0.97967 1.0 
# 
_diffrn_source.diffrn_id                   1 
_diffrn_source.source                      SYNCHROTRON 
_diffrn_source.pdbx_synchrotron_beamline   23-ID-B 
_diffrn_source.type                        'APS BEAMLINE 23-ID-B' 
_diffrn_source.pdbx_wavelength_list        0.94645,0.97967 
_diffrn_source.pdbx_wavelength             ? 
_diffrn_source.pdbx_synchrotron_site       APS 
# 
_reflns.entry_id                     3F43 
_reflns.d_resolution_high            1.59 
_reflns.d_resolution_low             29.881 
_reflns.number_obs                   19931 
_reflns.pdbx_Rmerge_I_obs            0.070 
_reflns.percent_possible_obs         99.600 
_reflns.B_iso_Wilson_estimate        23.628 
_reflns.observed_criterion_sigma_I   -3.00 
_reflns.observed_criterion_sigma_F   ? 
_reflns.number_all                   ? 
_reflns.pdbx_Rsym_value              ? 
_reflns.pdbx_netI_over_sigmaI        12.050 
_reflns.pdbx_redundancy              ? 
_reflns.R_free_details               ? 
_reflns.limit_h_max                  ? 
_reflns.limit_h_min                  ? 
_reflns.limit_k_max                  ? 
_reflns.limit_k_min                  ? 
_reflns.limit_l_max                  ? 
_reflns.limit_l_min                  ? 
_reflns.observed_criterion_F_max     ? 
_reflns.observed_criterion_F_min     ? 
_reflns.pdbx_chi_squared             ? 
_reflns.pdbx_scaling_rejects         ? 
_reflns.pdbx_ordinal                 1 
_reflns.pdbx_diffrn_id               1 
# 
loop_
_reflns_shell.d_res_high 
_reflns_shell.d_res_low 
_reflns_shell.number_measured_obs 
_reflns_shell.number_measured_all 
_reflns_shell.number_unique_obs 
_reflns_shell.Rmerge_I_obs 
_reflns_shell.meanI_over_sigI_obs 
_reflns_shell.pdbx_Rsym_value 
_reflns_shell.pdbx_chi_squared 
_reflns_shell.pdbx_redundancy 
_reflns_shell.percent_possible_obs 
_reflns_shell.number_unique_all 
_reflns_shell.percent_possible_all 
_reflns_shell.pdbx_ordinal 
_reflns_shell.pdbx_diffrn_id 
1.59 1.65   13950 ? 3793 0.725 1.5  ? ? ? ? ? 99.40  1  1 
1.65 1.71   12353 ? 3342 0.557 2.1  ? ? ? ? ? 99.20  2  1 
1.71 1.79   13761 ? 3688 0.421 2.7  ? ? ? ? ? 99.00  3  1 
1.79 1.88   13207 ? 3498 0.287 4.1  ? ? ? ? ? 99.60  4  1 
1.88 2.00   14210 ? 3746 0.178 6.4  ? ? ? ? ? 99.80  5  1 
2.00 2.16   14428 ? 3789 0.112 10.1 ? ? ? ? ? 99.60  6  1 
2.16 2.37   15974 ? 3541 0.097 14.4 ? ? ? ? ? 99.80  7  1 
2.37 2.72   23513 ? 3729 0.102 18.5 ? ? ? ? ? 99.80  8  1 
2.72 3.42   27794 ? 3632 0.071 26.5 ? ? ? ? ? 100.00 9  1 
3.42 29.881 28397 ? 3702 0.053 33.3 ? ? ? ? ? 99.70  10 1 
# 
_refine.entry_id                                 3F43 
_refine.ls_d_res_high                            1.590 
_refine.ls_d_res_low                             29.881 
_refine.pdbx_ls_sigma_F                          0.00 
_refine.pdbx_data_cutoff_high_absF               ? 
_refine.pdbx_data_cutoff_low_absF                ? 
_refine.ls_percent_reflns_obs                    99.700 
_refine.ls_number_reflns_obs                     19865 
_refine.ls_number_reflns_all                     ? 
_refine.pdbx_ls_cross_valid_method               THROUGHOUT 
_refine.pdbx_R_Free_selection_details            RANDOM 
_refine.details                                  
;(1). HYDROGENS HAVE BEEN ADDED IN THE RIDING POSITIONS. (2). A MET-INHIBITION PROTOCOL WAS USED FOR SELENOMETHIONINE INCORPORATION DURING PROTEIN EXPRESSION. THE OCCUPANCY OF THE SE ATOMS IN THE MSE RESIDUES WAS REDUCED TO 0.75 TO ACCOUNT FOR THE REDUCED SCATTERING POWER DUE TO PARTIAL S-MET INCORPORATION. (3). ATOM RECORDS CONTAIN RESIDUAL B FACTORS ONLY. (4). CL IONS AND PEG 400 FRAGMENTS (1PE AND PEG) FROM CRYSTALLIZATION SOLUTION WERE MODELED.
;
_refine.ls_R_factor_all                          ? 
_refine.ls_R_factor_obs                          0.179 
_refine.ls_R_factor_R_work                       0.178 
_refine.ls_wR_factor_R_work                      ? 
_refine.ls_R_factor_R_free                       0.209 
_refine.ls_wR_factor_R_free                      ? 
_refine.ls_percent_reflns_R_free                 5.100 
_refine.ls_number_reflns_R_free                  1013 
_refine.ls_R_factor_R_free_error                 ? 
_refine.B_iso_mean                               29.405 
_refine.solvent_model_param_bsol                 ? 
_refine.solvent_model_param_ksol                 ? 
_refine.pdbx_isotropic_thermal_model             ? 
_refine.aniso_B[1][1]                            0.760 
_refine.aniso_B[2][2]                            0.760 
_refine.aniso_B[3][3]                            -1.520 
_refine.aniso_B[1][2]                            0.000 
_refine.aniso_B[1][3]                            0.000 
_refine.aniso_B[2][3]                            0.000 
_refine.correlation_coeff_Fo_to_Fc               0.965 
_refine.correlation_coeff_Fo_to_Fc_free          0.957 
_refine.overall_SU_R_Cruickshank_DPI             ? 
_refine.overall_SU_R_free                        ? 
_refine.pdbx_overall_ESU_R                       0.082 
_refine.pdbx_overall_ESU_R_Free                  0.084 
_refine.overall_SU_ML                            0.058 
_refine.overall_SU_B                             3.187 
_refine.solvent_model_details                    MASK 
_refine.pdbx_solvent_vdw_probe_radii             1.200 
_refine.pdbx_solvent_ion_probe_radii             0.800 
_refine.pdbx_solvent_shrinkage_radii             0.800 
_refine.ls_number_parameters                     ? 
_refine.ls_number_restraints                     ? 
_refine.pdbx_method_to_determine_struct          MAD 
_refine.pdbx_stereochemistry_target_values       'MAXIMUM LIKELIHOOD WITH PHASES' 
_refine.pdbx_stereochem_target_val_spec_case     ? 
_refine.overall_FOM_work_R_set                   ? 
_refine.B_iso_max                                77.55 
_refine.B_iso_min                                12.50 
_refine.occupancy_max                            1.00 
_refine.occupancy_min                            0.30 
_refine.pdbx_ls_sigma_I                          ? 
_refine.ls_redundancy_reflns_obs                 ? 
_refine.ls_R_factor_R_free_error_details         ? 
_refine.pdbx_starting_model                      ? 
_refine.pdbx_data_cutoff_high_rms_absF           ? 
_refine.overall_FOM_free_R_set                   ? 
_refine.pdbx_overall_phase_error                 ? 
_refine.pdbx_refine_id                           'X-RAY DIFFRACTION' 
_refine.pdbx_TLS_residual_ADP_flag               'LIKELY RESIDUAL' 
_refine.pdbx_diffrn_id                           1 
_refine.pdbx_overall_SU_R_free_Cruickshank_DPI   ? 
_refine.pdbx_overall_SU_R_Blow_DPI               ? 
_refine.pdbx_overall_SU_R_free_Blow_DPI          ? 
# 
_refine_hist.pdbx_refine_id                   'X-RAY DIFFRACTION' 
_refine_hist.cycle_id                         LAST 
_refine_hist.pdbx_number_atoms_protein        941 
_refine_hist.pdbx_number_atoms_nucleic_acid   0 
_refine_hist.pdbx_number_atoms_ligand         26 
_refine_hist.number_atoms_solvent             121 
_refine_hist.number_atoms_total               1088 
_refine_hist.d_res_high                       1.590 
_refine_hist.d_res_low                        29.881 
# 
loop_
_refine_ls_restr.type 
_refine_ls_restr.pdbx_refine_id 
_refine_ls_restr.number 
_refine_ls_restr.dev_ideal 
_refine_ls_restr.dev_ideal_target 
_refine_ls_restr.weight 
_refine_ls_restr.pdbx_restraint_function 
r_bond_refined_d         'X-RAY DIFFRACTION' 1053 0.015  0.022  ? ? 
r_bond_other_d           'X-RAY DIFFRACTION' 723  0.010  0.020  ? ? 
r_angle_refined_deg      'X-RAY DIFFRACTION' 1417 1.486  1.969  ? ? 
r_angle_other_deg        'X-RAY DIFFRACTION' 1777 1.108  3.000  ? ? 
r_dihedral_angle_1_deg   'X-RAY DIFFRACTION' 129  5.423  5.000  ? ? 
r_dihedral_angle_2_deg   'X-RAY DIFFRACTION' 44   30.615 24.545 ? ? 
r_dihedral_angle_3_deg   'X-RAY DIFFRACTION' 184  11.676 15.000 ? ? 
r_dihedral_angle_4_deg   'X-RAY DIFFRACTION' 3    16.932 15.000 ? ? 
r_chiral_restr           'X-RAY DIFFRACTION' 159  0.102  0.200  ? ? 
r_gen_planes_refined     'X-RAY DIFFRACTION' 1139 0.006  0.020  ? ? 
r_gen_planes_other       'X-RAY DIFFRACTION' 207  0.002  0.020  ? ? 
r_nbd_refined            'X-RAY DIFFRACTION' 207  0.236  0.200  ? ? 
r_nbd_other              'X-RAY DIFFRACTION' 688  0.169  0.200  ? ? 
r_nbtor_refined          'X-RAY DIFFRACTION' 524  0.178  0.200  ? ? 
r_nbtor_other            'X-RAY DIFFRACTION' 498  0.087  0.200  ? ? 
r_xyhbond_nbd_refined    'X-RAY DIFFRACTION' 87   0.159  0.200  ? ? 
r_symmetry_vdw_refined   'X-RAY DIFFRACTION' 12   0.179  0.200  ? ? 
r_symmetry_vdw_other     'X-RAY DIFFRACTION' 36   0.208  0.200  ? ? 
r_symmetry_hbond_refined 'X-RAY DIFFRACTION' 14   0.157  0.200  ? ? 
r_mcbond_it              'X-RAY DIFFRACTION' 682  2.288  3.000  ? ? 
r_mcbond_other           'X-RAY DIFFRACTION' 248  0.480  3.000  ? ? 
r_mcangle_it             'X-RAY DIFFRACTION' 1026 2.966  5.000  ? ? 
r_scbond_it              'X-RAY DIFFRACTION' 459  4.977  8.000  ? ? 
r_scangle_it             'X-RAY DIFFRACTION' 391  7.342  11.000 ? ? 
# 
_refine_ls_shell.d_res_high                       1.590 
_refine_ls_shell.d_res_low                        1.631 
_refine_ls_shell.pdbx_total_number_of_bins_used   20 
_refine_ls_shell.percent_reflns_obs               99.650 
_refine_ls_shell.number_reflns_R_work             1349 
_refine_ls_shell.R_factor_all                     ? 
_refine_ls_shell.R_factor_R_work                  0.250 
_refine_ls_shell.R_factor_R_free                  0.330 
_refine_ls_shell.percent_reflns_R_free            ? 
_refine_ls_shell.number_reflns_R_free             62 
_refine_ls_shell.R_factor_R_free_error            ? 
_refine_ls_shell.number_reflns_all                1411 
_refine_ls_shell.number_reflns_obs                ? 
_refine_ls_shell.redundancy_reflns_obs            ? 
_refine_ls_shell.pdbx_refine_id                   'X-RAY DIFFRACTION' 
# 
_struct.entry_id                  3F43 
_struct.title                     
'Crystal structure of a putative anti-sigma factor antagonist (tm1081) from thermotoga maritima at 1.59 A resolution' 
_struct.pdbx_model_details        ? 
_struct.pdbx_CASP_flag            ? 
_struct.pdbx_model_type_details   ? 
# 
_struct_keywords.text            
;Stas domain, spoiiaa-like fold, structural genomics, Joint Center for Structural Genomics, JCSG, Protein Structure Initiative, PSI-2, transcription
;
_struct_keywords.pdbx_keywords   TRANSCRIPTION 
_struct_keywords.entry_id        3F43 
# 
loop_
_struct_asym.id 
_struct_asym.pdbx_blank_PDB_chainid_flag 
_struct_asym.pdbx_modified 
_struct_asym.entity_id 
_struct_asym.details 
A N N 1 ? 
B N N 2 ? 
C N N 2 ? 
D N N 2 ? 
E N N 3 ? 
F N N 4 ? 
G N N 5 ? 
# 
_struct_ref.id                         1 
_struct_ref.db_name                    UNP 
_struct_ref.db_code                    Y1081_THEMA 
_struct_ref.pdbx_db_accession          Q9X0H0 
_struct_ref.entity_id                  1 
_struct_ref.pdbx_seq_one_letter_code   
;MFPYKIVDDVVILMPNKELNIENAHLFKKWVFDEFLNKGYNKIFLVLSDVESIDSFSLGVIVNILKSISSSGGFFALVSP
NEKVERVLSLTNLDRIVKIYDTISEAMEEVRRK
;
_struct_ref.pdbx_align_begin           1 
_struct_ref.pdbx_db_isoform            ? 
# 
_struct_ref_seq.align_id                      1 
_struct_ref_seq.ref_id                        1 
_struct_ref_seq.pdbx_PDB_id_code              3F43 
_struct_ref_seq.pdbx_strand_id                A 
_struct_ref_seq.seq_align_beg                 13 
_struct_ref_seq.pdbx_seq_align_beg_ins_code   ? 
_struct_ref_seq.seq_align_end                 125 
_struct_ref_seq.pdbx_seq_align_end_ins_code   ? 
_struct_ref_seq.pdbx_db_accession             Q9X0H0 
_struct_ref_seq.db_align_beg                  1 
_struct_ref_seq.pdbx_db_align_beg_ins_code    ? 
_struct_ref_seq.db_align_end                  113 
_struct_ref_seq.pdbx_db_align_end_ins_code    ? 
_struct_ref_seq.pdbx_auth_seq_align_beg       1 
_struct_ref_seq.pdbx_auth_seq_align_end       113 
# 
loop_
_struct_ref_seq_dif.align_id 
_struct_ref_seq_dif.pdbx_pdb_id_code 
_struct_ref_seq_dif.mon_id 
_struct_ref_seq_dif.pdbx_pdb_strand_id 
_struct_ref_seq_dif.seq_num 
_struct_ref_seq_dif.pdbx_pdb_ins_code 
_struct_ref_seq_dif.pdbx_seq_db_name 
_struct_ref_seq_dif.pdbx_seq_db_accession_code 
_struct_ref_seq_dif.db_mon_id 
_struct_ref_seq_dif.pdbx_seq_db_seq_num 
_struct_ref_seq_dif.details 
_struct_ref_seq_dif.pdbx_auth_seq_num 
_struct_ref_seq_dif.pdbx_ordinal 
1 3F43 MSE A 1  ? UNP Q9X0H0 ? ? 'expression tag' -11 1  
1 3F43 GLY A 2  ? UNP Q9X0H0 ? ? 'expression tag' -10 2  
1 3F43 SER A 3  ? UNP Q9X0H0 ? ? 'expression tag' -9  3  
1 3F43 ASP A 4  ? UNP Q9X0H0 ? ? 'expression tag' -8  4  
1 3F43 LYS A 5  ? UNP Q9X0H0 ? ? 'expression tag' -7  5  
1 3F43 ILE A 6  ? UNP Q9X0H0 ? ? 'expression tag' -6  6  
1 3F43 HIS A 7  ? UNP Q9X0H0 ? ? 'expression tag' -5  7  
1 3F43 HIS A 8  ? UNP Q9X0H0 ? ? 'expression tag' -4  8  
1 3F43 HIS A 9  ? UNP Q9X0H0 ? ? 'expression tag' -3  9  
1 3F43 HIS A 10 ? UNP Q9X0H0 ? ? 'expression tag' -2  10 
1 3F43 HIS A 11 ? UNP Q9X0H0 ? ? 'expression tag' -1  11 
1 3F43 HIS A 12 ? UNP Q9X0H0 ? ? 'expression tag' 0   12 
# 
_pdbx_struct_assembly.id                   1 
_pdbx_struct_assembly.details              author_and_software_defined_assembly 
_pdbx_struct_assembly.method_details       PISA 
_pdbx_struct_assembly.oligomeric_details   dimeric 
_pdbx_struct_assembly.oligomeric_count     2 
# 
loop_
_pdbx_struct_assembly_prop.biol_id 
_pdbx_struct_assembly_prop.type 
_pdbx_struct_assembly_prop.value 
_pdbx_struct_assembly_prop.details 
1 'ABSA (A^2)' 2940  ? 
1 MORE         -82   ? 
1 'SSA (A^2)'  12130 ? 
# 
_pdbx_struct_assembly_gen.assembly_id       1 
_pdbx_struct_assembly_gen.oper_expression   1,2 
_pdbx_struct_assembly_gen.asym_id_list      A,B,C,D,E,F,G 
# 
loop_
_pdbx_struct_oper_list.id 
_pdbx_struct_oper_list.type 
_pdbx_struct_oper_list.name 
_pdbx_struct_oper_list.symmetry_operation 
_pdbx_struct_oper_list.matrix[1][1] 
_pdbx_struct_oper_list.matrix[1][2] 
_pdbx_struct_oper_list.matrix[1][3] 
_pdbx_struct_oper_list.vector[1] 
_pdbx_struct_oper_list.matrix[2][1] 
_pdbx_struct_oper_list.matrix[2][2] 
_pdbx_struct_oper_list.matrix[2][3] 
_pdbx_struct_oper_list.vector[2] 
_pdbx_struct_oper_list.matrix[3][1] 
_pdbx_struct_oper_list.matrix[3][2] 
_pdbx_struct_oper_list.matrix[3][3] 
_pdbx_struct_oper_list.vector[3] 
1 'identity operation'         1_555 x,y,z  1.0000000000 0.0000000000 0.0000000000  0.0000000000   0.0000000000 1.0000000000  0.0000000000  0.0000000000 0.0000000000  0.0000000000  1.0000000000  0.0000000000   
2 'crystal symmetry operation' 7_555 y,x,-z 0.3766048905 0.8254331867 -0.4205101792 -12.1851502624 0.8254331867 -0.5050577328 -0.2521442860 8.8477493813 -0.4205101792 -0.2521442860 -0.8715471578 -22.5224309547 
# 
_struct_biol.id        1 
_struct_biol.details   ? 
# 
loop_
_struct_conf.conf_type_id 
_struct_conf.id 
_struct_conf.pdbx_PDB_helix_id 
_struct_conf.beg_label_comp_id 
_struct_conf.beg_label_asym_id 
_struct_conf.beg_label_seq_id 
_struct_conf.pdbx_beg_PDB_ins_code 
_struct_conf.end_label_comp_id 
_struct_conf.end_label_asym_id 
_struct_conf.end_label_seq_id 
_struct_conf.pdbx_end_PDB_ins_code 
_struct_conf.beg_auth_comp_id 
_struct_conf.beg_auth_asym_id 
_struct_conf.beg_auth_seq_id 
_struct_conf.end_auth_comp_id 
_struct_conf.end_auth_asym_id 
_struct_conf.end_auth_seq_id 
_struct_conf.pdbx_PDB_helix_class 
_struct_conf.details 
_struct_conf.pdbx_PDB_helix_length 
HELX_P HELX_P1 1 ASN A 35  ? PHE A 47  ? ASN A 23  PHE A 35  1 ? 13 
HELX_P HELX_P2 2 LEU A 48  ? GLY A 51  ? LEU A 36  GLY A 39  5 ? 4  
HELX_P HELX_P3 3 ASP A 66  ? GLY A 84  ? ASP A 54  GLY A 72  1 ? 19 
HELX_P HELX_P4 4 ASN A 93  ? THR A 103 ? ASN A 81  THR A 91  1 ? 11 
HELX_P HELX_P5 5 ASN A 104 ? ILE A 108 ? ASN A 92  ILE A 96  5 ? 5  
HELX_P HELX_P6 6 THR A 114 ? ARG A 124 ? THR A 102 ARG A 112 1 ? 11 
# 
_struct_conf_type.id          HELX_P 
_struct_conf_type.criteria    ? 
_struct_conf_type.reference   ? 
# 
loop_
_struct_conn.id 
_struct_conn.conn_type_id 
_struct_conn.pdbx_leaving_atom_flag 
_struct_conn.pdbx_PDB_id 
_struct_conn.ptnr1_label_asym_id 
_struct_conn.ptnr1_label_comp_id 
_struct_conn.ptnr1_label_seq_id 
_struct_conn.ptnr1_label_atom_id 
_struct_conn.pdbx_ptnr1_label_alt_id 
_struct_conn.pdbx_ptnr1_PDB_ins_code 
_struct_conn.pdbx_ptnr1_standard_comp_id 
_struct_conn.ptnr1_symmetry 
_struct_conn.ptnr2_label_asym_id 
_struct_conn.ptnr2_label_comp_id 
_struct_conn.ptnr2_label_seq_id 
_struct_conn.ptnr2_label_atom_id 
_struct_conn.pdbx_ptnr2_label_alt_id 
_struct_conn.pdbx_ptnr2_PDB_ins_code 
_struct_conn.ptnr1_auth_asym_id 
_struct_conn.ptnr1_auth_comp_id 
_struct_conn.ptnr1_auth_seq_id 
_struct_conn.ptnr2_auth_asym_id 
_struct_conn.ptnr2_auth_comp_id 
_struct_conn.ptnr2_auth_seq_id 
_struct_conn.ptnr2_symmetry 
_struct_conn.pdbx_ptnr3_label_atom_id 
_struct_conn.pdbx_ptnr3_label_seq_id 
_struct_conn.pdbx_ptnr3_label_comp_id 
_struct_conn.pdbx_ptnr3_label_asym_id 
_struct_conn.pdbx_ptnr3_label_alt_id 
_struct_conn.pdbx_ptnr3_PDB_ins_code 
_struct_conn.details 
_struct_conn.pdbx_dist_value 
_struct_conn.pdbx_value_order 
_struct_conn.pdbx_role 
covale1  covale both ? A HIS 12  C ? ? ? 1_555 A MSE 13  N A ? A HIS 0   A MSE 1   1_555 ? ? ? ? ? ? ? 1.318 ? ? 
covale2  covale both ? A HIS 12  C ? ? ? 1_555 A MSE 13  N B ? A HIS 0   A MSE 1   1_555 ? ? ? ? ? ? ? 1.327 ? ? 
covale3  covale both ? A MSE 13  C A ? ? 1_555 A PHE 14  N ? ? A MSE 1   A PHE 2   1_555 ? ? ? ? ? ? ? 1.337 ? ? 
covale4  covale both ? A MSE 13  C B ? ? 1_555 A PHE 14  N ? ? A MSE 1   A PHE 2   1_555 ? ? ? ? ? ? ? 1.333 ? ? 
covale5  covale both ? A LEU 25  C ? ? ? 1_555 A MSE 26  N ? ? A LEU 13  A MSE 14  1_555 ? ? ? ? ? ? ? 1.323 ? ? 
covale6  covale both ? A MSE 26  C ? ? ? 1_555 A PRO 27  N ? ? A MSE 14  A PRO 15  1_555 ? ? ? ? ? ? ? 1.355 ? ? 
covale7  covale both ? A ALA 118 C ? ? ? 1_555 A MSE 119 N A ? A ALA 106 A MSE 107 1_555 ? ? ? ? ? ? ? 1.325 ? ? 
covale8  covale both ? A ALA 118 C ? ? ? 1_555 A MSE 119 N B ? A ALA 106 A MSE 107 1_555 ? ? ? ? ? ? ? 1.326 ? ? 
covale9  covale both ? A MSE 119 C A ? ? 1_555 A GLU 120 N ? ? A MSE 107 A GLU 108 1_555 ? ? ? ? ? ? ? 1.325 ? ? 
covale10 covale both ? A MSE 119 C B ? ? 1_555 A GLU 120 N ? ? A MSE 107 A GLU 108 1_555 ? ? ? ? ? ? ? 1.329 ? ? 
# 
_struct_conn_type.id          covale 
_struct_conn_type.criteria    ? 
_struct_conn_type.reference   ? 
# 
loop_
_pdbx_modification_feature.ordinal 
_pdbx_modification_feature.label_comp_id 
_pdbx_modification_feature.label_asym_id 
_pdbx_modification_feature.label_seq_id 
_pdbx_modification_feature.label_alt_id 
_pdbx_modification_feature.modified_residue_label_comp_id 
_pdbx_modification_feature.modified_residue_label_asym_id 
_pdbx_modification_feature.modified_residue_label_seq_id 
_pdbx_modification_feature.modified_residue_label_alt_id 
_pdbx_modification_feature.auth_comp_id 
_pdbx_modification_feature.auth_asym_id 
_pdbx_modification_feature.auth_seq_id 
_pdbx_modification_feature.PDB_ins_code 
_pdbx_modification_feature.symmetry 
_pdbx_modification_feature.modified_residue_auth_comp_id 
_pdbx_modification_feature.modified_residue_auth_asym_id 
_pdbx_modification_feature.modified_residue_auth_seq_id 
_pdbx_modification_feature.modified_residue_PDB_ins_code 
_pdbx_modification_feature.modified_residue_symmetry 
_pdbx_modification_feature.comp_id_linking_atom 
_pdbx_modification_feature.modified_residue_id_linking_atom 
_pdbx_modification_feature.modified_residue_id 
_pdbx_modification_feature.ref_pcm_id 
_pdbx_modification_feature.ref_comp_id 
_pdbx_modification_feature.type 
_pdbx_modification_feature.category 
1 MSE A 13  A . . . . MSE A 1   ? 1_555 . . . . . . . MET 1 MSE Selenomethionine 'Named protein modification' 
2 MSE A 13  B . . . . MSE A 1   ? 1_555 . . . . . . . MET 1 MSE Selenomethionine 'Named protein modification' 
3 MSE A 26  ? . . . . MSE A 14  ? 1_555 . . . . . . . MET 1 MSE Selenomethionine 'Named protein modification' 
4 MSE A 119 A . . . . MSE A 107 ? 1_555 . . . . . . . MET 1 MSE Selenomethionine 'Named protein modification' 
5 MSE A 119 B . . . . MSE A 107 ? 1_555 . . . . . . . MET 1 MSE Selenomethionine 'Named protein modification' 
# 
_struct_sheet.id               A 
_struct_sheet.type             ? 
_struct_sheet.number_strands   5 
_struct_sheet.details          ? 
# 
loop_
_struct_sheet_order.sheet_id 
_struct_sheet_order.range_id_1 
_struct_sheet_order.range_id_2 
_struct_sheet_order.offset 
_struct_sheet_order.sense 
A 1 2 ? anti-parallel 
A 2 3 ? parallel      
A 3 4 ? parallel      
A 4 5 ? parallel      
# 
loop_
_struct_sheet_range.sheet_id 
_struct_sheet_range.id 
_struct_sheet_range.beg_label_comp_id 
_struct_sheet_range.beg_label_asym_id 
_struct_sheet_range.beg_label_seq_id 
_struct_sheet_range.pdbx_beg_PDB_ins_code 
_struct_sheet_range.end_label_comp_id 
_struct_sheet_range.end_label_asym_id 
_struct_sheet_range.end_label_seq_id 
_struct_sheet_range.pdbx_end_PDB_ins_code 
_struct_sheet_range.beg_auth_comp_id 
_struct_sheet_range.beg_auth_asym_id 
_struct_sheet_range.beg_auth_seq_id 
_struct_sheet_range.end_auth_comp_id 
_struct_sheet_range.end_auth_asym_id 
_struct_sheet_range.end_auth_seq_id 
A 1 TYR A 16  ? VAL A 19  ? TYR A 4  VAL A 7   
A 2 VAL A 22  ? LEU A 25  ? VAL A 10 LEU A 13  
A 3 LYS A 54  ? VAL A 58  ? LYS A 42 VAL A 46  
A 4 PHE A 86  ? VAL A 90  ? PHE A 74 VAL A 78  
A 5 LYS A 110 ? TYR A 112 ? LYS A 98 TYR A 100 
# 
loop_
_pdbx_struct_sheet_hbond.sheet_id 
_pdbx_struct_sheet_hbond.range_id_1 
_pdbx_struct_sheet_hbond.range_id_2 
_pdbx_struct_sheet_hbond.range_1_label_atom_id 
_pdbx_struct_sheet_hbond.range_1_label_comp_id 
_pdbx_struct_sheet_hbond.range_1_label_asym_id 
_pdbx_struct_sheet_hbond.range_1_label_seq_id 
_pdbx_struct_sheet_hbond.range_1_PDB_ins_code 
_pdbx_struct_sheet_hbond.range_1_auth_atom_id 
_pdbx_struct_sheet_hbond.range_1_auth_comp_id 
_pdbx_struct_sheet_hbond.range_1_auth_asym_id 
_pdbx_struct_sheet_hbond.range_1_auth_seq_id 
_pdbx_struct_sheet_hbond.range_2_label_atom_id 
_pdbx_struct_sheet_hbond.range_2_label_comp_id 
_pdbx_struct_sheet_hbond.range_2_label_asym_id 
_pdbx_struct_sheet_hbond.range_2_label_seq_id 
_pdbx_struct_sheet_hbond.range_2_PDB_ins_code 
_pdbx_struct_sheet_hbond.range_2_auth_atom_id 
_pdbx_struct_sheet_hbond.range_2_auth_comp_id 
_pdbx_struct_sheet_hbond.range_2_auth_asym_id 
_pdbx_struct_sheet_hbond.range_2_auth_seq_id 
A 1 2 N LYS A 17 ? N LYS A 5  O ILE A 24  ? O ILE A 12 
A 2 3 N LEU A 25 ? N LEU A 13 O PHE A 56  ? O PHE A 44 
A 3 4 N LEU A 57 ? N LEU A 45 O ALA A 88  ? O ALA A 76 
A 4 5 N LEU A 89 ? N LEU A 77 O LYS A 110 ? O LYS A 98 
# 
loop_
_struct_site.id 
_struct_site.pdbx_evidence_code 
_struct_site.pdbx_auth_asym_id 
_struct_site.pdbx_auth_comp_id 
_struct_site.pdbx_auth_seq_id 
_struct_site.pdbx_auth_ins_code 
_struct_site.pdbx_num_residues 
_struct_site.details 
AC1 Software A CL  114 ? 4 'BINDING SITE FOR RESIDUE CL A 114'  
AC2 Software A CL  115 ? 3 'BINDING SITE FOR RESIDUE CL A 115'  
AC3 Software A CL  116 ? 7 'BINDING SITE FOR RESIDUE CL A 116'  
AC4 Software A 1PE 117 ? 6 'BINDING SITE FOR RESIDUE 1PE A 117' 
AC5 Software A PEG 118 ? 3 'BINDING SITE FOR RESIDUE PEG A 118' 
# 
loop_
_struct_site_gen.id 
_struct_site_gen.site_id 
_struct_site_gen.pdbx_num_res 
_struct_site_gen.label_comp_id 
_struct_site_gen.label_asym_id 
_struct_site_gen.label_seq_id 
_struct_site_gen.pdbx_auth_ins_code 
_struct_site_gen.auth_comp_id 
_struct_site_gen.auth_asym_id 
_struct_site_gen.auth_seq_id 
_struct_site_gen.label_atom_id 
_struct_site_gen.label_alt_id 
_struct_site_gen.symmetry 
_struct_site_gen.details 
1  AC1 4 HIS A 37  ? HIS A 25  . ? 1_555 ? 
2  AC1 4 LYS A 78  ? LYS A 66  . ? 7_555 ? 
3  AC1 4 HOH G .   ? HOH A 140 . ? 7_555 ? 
4  AC1 4 HOH G .   ? HOH A 234 . ? 1_555 ? 
5  AC2 3 LYS A 40  ? LYS A 28  . ? 1_555 ? 
6  AC2 3 HOH G .   ? HOH A 212 . ? 1_555 ? 
7  AC2 3 HOH G .   ? HOH A 217 . ? 1_555 ? 
8  AC3 7 HIS A 37  ? HIS A 25  . ? 7_555 ? 
9  AC3 7 PHE A 68  ? PHE A 56  . ? 7_555 ? 
10 AC3 7 LYS A 78  ? LYS A 66  . ? 1_555 ? 
11 AC3 7 1PE E .   ? 1PE A 117 . ? 4_454 ? 
12 AC3 7 HOH G .   ? HOH A 139 . ? 7_555 ? 
13 AC3 7 HOH G .   ? HOH A 140 . ? 1_555 ? 
14 AC3 7 HOH G .   ? HOH A 193 . ? 1_555 ? 
15 AC4 6 LYS A 17  ? LYS A 5   . ? 1_555 ? 
16 AC4 6 VAL A 19  ? VAL A 7   . ? 1_555 ? 
17 AC4 6 MSE A 26  ? MSE A 14  . ? 1_555 ? 
18 AC4 6 ILE A 33  ? ILE A 21  . ? 5_555 ? 
19 AC4 6 SER A 81  ? SER A 69  . ? 3_555 ? 
20 AC4 6 CL  D .   ? CL  A 116 . ? 3_555 ? 
21 AC5 3 ARG A 107 ? ARG A 95  . ? 1_555 ? 
22 AC5 3 LYS A 110 ? LYS A 98  . ? 1_555 ? 
23 AC5 3 HOH G .   ? HOH A 196 . ? 1_555 ? 
# 
_pdbx_entry_details.entry_id                   3F43 
_pdbx_entry_details.compound_details           ? 
_pdbx_entry_details.source_details             ? 
_pdbx_entry_details.nonpolymer_details         ? 
_pdbx_entry_details.sequence_details           'THE CONSTRUCT WAS EXPRESSED WITH A PURIFICATION TAG MGSDKIHHHHHH.' 
_pdbx_entry_details.has_ligand_of_interest     ? 
_pdbx_entry_details.has_protein_modification   Y 
# 
loop_
_pdbx_validate_close_contact.id 
_pdbx_validate_close_contact.PDB_model_num 
_pdbx_validate_close_contact.auth_atom_id_1 
_pdbx_validate_close_contact.auth_asym_id_1 
_pdbx_validate_close_contact.auth_comp_id_1 
_pdbx_validate_close_contact.auth_seq_id_1 
_pdbx_validate_close_contact.PDB_ins_code_1 
_pdbx_validate_close_contact.label_alt_id_1 
_pdbx_validate_close_contact.auth_atom_id_2 
_pdbx_validate_close_contact.auth_asym_id_2 
_pdbx_validate_close_contact.auth_comp_id_2 
_pdbx_validate_close_contact.auth_seq_id_2 
_pdbx_validate_close_contact.PDB_ins_code_2 
_pdbx_validate_close_contact.label_alt_id_2 
_pdbx_validate_close_contact.dist 
1 1 ND2 A ASN 63 ? ? O A HOH 137 ? ? 2.19 
2 1 OE2 A GLU 18 ? ? O A SER 52  ? ? 2.19 
# 
loop_
_pdbx_validate_torsion.id 
_pdbx_validate_torsion.PDB_model_num 
_pdbx_validate_torsion.auth_comp_id 
_pdbx_validate_torsion.auth_asym_id 
_pdbx_validate_torsion.auth_seq_id 
_pdbx_validate_torsion.PDB_ins_code 
_pdbx_validate_torsion.label_alt_id 
_pdbx_validate_torsion.phi 
_pdbx_validate_torsion.psi 
1 1 HIS A 0  ? ? -104.94 47.73  
2 1 HIS A 0  ? ? -104.94 48.13  
3 1 PHE A 35 ? ? -120.85 -68.41 
# 
_pdbx_SG_project.project_name          'PSI, Protein Structure Initiative' 
_pdbx_SG_project.full_name_of_center   'Joint Center for Structural Genomics' 
_pdbx_SG_project.id                    1 
_pdbx_SG_project.initial_of_center     JCSG 
# 
loop_
_pdbx_struct_mod_residue.id 
_pdbx_struct_mod_residue.label_asym_id 
_pdbx_struct_mod_residue.label_comp_id 
_pdbx_struct_mod_residue.label_seq_id 
_pdbx_struct_mod_residue.auth_asym_id 
_pdbx_struct_mod_residue.auth_comp_id 
_pdbx_struct_mod_residue.auth_seq_id 
_pdbx_struct_mod_residue.PDB_ins_code 
_pdbx_struct_mod_residue.parent_comp_id 
_pdbx_struct_mod_residue.details 
1 A MSE 13  A MSE 1   ? MET SELENOMETHIONINE 
2 A MSE 26  A MSE 14  ? MET SELENOMETHIONINE 
3 A MSE 119 A MSE 107 ? MET SELENOMETHIONINE 
# 
_pdbx_refine_tls.id               1 
_pdbx_refine_tls.details          ? 
_pdbx_refine_tls.method           refined 
_pdbx_refine_tls.origin_x         -0.1826 
_pdbx_refine_tls.origin_y         0.5873 
_pdbx_refine_tls.origin_z         0.3391 
_pdbx_refine_tls.T[1][1]          -0.0697 
_pdbx_refine_tls.T[2][2]          -0.0705 
_pdbx_refine_tls.T[3][3]          -0.0721 
_pdbx_refine_tls.T[1][2]          -0.0056 
_pdbx_refine_tls.T[1][3]          0.0192 
_pdbx_refine_tls.T[2][3]          -0.0149 
_pdbx_refine_tls.L[1][1]          1.1643 
_pdbx_refine_tls.L[2][2]          1.3602 
_pdbx_refine_tls.L[3][3]          3.3230 
_pdbx_refine_tls.L[1][2]          0.3207 
_pdbx_refine_tls.L[1][3]          0.5433 
_pdbx_refine_tls.L[2][3]          -0.5341 
_pdbx_refine_tls.S[1][1]          0.0619 
_pdbx_refine_tls.S[2][2]          0.0697 
_pdbx_refine_tls.S[3][3]          -0.1317 
_pdbx_refine_tls.S[1][2]          -0.0955 
_pdbx_refine_tls.S[1][3]          -0.1064 
_pdbx_refine_tls.S[2][3]          -0.0121 
_pdbx_refine_tls.S[2][1]          0.0813 
_pdbx_refine_tls.S[3][1]          0.0538 
_pdbx_refine_tls.S[3][2]          0.0976 
_pdbx_refine_tls.pdbx_refine_id   'X-RAY DIFFRACTION' 
# 
_pdbx_refine_tls_group.beg_auth_seq_id     -4 
_pdbx_refine_tls_group.id                  1 
_pdbx_refine_tls_group.refine_tls_id       1 
_pdbx_refine_tls_group.beg_auth_asym_id    A 
_pdbx_refine_tls_group.end_auth_asym_id    A 
_pdbx_refine_tls_group.end_auth_seq_id     112 
_pdbx_refine_tls_group.beg_label_asym_id   . 
_pdbx_refine_tls_group.beg_label_seq_id    . 
_pdbx_refine_tls_group.end_label_asym_id   . 
_pdbx_refine_tls_group.end_label_seq_id    . 
_pdbx_refine_tls_group.pdbx_refine_id      'X-RAY DIFFRACTION' 
_pdbx_refine_tls_group.selection_details   ? 
_pdbx_refine_tls_group.selection           ? 
# 
_phasing.method   MAD 
# 
loop_
_pdbx_unobs_or_zero_occ_residues.id 
_pdbx_unobs_or_zero_occ_residues.PDB_model_num 
_pdbx_unobs_or_zero_occ_residues.polymer_flag 
_pdbx_unobs_or_zero_occ_residues.occupancy_flag 
_pdbx_unobs_or_zero_occ_residues.auth_asym_id 
_pdbx_unobs_or_zero_occ_residues.auth_comp_id 
_pdbx_unobs_or_zero_occ_residues.auth_seq_id 
_pdbx_unobs_or_zero_occ_residues.PDB_ins_code 
_pdbx_unobs_or_zero_occ_residues.label_asym_id 
_pdbx_unobs_or_zero_occ_residues.label_comp_id 
_pdbx_unobs_or_zero_occ_residues.label_seq_id 
1 1 Y 1 A MSE -11 ? A MSE 1   
2 1 Y 1 A GLY -10 ? A GLY 2   
3 1 Y 1 A SER -9  ? A SER 3   
4 1 Y 1 A ASP -8  ? A ASP 4   
5 1 Y 1 A LYS -7  ? A LYS 5   
6 1 Y 1 A ILE -6  ? A ILE 6   
7 1 Y 1 A HIS -5  ? A HIS 7   
8 1 Y 1 A LYS 113 ? A LYS 125 
# 
loop_
_chem_comp_atom.comp_id 
_chem_comp_atom.atom_id 
_chem_comp_atom.type_symbol 
_chem_comp_atom.pdbx_aromatic_flag 
_chem_comp_atom.pdbx_stereo_config 
_chem_comp_atom.pdbx_ordinal 
1PE OH2  O  N N 1   
1PE C12  C  N N 2   
1PE C22  C  N N 3   
1PE OH3  O  N N 4   
1PE C13  C  N N 5   
1PE C23  C  N N 6   
1PE OH4  O  N N 7   
1PE C14  C  N N 8   
1PE C24  C  N N 9   
1PE OH5  O  N N 10  
1PE C15  C  N N 11  
1PE C25  C  N N 12  
1PE OH6  O  N N 13  
1PE C16  C  N N 14  
1PE C26  C  N N 15  
1PE OH7  O  N N 16  
1PE HO2  H  N N 17  
1PE H121 H  N N 18  
1PE H122 H  N N 19  
1PE H221 H  N N 20  
1PE H222 H  N N 21  
1PE H131 H  N N 22  
1PE H132 H  N N 23  
1PE H231 H  N N 24  
1PE H232 H  N N 25  
1PE H141 H  N N 26  
1PE H142 H  N N 27  
1PE H241 H  N N 28  
1PE H242 H  N N 29  
1PE H151 H  N N 30  
1PE H152 H  N N 31  
1PE H251 H  N N 32  
1PE H252 H  N N 33  
1PE H161 H  N N 34  
1PE H162 H  N N 35  
1PE H261 H  N N 36  
1PE H262 H  N N 37  
1PE HO7  H  N N 38  
ALA N    N  N N 39  
ALA CA   C  N S 40  
ALA C    C  N N 41  
ALA O    O  N N 42  
ALA CB   C  N N 43  
ALA OXT  O  N N 44  
ALA H    H  N N 45  
ALA H2   H  N N 46  
ALA HA   H  N N 47  
ALA HB1  H  N N 48  
ALA HB2  H  N N 49  
ALA HB3  H  N N 50  
ALA HXT  H  N N 51  
ARG N    N  N N 52  
ARG CA   C  N S 53  
ARG C    C  N N 54  
ARG O    O  N N 55  
ARG CB   C  N N 56  
ARG CG   C  N N 57  
ARG CD   C  N N 58  
ARG NE   N  N N 59  
ARG CZ   C  N N 60  
ARG NH1  N  N N 61  
ARG NH2  N  N N 62  
ARG OXT  O  N N 63  
ARG H    H  N N 64  
ARG H2   H  N N 65  
ARG HA   H  N N 66  
ARG HB2  H  N N 67  
ARG HB3  H  N N 68  
ARG HG2  H  N N 69  
ARG HG3  H  N N 70  
ARG HD2  H  N N 71  
ARG HD3  H  N N 72  
ARG HE   H  N N 73  
ARG HH11 H  N N 74  
ARG HH12 H  N N 75  
ARG HH21 H  N N 76  
ARG HH22 H  N N 77  
ARG HXT  H  N N 78  
ASN N    N  N N 79  
ASN CA   C  N S 80  
ASN C    C  N N 81  
ASN O    O  N N 82  
ASN CB   C  N N 83  
ASN CG   C  N N 84  
ASN OD1  O  N N 85  
ASN ND2  N  N N 86  
ASN OXT  O  N N 87  
ASN H    H  N N 88  
ASN H2   H  N N 89  
ASN HA   H  N N 90  
ASN HB2  H  N N 91  
ASN HB3  H  N N 92  
ASN HD21 H  N N 93  
ASN HD22 H  N N 94  
ASN HXT  H  N N 95  
ASP N    N  N N 96  
ASP CA   C  N S 97  
ASP C    C  N N 98  
ASP O    O  N N 99  
ASP CB   C  N N 100 
ASP CG   C  N N 101 
ASP OD1  O  N N 102 
ASP OD2  O  N N 103 
ASP OXT  O  N N 104 
ASP H    H  N N 105 
ASP H2   H  N N 106 
ASP HA   H  N N 107 
ASP HB2  H  N N 108 
ASP HB3  H  N N 109 
ASP HD2  H  N N 110 
ASP HXT  H  N N 111 
CL  CL   CL N N 112 
GLU N    N  N N 113 
GLU CA   C  N S 114 
GLU C    C  N N 115 
GLU O    O  N N 116 
GLU CB   C  N N 117 
GLU CG   C  N N 118 
GLU CD   C  N N 119 
GLU OE1  O  N N 120 
GLU OE2  O  N N 121 
GLU OXT  O  N N 122 
GLU H    H  N N 123 
GLU H2   H  N N 124 
GLU HA   H  N N 125 
GLU HB2  H  N N 126 
GLU HB3  H  N N 127 
GLU HG2  H  N N 128 
GLU HG3  H  N N 129 
GLU HE2  H  N N 130 
GLU HXT  H  N N 131 
GLY N    N  N N 132 
GLY CA   C  N N 133 
GLY C    C  N N 134 
GLY O    O  N N 135 
GLY OXT  O  N N 136 
GLY H    H  N N 137 
GLY H2   H  N N 138 
GLY HA2  H  N N 139 
GLY HA3  H  N N 140 
GLY HXT  H  N N 141 
HIS N    N  N N 142 
HIS CA   C  N S 143 
HIS C    C  N N 144 
HIS O    O  N N 145 
HIS CB   C  N N 146 
HIS CG   C  Y N 147 
HIS ND1  N  Y N 148 
HIS CD2  C  Y N 149 
HIS CE1  C  Y N 150 
HIS NE2  N  Y N 151 
HIS OXT  O  N N 152 
HIS H    H  N N 153 
HIS H2   H  N N 154 
HIS HA   H  N N 155 
HIS HB2  H  N N 156 
HIS HB3  H  N N 157 
HIS HD1  H  N N 158 
HIS HD2  H  N N 159 
HIS HE1  H  N N 160 
HIS HE2  H  N N 161 
HIS HXT  H  N N 162 
HOH O    O  N N 163 
HOH H1   H  N N 164 
HOH H2   H  N N 165 
ILE N    N  N N 166 
ILE CA   C  N S 167 
ILE C    C  N N 168 
ILE O    O  N N 169 
ILE CB   C  N S 170 
ILE CG1  C  N N 171 
ILE CG2  C  N N 172 
ILE CD1  C  N N 173 
ILE OXT  O  N N 174 
ILE H    H  N N 175 
ILE H2   H  N N 176 
ILE HA   H  N N 177 
ILE HB   H  N N 178 
ILE HG12 H  N N 179 
ILE HG13 H  N N 180 
ILE HG21 H  N N 181 
ILE HG22 H  N N 182 
ILE HG23 H  N N 183 
ILE HD11 H  N N 184 
ILE HD12 H  N N 185 
ILE HD13 H  N N 186 
ILE HXT  H  N N 187 
LEU N    N  N N 188 
LEU CA   C  N S 189 
LEU C    C  N N 190 
LEU O    O  N N 191 
LEU CB   C  N N 192 
LEU CG   C  N N 193 
LEU CD1  C  N N 194 
LEU CD2  C  N N 195 
LEU OXT  O  N N 196 
LEU H    H  N N 197 
LEU H2   H  N N 198 
LEU HA   H  N N 199 
LEU HB2  H  N N 200 
LEU HB3  H  N N 201 
LEU HG   H  N N 202 
LEU HD11 H  N N 203 
LEU HD12 H  N N 204 
LEU HD13 H  N N 205 
LEU HD21 H  N N 206 
LEU HD22 H  N N 207 
LEU HD23 H  N N 208 
LEU HXT  H  N N 209 
LYS N    N  N N 210 
LYS CA   C  N S 211 
LYS C    C  N N 212 
LYS O    O  N N 213 
LYS CB   C  N N 214 
LYS CG   C  N N 215 
LYS CD   C  N N 216 
LYS CE   C  N N 217 
LYS NZ   N  N N 218 
LYS OXT  O  N N 219 
LYS H    H  N N 220 
LYS H2   H  N N 221 
LYS HA   H  N N 222 
LYS HB2  H  N N 223 
LYS HB3  H  N N 224 
LYS HG2  H  N N 225 
LYS HG3  H  N N 226 
LYS HD2  H  N N 227 
LYS HD3  H  N N 228 
LYS HE2  H  N N 229 
LYS HE3  H  N N 230 
LYS HZ1  H  N N 231 
LYS HZ2  H  N N 232 
LYS HZ3  H  N N 233 
LYS HXT  H  N N 234 
MSE N    N  N N 235 
MSE CA   C  N S 236 
MSE C    C  N N 237 
MSE O    O  N N 238 
MSE OXT  O  N N 239 
MSE CB   C  N N 240 
MSE CG   C  N N 241 
MSE SE   SE N N 242 
MSE CE   C  N N 243 
MSE H    H  N N 244 
MSE H2   H  N N 245 
MSE HA   H  N N 246 
MSE HXT  H  N N 247 
MSE HB2  H  N N 248 
MSE HB3  H  N N 249 
MSE HG2  H  N N 250 
MSE HG3  H  N N 251 
MSE HE1  H  N N 252 
MSE HE2  H  N N 253 
MSE HE3  H  N N 254 
PEG C1   C  N N 255 
PEG O1   O  N N 256 
PEG C2   C  N N 257 
PEG O2   O  N N 258 
PEG C3   C  N N 259 
PEG C4   C  N N 260 
PEG O4   O  N N 261 
PEG H11  H  N N 262 
PEG H12  H  N N 263 
PEG HO1  H  N N 264 
PEG H21  H  N N 265 
PEG H22  H  N N 266 
PEG H31  H  N N 267 
PEG H32  H  N N 268 
PEG H41  H  N N 269 
PEG H42  H  N N 270 
PEG HO4  H  N N 271 
PHE N    N  N N 272 
PHE CA   C  N S 273 
PHE C    C  N N 274 
PHE O    O  N N 275 
PHE CB   C  N N 276 
PHE CG   C  Y N 277 
PHE CD1  C  Y N 278 
PHE CD2  C  Y N 279 
PHE CE1  C  Y N 280 
PHE CE2  C  Y N 281 
PHE CZ   C  Y N 282 
PHE OXT  O  N N 283 
PHE H    H  N N 284 
PHE H2   H  N N 285 
PHE HA   H  N N 286 
PHE HB2  H  N N 287 
PHE HB3  H  N N 288 
PHE HD1  H  N N 289 
PHE HD2  H  N N 290 
PHE HE1  H  N N 291 
PHE HE2  H  N N 292 
PHE HZ   H  N N 293 
PHE HXT  H  N N 294 
PRO N    N  N N 295 
PRO CA   C  N S 296 
PRO C    C  N N 297 
PRO O    O  N N 298 
PRO CB   C  N N 299 
PRO CG   C  N N 300 
PRO CD   C  N N 301 
PRO OXT  O  N N 302 
PRO H    H  N N 303 
PRO HA   H  N N 304 
PRO HB2  H  N N 305 
PRO HB3  H  N N 306 
PRO HG2  H  N N 307 
PRO HG3  H  N N 308 
PRO HD2  H  N N 309 
PRO HD3  H  N N 310 
PRO HXT  H  N N 311 
SER N    N  N N 312 
SER CA   C  N S 313 
SER C    C  N N 314 
SER O    O  N N 315 
SER CB   C  N N 316 
SER OG   O  N N 317 
SER OXT  O  N N 318 
SER H    H  N N 319 
SER H2   H  N N 320 
SER HA   H  N N 321 
SER HB2  H  N N 322 
SER HB3  H  N N 323 
SER HG   H  N N 324 
SER HXT  H  N N 325 
THR N    N  N N 326 
THR CA   C  N S 327 
THR C    C  N N 328 
THR O    O  N N 329 
THR CB   C  N R 330 
THR OG1  O  N N 331 
THR CG2  C  N N 332 
THR OXT  O  N N 333 
THR H    H  N N 334 
THR H2   H  N N 335 
THR HA   H  N N 336 
THR HB   H  N N 337 
THR HG1  H  N N 338 
THR HG21 H  N N 339 
THR HG22 H  N N 340 
THR HG23 H  N N 341 
THR HXT  H  N N 342 
TRP N    N  N N 343 
TRP CA   C  N S 344 
TRP C    C  N N 345 
TRP O    O  N N 346 
TRP CB   C  N N 347 
TRP CG   C  Y N 348 
TRP CD1  C  Y N 349 
TRP CD2  C  Y N 350 
TRP NE1  N  Y N 351 
TRP CE2  C  Y N 352 
TRP CE3  C  Y N 353 
TRP CZ2  C  Y N 354 
TRP CZ3  C  Y N 355 
TRP CH2  C  Y N 356 
TRP OXT  O  N N 357 
TRP H    H  N N 358 
TRP H2   H  N N 359 
TRP HA   H  N N 360 
TRP HB2  H  N N 361 
TRP HB3  H  N N 362 
TRP HD1  H  N N 363 
TRP HE1  H  N N 364 
TRP HE3  H  N N 365 
TRP HZ2  H  N N 366 
TRP HZ3  H  N N 367 
TRP HH2  H  N N 368 
TRP HXT  H  N N 369 
TYR N    N  N N 370 
TYR CA   C  N S 371 
TYR C    C  N N 372 
TYR O    O  N N 373 
TYR CB   C  N N 374 
TYR CG   C  Y N 375 
TYR CD1  C  Y N 376 
TYR CD2  C  Y N 377 
TYR CE1  C  Y N 378 
TYR CE2  C  Y N 379 
TYR CZ   C  Y N 380 
TYR OH   O  N N 381 
TYR OXT  O  N N 382 
TYR H    H  N N 383 
TYR H2   H  N N 384 
TYR HA   H  N N 385 
TYR HB2  H  N N 386 
TYR HB3  H  N N 387 
TYR HD1  H  N N 388 
TYR HD2  H  N N 389 
TYR HE1  H  N N 390 
TYR HE2  H  N N 391 
TYR HH   H  N N 392 
TYR HXT  H  N N 393 
VAL N    N  N N 394 
VAL CA   C  N S 395 
VAL C    C  N N 396 
VAL O    O  N N 397 
VAL CB   C  N N 398 
VAL CG1  C  N N 399 
VAL CG2  C  N N 400 
VAL OXT  O  N N 401 
VAL H    H  N N 402 
VAL H2   H  N N 403 
VAL HA   H  N N 404 
VAL HB   H  N N 405 
VAL HG11 H  N N 406 
VAL HG12 H  N N 407 
VAL HG13 H  N N 408 
VAL HG21 H  N N 409 
VAL HG22 H  N N 410 
VAL HG23 H  N N 411 
VAL HXT  H  N N 412 
# 
loop_
_chem_comp_bond.comp_id 
_chem_comp_bond.atom_id_1 
_chem_comp_bond.atom_id_2 
_chem_comp_bond.value_order 
_chem_comp_bond.pdbx_aromatic_flag 
_chem_comp_bond.pdbx_stereo_config 
_chem_comp_bond.pdbx_ordinal 
1PE OH2 C12  sing N N 1   
1PE OH2 HO2  sing N N 2   
1PE C12 C22  sing N N 3   
1PE C12 H121 sing N N 4   
1PE C12 H122 sing N N 5   
1PE C22 OH3  sing N N 6   
1PE C22 H221 sing N N 7   
1PE C22 H222 sing N N 8   
1PE OH3 C23  sing N N 9   
1PE C13 C23  sing N N 10  
1PE C13 OH4  sing N N 11  
1PE C13 H131 sing N N 12  
1PE C13 H132 sing N N 13  
1PE C23 H231 sing N N 14  
1PE C23 H232 sing N N 15  
1PE OH4 C24  sing N N 16  
1PE C14 C24  sing N N 17  
1PE C14 OH5  sing N N 18  
1PE C14 H141 sing N N 19  
1PE C14 H142 sing N N 20  
1PE C24 H241 sing N N 21  
1PE C24 H242 sing N N 22  
1PE OH5 C25  sing N N 23  
1PE C15 C25  sing N N 24  
1PE C15 OH6  sing N N 25  
1PE C15 H151 sing N N 26  
1PE C15 H152 sing N N 27  
1PE C25 H251 sing N N 28  
1PE C25 H252 sing N N 29  
1PE OH6 C26  sing N N 30  
1PE C16 C26  sing N N 31  
1PE C16 OH7  sing N N 32  
1PE C16 H161 sing N N 33  
1PE C16 H162 sing N N 34  
1PE C26 H261 sing N N 35  
1PE C26 H262 sing N N 36  
1PE OH7 HO7  sing N N 37  
ALA N   CA   sing N N 38  
ALA N   H    sing N N 39  
ALA N   H2   sing N N 40  
ALA CA  C    sing N N 41  
ALA CA  CB   sing N N 42  
ALA CA  HA   sing N N 43  
ALA C   O    doub N N 44  
ALA C   OXT  sing N N 45  
ALA CB  HB1  sing N N 46  
ALA CB  HB2  sing N N 47  
ALA CB  HB3  sing N N 48  
ALA OXT HXT  sing N N 49  
ARG N   CA   sing N N 50  
ARG N   H    sing N N 51  
ARG N   H2   sing N N 52  
ARG CA  C    sing N N 53  
ARG CA  CB   sing N N 54  
ARG CA  HA   sing N N 55  
ARG C   O    doub N N 56  
ARG C   OXT  sing N N 57  
ARG CB  CG   sing N N 58  
ARG CB  HB2  sing N N 59  
ARG CB  HB3  sing N N 60  
ARG CG  CD   sing N N 61  
ARG CG  HG2  sing N N 62  
ARG CG  HG3  sing N N 63  
ARG CD  NE   sing N N 64  
ARG CD  HD2  sing N N 65  
ARG CD  HD3  sing N N 66  
ARG NE  CZ   sing N N 67  
ARG NE  HE   sing N N 68  
ARG CZ  NH1  sing N N 69  
ARG CZ  NH2  doub N N 70  
ARG NH1 HH11 sing N N 71  
ARG NH1 HH12 sing N N 72  
ARG NH2 HH21 sing N N 73  
ARG NH2 HH22 sing N N 74  
ARG OXT HXT  sing N N 75  
ASN N   CA   sing N N 76  
ASN N   H    sing N N 77  
ASN N   H2   sing N N 78  
ASN CA  C    sing N N 79  
ASN CA  CB   sing N N 80  
ASN CA  HA   sing N N 81  
ASN C   O    doub N N 82  
ASN C   OXT  sing N N 83  
ASN CB  CG   sing N N 84  
ASN CB  HB2  sing N N 85  
ASN CB  HB3  sing N N 86  
ASN CG  OD1  doub N N 87  
ASN CG  ND2  sing N N 88  
ASN ND2 HD21 sing N N 89  
ASN ND2 HD22 sing N N 90  
ASN OXT HXT  sing N N 91  
ASP N   CA   sing N N 92  
ASP N   H    sing N N 93  
ASP N   H2   sing N N 94  
ASP CA  C    sing N N 95  
ASP CA  CB   sing N N 96  
ASP CA  HA   sing N N 97  
ASP C   O    doub N N 98  
ASP C   OXT  sing N N 99  
ASP CB  CG   sing N N 100 
ASP CB  HB2  sing N N 101 
ASP CB  HB3  sing N N 102 
ASP CG  OD1  doub N N 103 
ASP CG  OD2  sing N N 104 
ASP OD2 HD2  sing N N 105 
ASP OXT HXT  sing N N 106 
GLU N   CA   sing N N 107 
GLU N   H    sing N N 108 
GLU N   H2   sing N N 109 
GLU CA  C    sing N N 110 
GLU CA  CB   sing N N 111 
GLU CA  HA   sing N N 112 
GLU C   O    doub N N 113 
GLU C   OXT  sing N N 114 
GLU CB  CG   sing N N 115 
GLU CB  HB2  sing N N 116 
GLU CB  HB3  sing N N 117 
GLU CG  CD   sing N N 118 
GLU CG  HG2  sing N N 119 
GLU CG  HG3  sing N N 120 
GLU CD  OE1  doub N N 121 
GLU CD  OE2  sing N N 122 
GLU OE2 HE2  sing N N 123 
GLU OXT HXT  sing N N 124 
GLY N   CA   sing N N 125 
GLY N   H    sing N N 126 
GLY N   H2   sing N N 127 
GLY CA  C    sing N N 128 
GLY CA  HA2  sing N N 129 
GLY CA  HA3  sing N N 130 
GLY C   O    doub N N 131 
GLY C   OXT  sing N N 132 
GLY OXT HXT  sing N N 133 
HIS N   CA   sing N N 134 
HIS N   H    sing N N 135 
HIS N   H2   sing N N 136 
HIS CA  C    sing N N 137 
HIS CA  CB   sing N N 138 
HIS CA  HA   sing N N 139 
HIS C   O    doub N N 140 
HIS C   OXT  sing N N 141 
HIS CB  CG   sing N N 142 
HIS CB  HB2  sing N N 143 
HIS CB  HB3  sing N N 144 
HIS CG  ND1  sing Y N 145 
HIS CG  CD2  doub Y N 146 
HIS ND1 CE1  doub Y N 147 
HIS ND1 HD1  sing N N 148 
HIS CD2 NE2  sing Y N 149 
HIS CD2 HD2  sing N N 150 
HIS CE1 NE2  sing Y N 151 
HIS CE1 HE1  sing N N 152 
HIS NE2 HE2  sing N N 153 
HIS OXT HXT  sing N N 154 
HOH O   H1   sing N N 155 
HOH O   H2   sing N N 156 
ILE N   CA   sing N N 157 
ILE N   H    sing N N 158 
ILE N   H2   sing N N 159 
ILE CA  C    sing N N 160 
ILE CA  CB   sing N N 161 
ILE CA  HA   sing N N 162 
ILE C   O    doub N N 163 
ILE C   OXT  sing N N 164 
ILE CB  CG1  sing N N 165 
ILE CB  CG2  sing N N 166 
ILE CB  HB   sing N N 167 
ILE CG1 CD1  sing N N 168 
ILE CG1 HG12 sing N N 169 
ILE CG1 HG13 sing N N 170 
ILE CG2 HG21 sing N N 171 
ILE CG2 HG22 sing N N 172 
ILE CG2 HG23 sing N N 173 
ILE CD1 HD11 sing N N 174 
ILE CD1 HD12 sing N N 175 
ILE CD1 HD13 sing N N 176 
ILE OXT HXT  sing N N 177 
LEU N   CA   sing N N 178 
LEU N   H    sing N N 179 
LEU N   H2   sing N N 180 
LEU CA  C    sing N N 181 
LEU CA  CB   sing N N 182 
LEU CA  HA   sing N N 183 
LEU C   O    doub N N 184 
LEU C   OXT  sing N N 185 
LEU CB  CG   sing N N 186 
LEU CB  HB2  sing N N 187 
LEU CB  HB3  sing N N 188 
LEU CG  CD1  sing N N 189 
LEU CG  CD2  sing N N 190 
LEU CG  HG   sing N N 191 
LEU CD1 HD11 sing N N 192 
LEU CD1 HD12 sing N N 193 
LEU CD1 HD13 sing N N 194 
LEU CD2 HD21 sing N N 195 
LEU CD2 HD22 sing N N 196 
LEU CD2 HD23 sing N N 197 
LEU OXT HXT  sing N N 198 
LYS N   CA   sing N N 199 
LYS N   H    sing N N 200 
LYS N   H2   sing N N 201 
LYS CA  C    sing N N 202 
LYS CA  CB   sing N N 203 
LYS CA  HA   sing N N 204 
LYS C   O    doub N N 205 
LYS C   OXT  sing N N 206 
LYS CB  CG   sing N N 207 
LYS CB  HB2  sing N N 208 
LYS CB  HB3  sing N N 209 
LYS CG  CD   sing N N 210 
LYS CG  HG2  sing N N 211 
LYS CG  HG3  sing N N 212 
LYS CD  CE   sing N N 213 
LYS CD  HD2  sing N N 214 
LYS CD  HD3  sing N N 215 
LYS CE  NZ   sing N N 216 
LYS CE  HE2  sing N N 217 
LYS CE  HE3  sing N N 218 
LYS NZ  HZ1  sing N N 219 
LYS NZ  HZ2  sing N N 220 
LYS NZ  HZ3  sing N N 221 
LYS OXT HXT  sing N N 222 
MSE N   CA   sing N N 223 
MSE N   H    sing N N 224 
MSE N   H2   sing N N 225 
MSE CA  C    sing N N 226 
MSE CA  CB   sing N N 227 
MSE CA  HA   sing N N 228 
MSE C   O    doub N N 229 
MSE C   OXT  sing N N 230 
MSE OXT HXT  sing N N 231 
MSE CB  CG   sing N N 232 
MSE CB  HB2  sing N N 233 
MSE CB  HB3  sing N N 234 
MSE CG  SE   sing N N 235 
MSE CG  HG2  sing N N 236 
MSE CG  HG3  sing N N 237 
MSE SE  CE   sing N N 238 
MSE CE  HE1  sing N N 239 
MSE CE  HE2  sing N N 240 
MSE CE  HE3  sing N N 241 
PEG C1  O1   sing N N 242 
PEG C1  C2   sing N N 243 
PEG C1  H11  sing N N 244 
PEG C1  H12  sing N N 245 
PEG O1  HO1  sing N N 246 
PEG C2  O2   sing N N 247 
PEG C2  H21  sing N N 248 
PEG C2  H22  sing N N 249 
PEG O2  C3   sing N N 250 
PEG C3  C4   sing N N 251 
PEG C3  H31  sing N N 252 
PEG C3  H32  sing N N 253 
PEG C4  O4   sing N N 254 
PEG C4  H41  sing N N 255 
PEG C4  H42  sing N N 256 
PEG O4  HO4  sing N N 257 
PHE N   CA   sing N N 258 
PHE N   H    sing N N 259 
PHE N   H2   sing N N 260 
PHE CA  C    sing N N 261 
PHE CA  CB   sing N N 262 
PHE CA  HA   sing N N 263 
PHE C   O    doub N N 264 
PHE C   OXT  sing N N 265 
PHE CB  CG   sing N N 266 
PHE CB  HB2  sing N N 267 
PHE CB  HB3  sing N N 268 
PHE CG  CD1  doub Y N 269 
PHE CG  CD2  sing Y N 270 
PHE CD1 CE1  sing Y N 271 
PHE CD1 HD1  sing N N 272 
PHE CD2 CE2  doub Y N 273 
PHE CD2 HD2  sing N N 274 
PHE CE1 CZ   doub Y N 275 
PHE CE1 HE1  sing N N 276 
PHE CE2 CZ   sing Y N 277 
PHE CE2 HE2  sing N N 278 
PHE CZ  HZ   sing N N 279 
PHE OXT HXT  sing N N 280 
PRO N   CA   sing N N 281 
PRO N   CD   sing N N 282 
PRO N   H    sing N N 283 
PRO CA  C    sing N N 284 
PRO CA  CB   sing N N 285 
PRO CA  HA   sing N N 286 
PRO C   O    doub N N 287 
PRO C   OXT  sing N N 288 
PRO CB  CG   sing N N 289 
PRO CB  HB2  sing N N 290 
PRO CB  HB3  sing N N 291 
PRO CG  CD   sing N N 292 
PRO CG  HG2  sing N N 293 
PRO CG  HG3  sing N N 294 
PRO CD  HD2  sing N N 295 
PRO CD  HD3  sing N N 296 
PRO OXT HXT  sing N N 297 
SER N   CA   sing N N 298 
SER N   H    sing N N 299 
SER N   H2   sing N N 300 
SER CA  C    sing N N 301 
SER CA  CB   sing N N 302 
SER CA  HA   sing N N 303 
SER C   O    doub N N 304 
SER C   OXT  sing N N 305 
SER CB  OG   sing N N 306 
SER CB  HB2  sing N N 307 
SER CB  HB3  sing N N 308 
SER OG  HG   sing N N 309 
SER OXT HXT  sing N N 310 
THR N   CA   sing N N 311 
THR N   H    sing N N 312 
THR N   H2   sing N N 313 
THR CA  C    sing N N 314 
THR CA  CB   sing N N 315 
THR CA  HA   sing N N 316 
THR C   O    doub N N 317 
THR C   OXT  sing N N 318 
THR CB  OG1  sing N N 319 
THR CB  CG2  sing N N 320 
THR CB  HB   sing N N 321 
THR OG1 HG1  sing N N 322 
THR CG2 HG21 sing N N 323 
THR CG2 HG22 sing N N 324 
THR CG2 HG23 sing N N 325 
THR OXT HXT  sing N N 326 
TRP N   CA   sing N N 327 
TRP N   H    sing N N 328 
TRP N   H2   sing N N 329 
TRP CA  C    sing N N 330 
TRP CA  CB   sing N N 331 
TRP CA  HA   sing N N 332 
TRP C   O    doub N N 333 
TRP C   OXT  sing N N 334 
TRP CB  CG   sing N N 335 
TRP CB  HB2  sing N N 336 
TRP CB  HB3  sing N N 337 
TRP CG  CD1  doub Y N 338 
TRP CG  CD2  sing Y N 339 
TRP CD1 NE1  sing Y N 340 
TRP CD1 HD1  sing N N 341 
TRP CD2 CE2  doub Y N 342 
TRP CD2 CE3  sing Y N 343 
TRP NE1 CE2  sing Y N 344 
TRP NE1 HE1  sing N N 345 
TRP CE2 CZ2  sing Y N 346 
TRP CE3 CZ3  doub Y N 347 
TRP CE3 HE3  sing N N 348 
TRP CZ2 CH2  doub Y N 349 
TRP CZ2 HZ2  sing N N 350 
TRP CZ3 CH2  sing Y N 351 
TRP CZ3 HZ3  sing N N 352 
TRP CH2 HH2  sing N N 353 
TRP OXT HXT  sing N N 354 
TYR N   CA   sing N N 355 
TYR N   H    sing N N 356 
TYR N   H2   sing N N 357 
TYR CA  C    sing N N 358 
TYR CA  CB   sing N N 359 
TYR CA  HA   sing N N 360 
TYR C   O    doub N N 361 
TYR C   OXT  sing N N 362 
TYR CB  CG   sing N N 363 
TYR CB  HB2  sing N N 364 
TYR CB  HB3  sing N N 365 
TYR CG  CD1  doub Y N 366 
TYR CG  CD2  sing Y N 367 
TYR CD1 CE1  sing Y N 368 
TYR CD1 HD1  sing N N 369 
TYR CD2 CE2  doub Y N 370 
TYR CD2 HD2  sing N N 371 
TYR CE1 CZ   doub Y N 372 
TYR CE1 HE1  sing N N 373 
TYR CE2 CZ   sing Y N 374 
TYR CE2 HE2  sing N N 375 
TYR CZ  OH   sing N N 376 
TYR OH  HH   sing N N 377 
TYR OXT HXT  sing N N 378 
VAL N   CA   sing N N 379 
VAL N   H    sing N N 380 
VAL N   H2   sing N N 381 
VAL CA  C    sing N N 382 
VAL CA  CB   sing N N 383 
VAL CA  HA   sing N N 384 
VAL C   O    doub N N 385 
VAL C   OXT  sing N N 386 
VAL CB  CG1  sing N N 387 
VAL CB  CG2  sing N N 388 
VAL CB  HB   sing N N 389 
VAL CG1 HG11 sing N N 390 
VAL CG1 HG12 sing N N 391 
VAL CG1 HG13 sing N N 392 
VAL CG2 HG21 sing N N 393 
VAL CG2 HG22 sing N N 394 
VAL CG2 HG23 sing N N 395 
VAL OXT HXT  sing N N 396 
# 
_atom_sites.entry_id                    3F43 
_atom_sites.fract_transf_matrix[1][1]   -0.01967609 
_atom_sites.fract_transf_matrix[1][2]   0.00248373 
_atom_sites.fract_transf_matrix[1][3]   -0.00339665 
_atom_sites.fract_transf_matrix[2][1]   -0.00393164 
_atom_sites.fract_transf_matrix[2][2]   -0.01663928 
_atom_sites.fract_transf_matrix[2][3]   0.01060808 
_atom_sites.fract_transf_matrix[3][1]   -0.00065586 
_atom_sites.fract_transf_matrix[3][2]   0.00482772 
_atom_sites.fract_transf_matrix[3][3]   0.00732943 
_atom_sites.fract_transf_vector[1]      0.186089 
_atom_sites.fract_transf_vector[2]      0.524321 
_atom_sites.fract_transf_vector[3]      0.057185 
# 
loop_
_atom_type.symbol 
C  
CL 
N  
O  
SE 
# 
loop_
_atom_site.group_PDB 
_atom_site.id 
_atom_site.type_symbol 
_atom_site.label_atom_id 
_atom_site.label_alt_id 
_atom_site.label_comp_id 
_atom_site.label_asym_id 
_atom_site.label_entity_id 
_atom_site.label_seq_id 
_atom_site.pdbx_PDB_ins_code 
_atom_site.Cartn_x 
_atom_site.Cartn_y 
_atom_site.Cartn_z 
_atom_site.occupancy 
_atom_site.B_iso_or_equiv 
_atom_site.pdbx_formal_charge 
_atom_site.auth_seq_id 
_atom_site.auth_comp_id 
_atom_site.auth_asym_id 
_atom_site.auth_atom_id 
_atom_site.pdbx_PDB_model_num 
ATOM   1    N  N   . HIS A 1 8   ? 10.622  12.972  12.730  1.00 60.78 ? -4  HIS A N   1 
ATOM   2    C  CA  . HIS A 1 8   ? 10.457  14.221  11.915  1.00 60.14 ? -4  HIS A CA  1 
ATOM   3    C  C   . HIS A 1 8   ? 9.147   14.218  11.128  1.00 57.28 ? -4  HIS A C   1 
ATOM   4    O  O   . HIS A 1 8   ? 8.846   13.260  10.420  1.00 55.92 ? -4  HIS A O   1 
ATOM   5    C  CB  . HIS A 1 8   ? 11.623  14.406  10.949  1.00 61.09 ? -4  HIS A CB  1 
ATOM   6    C  CG  . HIS A 1 8   ? 11.570  15.698  10.204  1.00 64.48 ? -4  HIS A CG  1 
ATOM   7    N  ND1 . HIS A 1 8   ? 10.905  15.832  9.004   1.00 69.23 ? -4  HIS A ND1 1 
ATOM   8    C  CD2 . HIS A 1 8   ? 12.069  16.923  10.501  1.00 70.22 ? -4  HIS A CD2 1 
ATOM   9    C  CE1 . HIS A 1 8   ? 11.005  17.084  8.590   1.00 70.48 ? -4  HIS A CE1 1 
ATOM   10   N  NE2 . HIS A 1 8   ? 11.707  17.766  9.478   1.00 68.81 ? -4  HIS A NE2 1 
ATOM   11   N  N   . HIS A 1 9   ? 8.400   15.319  11.231  1.00 54.99 ? -3  HIS A N   1 
ATOM   12   C  CA  . HIS A 1 9   ? 7.002   15.365  10.784  1.00 53.12 ? -3  HIS A CA  1 
ATOM   13   C  C   . HIS A 1 9   ? 6.774   14.982  9.336   1.00 49.52 ? -3  HIS A C   1 
ATOM   14   O  O   . HIS A 1 9   ? 5.822   14.265  9.035   1.00 48.19 ? -3  HIS A O   1 
ATOM   15   C  CB  . HIS A 1 9   ? 6.379   16.752  11.028  1.00 54.44 ? -3  HIS A CB  1 
ATOM   16   C  CG  . HIS A 1 9   ? 4.947   16.852  10.586  1.00 55.19 ? -3  HIS A CG  1 
ATOM   17   N  ND1 . HIS A 1 9   ? 3.961   16.006  11.056  1.00 56.62 ? -3  HIS A ND1 1 
ATOM   18   C  CD2 . HIS A 1 9   ? 4.337   17.689  9.711   1.00 56.78 ? -3  HIS A CD2 1 
ATOM   19   C  CE1 . HIS A 1 9   ? 2.808   16.324  10.497  1.00 53.54 ? -3  HIS A CE1 1 
ATOM   20   N  NE2 . HIS A 1 9   ? 3.008   17.342  9.678   1.00 56.81 ? -3  HIS A NE2 1 
ATOM   21   N  N   . HIS A 1 10  ? 7.623   15.477  8.443   1.00 45.98 ? -2  HIS A N   1 
ATOM   22   C  CA  . HIS A 1 10  ? 7.415   15.259  7.007   1.00 44.84 ? -2  HIS A CA  1 
ATOM   23   C  C   . HIS A 1 10  ? 7.868   13.844  6.613   1.00 40.49 ? -2  HIS A C   1 
ATOM   24   O  O   . HIS A 1 10  ? 7.164   13.142  5.912   1.00 36.57 ? -2  HIS A O   1 
ATOM   25   C  CB  . HIS A 1 10  ? 8.046   16.410  6.210   1.00 47.70 ? -2  HIS A CB  1 
ATOM   26   C  CG  . HIS A 1 10  ? 7.546   17.760  6.647   1.00 53.25 ? -2  HIS A CG  1 
ATOM   27   N  ND1 . HIS A 1 10  ? 6.514   18.420  6.007   1.00 57.87 ? -2  HIS A ND1 1 
ATOM   28   C  CD2 . HIS A 1 10  ? 7.897   18.543  7.699   1.00 58.71 ? -2  HIS A CD2 1 
ATOM   29   C  CE1 . HIS A 1 10  ? 6.275   19.563  6.630   1.00 55.01 ? -2  HIS A CE1 1 
ATOM   30   N  NE2 . HIS A 1 10  ? 7.103   19.665  7.656   1.00 61.72 ? -2  HIS A NE2 1 
ATOM   31   N  N   . HIS A 1 11  ? 9.001   13.398  7.142   1.00 37.75 ? -1  HIS A N   1 
ATOM   32   C  CA  . HIS A 1 11  ? 9.344   11.986  7.069   1.00 39.09 ? -1  HIS A CA  1 
ATOM   33   C  C   . HIS A 1 11  ? 8.061   11.179  7.430   1.00 38.29 ? -1  HIS A C   1 
ATOM   34   O  O   . HIS A 1 11  ? 7.642   10.332  6.679   1.00 33.13 ? -1  HIS A O   1 
ATOM   35   C  CB  . HIS A 1 11  ? 10.521  11.666  8.014   1.00 42.77 ? -1  HIS A CB  1 
ATOM   36   C  CG  . HIS A 1 11  ? 11.605  10.842  7.392   1.00 56.82 ? -1  HIS A CG  1 
ATOM   37   N  ND1 . HIS A 1 11  ? 12.528  11.369  6.509   1.00 73.05 ? -1  HIS A ND1 1 
ATOM   38   C  CD2 . HIS A 1 11  ? 11.927  9.532   7.538   1.00 70.30 ? -1  HIS A CD2 1 
ATOM   39   C  CE1 . HIS A 1 11  ? 13.367  10.418  6.132   1.00 75.62 ? -1  HIS A CE1 1 
ATOM   40   N  NE2 . HIS A 1 11  ? 13.024  9.294   6.741   1.00 77.55 ? -1  HIS A NE2 1 
ATOM   41   N  N   . HIS A 1 12  ? 7.424   11.533  8.561   1.00 36.04 ? 0   HIS A N   1 
ATOM   42   C  CA  . HIS A 1 12  ? 6.226   10.840  9.097   1.00 32.85 ? 0   HIS A CA  1 
ATOM   43   C  C   . HIS A 1 12  ? 4.906   11.567  8.914   1.00 30.56 ? 0   HIS A C   1 
ATOM   44   O  O   . HIS A 1 12  ? 4.090   11.688  9.824   1.00 31.98 ? 0   HIS A O   1 
ATOM   45   C  CB  . HIS A 1 12  ? 6.455   10.561  10.539  1.00 28.66 ? 0   HIS A CB  1 
ATOM   46   C  CG  . HIS A 1 12  ? 7.641   9.707   10.768  1.00 23.71 ? 0   HIS A CG  1 
ATOM   47   N  ND1 . HIS A 1 12  ? 7.548   8.352   10.970  1.00 26.40 ? 0   HIS A ND1 1 
ATOM   48   C  CD2 . HIS A 1 12  ? 8.953   10.013  10.824  1.00 21.85 ? 0   HIS A CD2 1 
ATOM   49   C  CE1 . HIS A 1 12  ? 8.761   7.860   11.168  1.00 31.96 ? 0   HIS A CE1 1 
ATOM   50   N  NE2 . HIS A 1 12  ? 9.629   8.848   11.081  1.00 30.64 ? 0   HIS A NE2 1 
HETATM 51   N  N   A MSE A 1 13  ? 4.700   12.028  7.697   0.50 27.73 ? 1   MSE A N   1 
HETATM 52   N  N   B MSE A 1 13  ? 4.706   12.019  7.683   0.50 30.80 ? 1   MSE A N   1 
HETATM 53   C  CA  A MSE A 1 13  ? 3.449   12.633  7.300   0.50 25.63 ? 1   MSE A CA  1 
HETATM 54   C  CA  B MSE A 1 13  ? 3.471   12.637  7.180   0.50 29.67 ? 1   MSE A CA  1 
HETATM 55   C  C   A MSE A 1 13  ? 2.280   11.658  7.452   0.50 25.38 ? 1   MSE A C   1 
HETATM 56   C  C   B MSE A 1 13  ? 2.259   11.678  7.236   0.50 27.57 ? 1   MSE A C   1 
HETATM 57   O  O   A MSE A 1 13  ? 1.168   12.069  7.817   0.50 25.74 ? 1   MSE A O   1 
HETATM 58   O  O   B MSE A 1 13  ? 1.101   12.110  7.268   0.50 27.37 ? 1   MSE A O   1 
HETATM 59   C  CB  A MSE A 1 13  ? 3.545   13.077  5.836   0.50 27.79 ? 1   MSE A CB  1 
HETATM 60   C  CB  B MSE A 1 13  ? 3.751   13.058  5.715   0.50 31.03 ? 1   MSE A CB  1 
HETATM 61   C  CG  A MSE A 1 13  ? 2.418   13.966  5.419   0.50 28.68 ? 1   MSE A CG  1 
HETATM 62   C  CG  B MSE A 1 13  ? 2.718   13.927  4.991   0.50 34.97 ? 1   MSE A CG  1 
HETATM 63   SE SE  A MSE A 1 13  ? 2.326   15.487  6.581   0.37 27.26 ? 1   MSE A SE  1 
HETATM 64   SE SE  B MSE A 1 13  ? 3.246   14.217  3.086   0.38 40.35 ? 1   MSE A SE  1 
HETATM 65   C  CE  A MSE A 1 13  ? 4.102   16.277  6.388   0.50 23.73 ? 1   MSE A CE  1 
HETATM 66   C  CE  B MSE A 1 13  ? 5.056   14.908  3.293   0.50 38.74 ? 1   MSE A CE  1 
ATOM   67   N  N   . PHE A 1 14  ? 2.535   10.375  7.179   1.00 25.75 ? 2   PHE A N   1 
ATOM   68   C  CA  . PHE A 1 14  ? 1.522   9.329   7.377   1.00 23.16 ? 2   PHE A CA  1 
ATOM   69   C  C   . PHE A 1 14  ? 2.154   8.219   8.248   1.00 24.05 ? 2   PHE A C   1 
ATOM   70   O  O   . PHE A 1 14  ? 3.390   8.090   8.318   1.00 22.23 ? 2   PHE A O   1 
ATOM   71   C  CB  . PHE A 1 14  ? 1.050   8.716   6.042   1.00 24.76 ? 2   PHE A CB  1 
ATOM   72   C  CG  . PHE A 1 14  ? 0.461   9.714   5.059   1.00 25.69 ? 2   PHE A CG  1 
ATOM   73   C  CD1 . PHE A 1 14  ? 1.279   10.435  4.150   1.00 26.16 ? 2   PHE A CD1 1 
ATOM   74   C  CD2 . PHE A 1 14  ? -0.914  9.916   4.998   1.00 30.81 ? 2   PHE A CD2 1 
ATOM   75   C  CE1 . PHE A 1 14  ? 0.699   11.382  3.198   1.00 20.81 ? 2   PHE A CE1 1 
ATOM   76   C  CE2 . PHE A 1 14  ? -1.453  10.851  4.085   1.00 30.26 ? 2   PHE A CE2 1 
ATOM   77   C  CZ  . PHE A 1 14  ? -0.608  11.574  3.187   1.00 29.86 ? 2   PHE A CZ  1 
ATOM   78   N  N   . PRO A 1 15  ? 1.323   7.439   8.944   1.00 23.31 ? 3   PRO A N   1 
ATOM   79   C  CA  . PRO A 1 15  ? 1.878   6.397   9.843   1.00 23.22 ? 3   PRO A CA  1 
ATOM   80   C  C   . PRO A 1 15  ? 2.512   5.220   9.118   1.00 21.61 ? 3   PRO A C   1 
ATOM   81   O  O   . PRO A 1 15  ? 1.959   4.699   8.154   1.00 22.21 ? 3   PRO A O   1 
ATOM   82   C  CB  . PRO A 1 15  ? 0.682   5.960   10.659  1.00 22.48 ? 3   PRO A CB  1 
ATOM   83   C  CG  . PRO A 1 15  ? -0.395  7.009   10.373  1.00 22.87 ? 3   PRO A CG  1 
ATOM   84   C  CD  . PRO A 1 15  ? -0.145  7.503   9.026   1.00 24.37 ? 3   PRO A CD  1 
ATOM   85   N  N   . TYR A 1 16  ? 3.710   4.856   9.544   1.00 22.20 ? 4   TYR A N   1 
ATOM   86   C  CA  . TYR A 1 16  ? 4.402   3.682   9.007   1.00 19.91 ? 4   TYR A CA  1 
ATOM   87   C  C   . TYR A 1 16  ? 5.403   3.133   9.993   1.00 21.81 ? 4   TYR A C   1 
ATOM   88   O  O   . TYR A 1 16  ? 5.807   3.828   10.955  1.00 20.45 ? 4   TYR A O   1 
ATOM   89   C  CB  . TYR A 1 16  ? 5.110   3.985   7.661   1.00 20.96 ? 4   TYR A CB  1 
ATOM   90   C  CG  . TYR A 1 16  ? 6.378   4.778   7.804   1.00 20.69 ? 4   TYR A CG  1 
ATOM   91   C  CD1 . TYR A 1 16  ? 6.337   6.151   7.888   1.00 24.03 ? 4   TYR A CD1 1 
ATOM   92   C  CD2 . TYR A 1 16  ? 7.625   4.141   7.892   1.00 22.25 ? 4   TYR A CD2 1 
ATOM   93   C  CE1 . TYR A 1 16  ? 7.504   6.881   8.014   1.00 23.61 ? 4   TYR A CE1 1 
ATOM   94   C  CE2 . TYR A 1 16  ? 8.784   4.851   8.034   1.00 22.93 ? 4   TYR A CE2 1 
ATOM   95   C  CZ  . TYR A 1 16  ? 8.723   6.223   8.097   1.00 22.49 ? 4   TYR A CZ  1 
ATOM   96   O  OH  . TYR A 1 16  ? 9.877   6.951   8.245   1.00 27.63 ? 4   TYR A OH  1 
ATOM   97   N  N   . LYS A 1 17  ? 5.827   1.902   9.725   1.00 21.07 ? 5   LYS A N   1 
ATOM   98   C  CA  . LYS A 1 17  ? 7.007   1.364   10.363  1.00 22.71 ? 5   LYS A CA  1 
ATOM   99   C  C   . LYS A 1 17  ? 7.776   0.500   9.375   1.00 21.62 ? 5   LYS A C   1 
ATOM   100  O  O   . LYS A 1 17  ? 7.203   -0.003  8.444   1.00 22.17 ? 5   LYS A O   1 
ATOM   101  C  CB  . LYS A 1 17  ? 6.660   0.565   11.630  1.00 26.57 ? 5   LYS A CB  1 
ATOM   102  C  CG  . LYS A 1 17  ? 6.005   -0.744  11.418  1.00 26.44 ? 5   LYS A CG  1 
ATOM   103  C  CD  . LYS A 1 17  ? 5.957   -1.591  12.707  1.00 32.98 ? 5   LYS A CD  1 
ATOM   104  C  CE  . LYS A 1 17  ? 5.147   -0.950  13.801  1.00 28.94 ? 5   LYS A CE  1 
ATOM   105  N  NZ  . LYS A 1 17  ? 4.874   -1.913  14.911  1.00 23.70 ? 5   LYS A NZ  1 
ATOM   106  N  N   . ILE A 1 18  ? 9.080   0.377   9.588   1.00 22.56 ? 6   ILE A N   1 
ATOM   107  C  CA  . ILE A 1 18  ? 9.926   -0.520  8.788   1.00 22.70 ? 6   ILE A CA  1 
ATOM   108  C  C   . ILE A 1 18  ? 10.327  -1.703  9.635   1.00 24.48 ? 6   ILE A C   1 
ATOM   109  O  O   . ILE A 1 18  ? 10.910  -1.524  10.709  1.00 24.53 ? 6   ILE A O   1 
ATOM   110  C  CB  . ILE A 1 18  ? 11.159  0.191   8.246   1.00 23.76 ? 6   ILE A CB  1 
ATOM   111  C  CG1 . ILE A 1 18  ? 10.705  1.385   7.399   1.00 25.48 ? 6   ILE A CG1 1 
ATOM   112  C  CG2 . ILE A 1 18  ? 12.048  -0.812  7.453   1.00 24.31 ? 6   ILE A CG2 1 
ATOM   113  C  CD1 . ILE A 1 18  ? 11.775  2.167   6.738   1.00 28.64 ? 6   ILE A CD1 1 
ATOM   114  N  N   . VAL A 1 19  ? 9.935   -2.901  9.201   1.00 24.54 ? 7   VAL A N   1 
ATOM   115  C  CA  . VAL A 1 19  ? 10.265  -4.142  9.909   1.00 25.15 ? 7   VAL A CA  1 
ATOM   116  C  C   . VAL A 1 19  ? 10.992  -5.057  8.925   1.00 26.74 ? 7   VAL A C   1 
ATOM   117  O  O   . VAL A 1 19  ? 10.409  -5.432  7.920   1.00 25.11 ? 7   VAL A O   1 
ATOM   118  C  CB  . VAL A 1 19  ? 8.999   -4.896  10.412  1.00 26.45 ? 7   VAL A CB  1 
ATOM   119  C  CG1 . VAL A 1 19  ? 9.398   -6.179  11.149  1.00 24.46 ? 7   VAL A CG1 1 
ATOM   120  C  CG2 . VAL A 1 19  ? 8.107   -3.973  11.298  1.00 25.00 ? 7   VAL A CG2 1 
ATOM   121  N  N   . ASP A 1 20  ? 12.236  -5.443  9.216   1.00 29.74 ? 8   ASP A N   1 
ATOM   122  C  CA  . ASP A 1 20  ? 12.968  -6.378  8.327   1.00 31.47 ? 8   ASP A CA  1 
ATOM   123  C  C   . ASP A 1 20  ? 12.879  -5.960  6.851   1.00 31.25 ? 8   ASP A C   1 
ATOM   124  O  O   . ASP A 1 20  ? 12.423  -6.739  6.000   1.00 35.24 ? 8   ASP A O   1 
ATOM   125  C  CB  . ASP A 1 20  ? 12.392  -7.806  8.444   1.00 34.36 ? 8   ASP A CB  1 
ATOM   126  C  CG  . ASP A 1 20  ? 12.466  -8.364  9.854   1.00 43.19 ? 8   ASP A CG  1 
ATOM   127  O  OD1 . ASP A 1 20  ? 13.404  -7.992  10.599  1.00 52.71 ? 8   ASP A OD1 1 
ATOM   128  O  OD2 . ASP A 1 20  ? 11.577  -9.181  10.207  1.00 56.32 ? 8   ASP A OD2 1 
ATOM   129  N  N   A ASP A 1 21  ? 13.298  -4.738  6.547   0.50 29.59 ? 9   ASP A N   1 
ATOM   130  N  N   B ASP A 1 21  ? 13.276  -4.716  6.581   0.50 30.91 ? 9   ASP A N   1 
ATOM   131  C  CA  A ASP A 1 21  ? 13.306  -4.233  5.168   0.50 27.08 ? 9   ASP A CA  1 
ATOM   132  C  CA  B ASP A 1 21  ? 13.289  -4.122  5.232   0.50 29.78 ? 9   ASP A CA  1 
ATOM   133  C  C   A ASP A 1 21  ? 11.927  -4.145  4.490   0.50 25.21 ? 9   ASP A C   1 
ATOM   134  C  C   B ASP A 1 21  ? 11.917  -3.918  4.568   0.50 27.14 ? 9   ASP A C   1 
ATOM   135  O  O   A ASP A 1 21  ? 11.865  -3.980  3.275   0.50 21.07 ? 9   ASP A O   1 
ATOM   136  O  O   B ASP A 1 21  ? 11.846  -3.403  3.452   0.50 25.86 ? 9   ASP A O   1 
ATOM   137  C  CB  A ASP A 1 21  ? 14.296  -5.045  4.289   0.50 28.38 ? 9   ASP A CB  1 
ATOM   138  C  CB  B ASP A 1 21  ? 14.210  -4.916  4.290   0.50 30.84 ? 9   ASP A CB  1 
ATOM   139  C  CG  A ASP A 1 21  ? 13.683  -6.316  3.701   0.50 29.38 ? 9   ASP A CG  1 
ATOM   140  C  CG  B ASP A 1 21  ? 14.798  -4.047  3.185   0.50 31.26 ? 9   ASP A CG  1 
ATOM   141  N  N   . VAL A 1 22  ? 10.839  -4.280  5.257   1.00 24.38 ? 10  VAL A N   1 
ATOM   142  C  CA  . VAL A 1 22  ? 9.488   -4.087  4.742   1.00 23.42 ? 10  VAL A CA  1 
ATOM   143  C  C   . VAL A 1 22  ? 8.895   -2.787  5.307   1.00 23.09 ? 10  VAL A C   1 
ATOM   144  O  O   . VAL A 1 22  ? 8.870   -2.603  6.531   1.00 23.60 ? 10  VAL A O   1 
ATOM   145  C  CB  . VAL A 1 22  ? 8.560   -5.278  5.085   1.00 22.79 ? 10  VAL A CB  1 
ATOM   146  C  CG1 . VAL A 1 22  ? 7.160   -5.050  4.570   1.00 22.37 ? 10  VAL A CG1 1 
ATOM   147  C  CG2 . VAL A 1 22  ? 9.089   -6.548  4.481   1.00 25.40 ? 10  VAL A CG2 1 
ATOM   148  N  N   . VAL A 1 23  ? 8.410   -1.914  4.414   1.00 20.95 ? 11  VAL A N   1 
ATOM   149  C  CA  . VAL A 1 23  ? 7.725   -0.698  4.804   1.00 20.99 ? 11  VAL A CA  1 
ATOM   150  C  C   . VAL A 1 23  ? 6.248   -1.003  4.988   1.00 19.91 ? 11  VAL A C   1 
ATOM   151  O  O   . VAL A 1 23  ? 5.554   -1.378  4.036   1.00 21.63 ? 11  VAL A O   1 
ATOM   152  C  CB  . VAL A 1 23  ? 7.904   0.441   3.795   1.00 20.47 ? 11  VAL A CB  1 
ATOM   153  C  CG1 . VAL A 1 23  ? 7.196   1.701   4.301   1.00 22.81 ? 11  VAL A CG1 1 
ATOM   154  C  CG2 . VAL A 1 23  ? 9.353   0.677   3.439   1.00 21.59 ? 11  VAL A CG2 1 
ATOM   155  N  N   . ILE A 1 24  ? 5.764   -0.866  6.225   1.00 19.57 ? 12  ILE A N   1 
ATOM   156  C  CA  . ILE A 1 24  ? 4.370   -1.152  6.542   1.00 19.88 ? 12  ILE A CA  1 
ATOM   157  C  C   . ILE A 1 24  ? 3.652   0.192   6.690   1.00 19.89 ? 12  ILE A C   1 
ATOM   158  O  O   . ILE A 1 24  ? 3.865   0.947   7.676   1.00 21.21 ? 12  ILE A O   1 
ATOM   159  C  CB  . ILE A 1 24  ? 4.241   -1.983  7.826   1.00 20.59 ? 12  ILE A CB  1 
ATOM   160  C  CG1 . ILE A 1 24  ? 5.130   -3.245  7.755   1.00 21.28 ? 12  ILE A CG1 1 
ATOM   161  C  CG2 . ILE A 1 24  ? 2.749   -2.339  8.081   1.00 19.23 ? 12  ILE A CG2 1 
ATOM   162  C  CD1 . ILE A 1 24  ? 5.097   -4.120  9.018   1.00 22.86 ? 12  ILE A CD1 1 
ATOM   163  N  N   . LEU A 1 25  ? 2.842   0.509   5.681   1.00 19.69 ? 13  LEU A N   1 
ATOM   164  C  CA  . LEU A 1 25  ? 2.091   1.755   5.641   1.00 21.54 ? 13  LEU A CA  1 
ATOM   165  C  C   . LEU A 1 25  ? 0.736   1.548   6.290   1.00 20.28 ? 13  LEU A C   1 
ATOM   166  O  O   . LEU A 1 25  ? -0.017  0.645   5.906   1.00 22.26 ? 13  LEU A O   1 
ATOM   167  C  CB  . LEU A 1 25  ? 1.866   2.215   4.190   1.00 22.15 ? 13  LEU A CB  1 
ATOM   168  C  CG  . LEU A 1 25  ? 3.113   2.426   3.328   1.00 22.99 ? 13  LEU A CG  1 
ATOM   169  C  CD1 . LEU A 1 25  ? 2.722   2.651   1.831   1.00 23.76 ? 13  LEU A CD1 1 
ATOM   170  C  CD2 . LEU A 1 25  ? 4.024   3.512   3.915   1.00 22.09 ? 13  LEU A CD2 1 
HETATM 171  N  N   . MSE A 1 26  ? 0.410   2.407   7.241   1.00 20.30 ? 14  MSE A N   1 
HETATM 172  C  CA  . MSE A 1 26  ? -0.840  2.300   7.986   1.00 20.70 ? 14  MSE A CA  1 
HETATM 173  C  C   . MSE A 1 26  ? -1.630  3.615   8.009   1.00 20.34 ? 14  MSE A C   1 
HETATM 174  O  O   . MSE A 1 26  ? -1.802  4.224   9.067   1.00 20.81 ? 14  MSE A O   1 
HETATM 175  C  CB  . MSE A 1 26  ? -0.569  1.828   9.394   1.00 22.77 ? 14  MSE A CB  1 
HETATM 176  C  CG  . MSE A 1 26  ? 0.100   0.432   9.469   1.00 23.94 ? 14  MSE A CG  1 
HETATM 177  SE SE  . MSE A 1 26  ? 0.866   -0.051  11.153  0.75 20.99 ? 14  MSE A SE  1 
HETATM 178  C  CE  . MSE A 1 26  ? 2.450   1.065   11.050  1.00 25.02 ? 14  MSE A CE  1 
ATOM   179  N  N   . PRO A 1 27  ? -2.139  4.039   6.827   1.00 21.74 ? 15  PRO A N   1 
ATOM   180  C  CA  . PRO A 1 27  ? -2.946  5.283   6.818   1.00 21.76 ? 15  PRO A CA  1 
ATOM   181  C  C   . PRO A 1 27  ? -4.113  5.158   7.766   1.00 25.70 ? 15  PRO A C   1 
ATOM   182  O  O   . PRO A 1 27  ? -4.780  4.125   7.824   1.00 23.10 ? 15  PRO A O   1 
ATOM   183  C  CB  . PRO A 1 27  ? -3.411  5.416   5.363   1.00 22.09 ? 15  PRO A CB  1 
ATOM   184  C  CG  . PRO A 1 27  ? -3.245  4.032   4.785   1.00 23.19 ? 15  PRO A CG  1 
ATOM   185  C  CD  . PRO A 1 27  ? -2.037  3.442   5.491   1.00 22.52 ? 15  PRO A CD  1 
ATOM   186  N  N   . ASN A 1 28  ? -4.345  6.202   8.546   1.00 24.97 ? 16  ASN A N   1 
ATOM   187  C  CA  . ASN A 1 28  ? -5.338  6.120   9.619   1.00 27.21 ? 16  ASN A CA  1 
ATOM   188  C  C   . ASN A 1 28  ? -6.624  6.859   9.283   1.00 30.15 ? 16  ASN A C   1 
ATOM   189  O  O   . ASN A 1 28  ? -7.535  6.931   10.110  1.00 30.93 ? 16  ASN A O   1 
ATOM   190  C  CB  . ASN A 1 28  ? -4.763  6.593   10.958  1.00 27.73 ? 16  ASN A CB  1 
ATOM   191  C  CG  . ASN A 1 28  ? -4.243  7.994   10.919  1.00 30.30 ? 16  ASN A CG  1 
ATOM   192  O  OD1 . ASN A 1 28  ? -4.484  8.736   9.974   1.00 36.03 ? 16  ASN A OD1 1 
ATOM   193  N  ND2 . ASN A 1 28  ? -3.478  8.367   11.951  1.00 37.24 ? 16  ASN A ND2 1 
ATOM   194  N  N   . LYS A 1 29  ? -6.653  7.396   8.077   1.00 34.66 ? 17  LYS A N   1 
ATOM   195  C  CA  . LYS A 1 29  ? -7.763  8.101   7.510   1.00 40.42 ? 17  LYS A CA  1 
ATOM   196  C  C   . LYS A 1 29  ? -7.973  7.693   6.049   1.00 38.69 ? 17  LYS A C   1 
ATOM   197  O  O   . LYS A 1 29  ? -7.164  7.015   5.404   1.00 38.97 ? 17  LYS A O   1 
ATOM   198  C  CB  . LYS A 1 29  ? -7.486  9.617   7.552   1.00 41.19 ? 17  LYS A CB  1 
ATOM   199  C  CG  . LYS A 1 29  ? -7.448  10.212  8.942   1.00 46.29 ? 17  LYS A CG  1 
ATOM   200  C  CD  . LYS A 1 29  ? -7.126  11.716  8.905   1.00 47.46 ? 17  LYS A CD  1 
ATOM   201  C  CE  . LYS A 1 29  ? -5.626  11.982  8.781   1.00 58.07 ? 17  LYS A CE  1 
ATOM   202  N  NZ  . LYS A 1 29  ? -4.890  11.658  10.047  1.00 57.25 ? 17  LYS A NZ  1 
ATOM   203  N  N   . GLU A 1 30  ? -9.082  8.159   5.532   1.00 40.28 ? 18  GLU A N   1 
ATOM   204  C  CA  . GLU A 1 30  ? -9.496  7.893   4.194   1.00 39.78 ? 18  GLU A CA  1 
ATOM   205  C  C   . GLU A 1 30  ? -8.400  8.222   3.171   1.00 36.28 ? 18  GLU A C   1 
ATOM   206  O  O   . GLU A 1 30  ? -7.724  9.227   3.293   1.00 41.11 ? 18  GLU A O   1 
ATOM   207  C  CB  . GLU A 1 30  ? -10.746 8.753   3.924   1.00 41.67 ? 18  GLU A CB  1 
ATOM   208  C  CG  . GLU A 1 30  ? -11.499 8.366   2.713   1.00 49.39 ? 18  GLU A CG  1 
ATOM   209  C  CD  . GLU A 1 30  ? -11.577 6.895   2.605   1.00 55.84 ? 18  GLU A CD  1 
ATOM   210  O  OE1 . GLU A 1 30  ? -12.344 6.294   3.397   1.00 61.95 ? 18  GLU A OE1 1 
ATOM   211  O  OE2 . GLU A 1 30  ? -10.817 6.354   1.769   1.00 44.28 ? 18  GLU A OE2 1 
ATOM   212  N  N   A LEU A 1 31  ? -8.208  7.324   2.203   0.50 33.81 ? 19  LEU A N   1 
ATOM   213  N  N   B LEU A 1 31  ? -8.257  7.366   2.168   0.50 33.62 ? 19  LEU A N   1 
ATOM   214  C  CA  A LEU A 1 31  ? -7.360  7.581   1.039   0.50 31.97 ? 19  LEU A CA  1 
ATOM   215  C  CA  B LEU A 1 31  ? -7.319  7.576   1.078   0.50 31.37 ? 19  LEU A CA  1 
ATOM   216  C  C   A LEU A 1 31  ? -8.279  7.745   -0.145  0.50 31.66 ? 19  LEU A C   1 
ATOM   217  C  C   B LEU A 1 31  ? -8.185  7.719   -0.174  0.50 31.07 ? 19  LEU A C   1 
ATOM   218  O  O   A LEU A 1 31  ? -8.995  6.798   -0.521  0.50 34.06 ? 19  LEU A O   1 
ATOM   219  O  O   B LEU A 1 31  ? -8.792  6.728   -0.604  0.50 33.94 ? 19  LEU A O   1 
ATOM   220  C  CB  A LEU A 1 31  ? -6.428  6.409   0.767   0.50 32.22 ? 19  LEU A CB  1 
ATOM   221  C  CB  B LEU A 1 31  ? -6.400  6.353   1.009   0.50 31.39 ? 19  LEU A CB  1 
ATOM   222  C  CG  A LEU A 1 31  ? -5.302  6.226   1.758   0.50 30.87 ? 19  LEU A CG  1 
ATOM   223  C  CG  B LEU A 1 31  ? -5.233  6.333   0.034   0.50 34.29 ? 19  LEU A CG  1 
ATOM   224  C  CD1 A LEU A 1 31  ? -4.481  5.032   1.292   0.50 30.47 ? 19  LEU A CD1 1 
ATOM   225  C  CD1 B LEU A 1 31  ? -4.294  7.510   0.279   0.50 27.39 ? 19  LEU A CD1 1 
ATOM   226  C  CD2 A LEU A 1 31  ? -4.494  7.522   1.860   0.50 26.26 ? 19  LEU A CD2 1 
ATOM   227  C  CD2 B LEU A 1 31  ? -4.503  5.002   0.179   0.50 33.63 ? 19  LEU A CD2 1 
ATOM   228  N  N   . ASN A 1 32  ? -8.293  8.948   -0.704  1.00 26.61 ? 20  ASN A N   1 
ATOM   229  C  CA  . ASN A 1 32  ? -9.279  9.329   -1.741  1.00 26.61 ? 20  ASN A CA  1 
ATOM   230  C  C   . ASN A 1 32  ? -8.753  10.524  -2.522  1.00 24.31 ? 20  ASN A C   1 
ATOM   231  O  O   . ASN A 1 32  ? -7.603  10.903  -2.311  1.00 22.21 ? 20  ASN A O   1 
ATOM   232  C  CB  . ASN A 1 32  ? -10.652 9.592   -1.115  1.00 26.97 ? 20  ASN A CB  1 
ATOM   233  C  CG  . ASN A 1 32  ? -10.636 10.762  -0.103  1.00 31.79 ? 20  ASN A CG  1 
ATOM   234  O  OD1 . ASN A 1 32  ? -9.794  11.671  -0.183  1.00 30.38 ? 20  ASN A OD1 1 
ATOM   235  N  ND2 . ASN A 1 32  ? -11.583 10.749  0.852   1.00 37.35 ? 20  ASN A ND2 1 
ATOM   236  N  N   . ILE A 1 33  ? -9.562  11.092  -3.401  1.00 20.36 ? 21  ILE A N   1 
ATOM   237  C  CA  . ILE A 1 33  ? -9.189  12.210  -4.264  1.00 21.14 ? 21  ILE A CA  1 
ATOM   238  C  C   . ILE A 1 33  ? -8.522  13.363  -3.504  1.00 21.66 ? 21  ILE A C   1 
ATOM   239  O  O   . ILE A 1 33  ? -7.603  13.984  -4.021  1.00 21.23 ? 21  ILE A O   1 
ATOM   240  C  CB  . ILE A 1 33  ? -10.397 12.714  -5.105  1.00 18.73 ? 21  ILE A CB  1 
ATOM   241  C  CG1 . ILE A 1 33  ? -9.990  13.791  -6.102  1.00 21.61 ? 21  ILE A CG1 1 
ATOM   242  C  CG2 . ILE A 1 33  ? -11.595 13.165  -4.219  1.00 21.25 ? 21  ILE A CG2 1 
ATOM   243  C  CD1 . ILE A 1 33  ? -11.056 14.101  -7.141  1.00 21.12 ? 21  ILE A CD1 1 
ATOM   244  N  N   . GLU A 1 34  ? -8.963  13.651  -2.291  1.00 22.50 ? 22  GLU A N   1 
ATOM   245  C  CA  . GLU A 1 34  ? -8.392  14.781  -1.565  1.00 21.92 ? 22  GLU A CA  1 
ATOM   246  C  C   . GLU A 1 34  ? -6.921  14.612  -1.156  1.00 23.05 ? 22  GLU A C   1 
ATOM   247  O  O   . GLU A 1 34  ? -6.155  15.635  -1.193  1.00 21.60 ? 22  GLU A O   1 
ATOM   248  C  CB  . GLU A 1 34  ? -9.241  15.113  -0.336  1.00 20.47 ? 22  GLU A CB  1 
ATOM   249  C  CG  . GLU A 1 34  ? -10.568 15.765  -0.687  1.00 26.92 ? 22  GLU A CG  1 
ATOM   250  C  CD  . GLU A 1 34  ? -11.397 16.221  0.520   1.00 30.03 ? 22  GLU A CD  1 
ATOM   251  O  OE1 . GLU A 1 34  ? -11.510 15.451  1.504   1.00 44.55 ? 22  GLU A OE1 1 
ATOM   252  O  OE2 . GLU A 1 34  ? -11.964 17.339  0.452   1.00 48.08 ? 22  GLU A OE2 1 
ATOM   253  N  N   . ASN A 1 35  ? -6.534  13.391  -0.790  1.00 19.26 ? 23  ASN A N   1 
ATOM   254  C  CA  . ASN A 1 35  ? -5.166  13.084  -0.330  1.00 20.22 ? 23  ASN A CA  1 
ATOM   255  C  C   . ASN A 1 35  ? -4.330  12.162  -1.201  1.00 18.88 ? 23  ASN A C   1 
ATOM   256  O  O   . ASN A 1 35  ? -3.175  11.845  -0.882  1.00 21.41 ? 23  ASN A O   1 
ATOM   257  C  CB  . ASN A 1 35  ? -5.135  12.687  1.149   1.00 21.14 ? 23  ASN A CB  1 
ATOM   258  C  CG  . ASN A 1 35  ? -5.762  11.374  1.406   1.00 27.21 ? 23  ASN A CG  1 
ATOM   259  O  OD1 . ASN A 1 35  ? -6.313  10.755  0.488   1.00 29.33 ? 23  ASN A OD1 1 
ATOM   260  N  ND2 . ASN A 1 35  ? -5.684  10.912  2.670   1.00 29.91 ? 23  ASN A ND2 1 
ATOM   261  N  N   . ALA A 1 36  ? -4.901  11.687  -2.317  1.00 20.28 ? 24  ALA A N   1 
ATOM   262  C  CA  . ALA A 1 36  ? -4.234  10.669  -3.101  1.00 20.41 ? 24  ALA A CA  1 
ATOM   263  C  C   . ALA A 1 36  ? -2.872  11.099  -3.619  1.00 19.51 ? 24  ALA A C   1 
ATOM   264  O  O   . ALA A 1 36  ? -1.914  10.383  -3.456  1.00 23.18 ? 24  ALA A O   1 
ATOM   265  C  CB  . ALA A 1 36  ? -5.124  10.171  -4.257  1.00 22.05 ? 24  ALA A CB  1 
ATOM   266  N  N   . HIS A 1 37  ? -2.786  12.275  -4.254  1.00 19.95 ? 25  HIS A N   1 
ATOM   267  C  CA  . HIS A 1 37  ? -1.495  12.752  -4.790  1.00 20.73 ? 25  HIS A CA  1 
ATOM   268  C  C   . HIS A 1 37  ? -0.494  12.982  -3.678  1.00 21.18 ? 25  HIS A C   1 
ATOM   269  O  O   . HIS A 1 37  ? 0.669   12.598  -3.789  1.00 21.93 ? 25  HIS A O   1 
ATOM   270  C  CB  . HIS A 1 37  ? -1.648  14.035  -5.592  1.00 18.39 ? 25  HIS A CB  1 
ATOM   271  C  CG  . HIS A 1 37  ? -0.353  14.575  -6.094  1.00 23.51 ? 25  HIS A CG  1 
ATOM   272  N  ND1 . HIS A 1 37  ? 0.483   13.839  -6.923  1.00 24.53 ? 25  HIS A ND1 1 
ATOM   273  C  CD2 . HIS A 1 37  ? 0.276   15.749  -5.861  1.00 22.20 ? 25  HIS A CD2 1 
ATOM   274  C  CE1 . HIS A 1 37  ? 1.565   14.556  -7.173  1.00 23.51 ? 25  HIS A CE1 1 
ATOM   275  N  NE2 . HIS A 1 37  ? 1.473   15.711  -6.530  1.00 23.34 ? 25  HIS A NE2 1 
ATOM   276  N  N   . LEU A 1 38  ? -0.936  13.572  -2.575  1.00 19.60 ? 26  LEU A N   1 
ATOM   277  C  CA  . LEU A 1 38  ? -0.037  13.794  -1.425  1.00 20.04 ? 26  LEU A CA  1 
ATOM   278  C  C   . LEU A 1 38  ? 0.563   12.488  -0.910  1.00 21.02 ? 26  LEU A C   1 
ATOM   279  O  O   . LEU A 1 38  ? 1.768   12.408  -0.624  1.00 21.37 ? 26  LEU A O   1 
ATOM   280  C  CB  . LEU A 1 38  ? -0.816  14.479  -0.298  1.00 21.91 ? 26  LEU A CB  1 
ATOM   281  C  CG  . LEU A 1 38  ? -0.002  14.903  0.930   1.00 20.08 ? 26  LEU A CG  1 
ATOM   282  C  CD1 . LEU A 1 38  ? 0.974   16.016  0.572   1.00 22.59 ? 26  LEU A CD1 1 
ATOM   283  C  CD2 . LEU A 1 38  ? -0.914  15.368  2.031   1.00 22.42 ? 26  LEU A CD2 1 
ATOM   284  N  N   . PHE A 1 39  ? -0.282  11.465  -0.785  1.00 21.07 ? 27  PHE A N   1 
ATOM   285  C  CA  . PHE A 1 39  ? 0.150   10.159  -0.311  1.00 20.61 ? 27  PHE A CA  1 
ATOM   286  C  C   . PHE A 1 39  ? 1.105   9.492   -1.301  1.00 20.40 ? 27  PHE A C   1 
ATOM   287  O  O   . PHE A 1 39  ? 2.150   8.956   -0.919  1.00 22.76 ? 27  PHE A O   1 
ATOM   288  C  CB  . PHE A 1 39  ? -1.098  9.304   -0.002  1.00 21.63 ? 27  PHE A CB  1 
ATOM   289  C  CG  . PHE A 1 39  ? -0.790  7.950   0.622   1.00 21.24 ? 27  PHE A CG  1 
ATOM   290  C  CD1 . PHE A 1 39  ? -0.501  7.836   1.958   1.00 26.69 ? 27  PHE A CD1 1 
ATOM   291  C  CD2 . PHE A 1 39  ? -0.788  6.826   -0.156  1.00 27.90 ? 27  PHE A CD2 1 
ATOM   292  C  CE1 . PHE A 1 39  ? -0.249  6.577   2.519   1.00 27.69 ? 27  PHE A CE1 1 
ATOM   293  C  CE2 . PHE A 1 39  ? -0.525  5.564   0.404   1.00 27.33 ? 27  PHE A CE2 1 
ATOM   294  C  CZ  . PHE A 1 39  ? -0.245  5.470   1.720   1.00 25.19 ? 27  PHE A CZ  1 
ATOM   295  N  N   . LYS A 1 40  ? 0.735   9.512   -2.572  1.00 22.40 ? 28  LYS A N   1 
ATOM   296  C  CA  . LYS A 1 40  ? 1.564   8.924   -3.631  1.00 21.58 ? 28  LYS A CA  1 
ATOM   297  C  C   . LYS A 1 40  ? 2.973   9.546   -3.633  1.00 22.05 ? 28  LYS A C   1 
ATOM   298  O  O   . LYS A 1 40  ? 3.982   8.826   -3.618  1.00 21.70 ? 28  LYS A O   1 
ATOM   299  C  CB  . LYS A 1 40  ? 0.881   9.163   -4.980  1.00 25.47 ? 28  LYS A CB  1 
ATOM   300  C  CG  . LYS A 1 40  ? 1.587   8.487   -6.164  1.00 25.73 ? 28  LYS A CG  1 
ATOM   301  C  CD  . LYS A 1 40  ? 2.607   9.407   -6.797  1.00 29.89 ? 28  LYS A CD  1 
ATOM   302  C  CE  . LYS A 1 40  ? 3.002   8.925   -8.173  1.00 33.66 ? 28  LYS A CE  1 
ATOM   303  N  NZ  . LYS A 1 40  ? 4.049   9.840   -8.691  1.00 34.69 ? 28  LYS A NZ  1 
ATOM   304  N  N   . LYS A 1 41  ? 3.028   10.870  -3.637  1.00 21.14 ? 29  LYS A N   1 
ATOM   305  C  CA  . LYS A 1 41  ? 4.308   11.582  -3.661  1.00 20.25 ? 29  LYS A CA  1 
ATOM   306  C  C   . LYS A 1 41  ? 5.144   11.215  -2.456  1.00 22.33 ? 29  LYS A C   1 
ATOM   307  O  O   . LYS A 1 41  ? 6.315   10.960  -2.582  1.00 22.04 ? 29  LYS A O   1 
ATOM   308  C  CB  . LYS A 1 41  ? 4.097   13.079  -3.757  1.00 23.13 ? 29  LYS A CB  1 
ATOM   309  C  CG  . LYS A 1 41  ? 5.379   13.848  -3.892  1.00 25.08 ? 29  LYS A CG  1 
ATOM   310  C  CD  . LYS A 1 41  ? 5.121   15.303  -4.235  1.00 24.79 ? 29  LYS A CD  1 
ATOM   311  C  CE  . LYS A 1 41  ? 6.329   16.182  -3.901  1.00 28.18 ? 29  LYS A CE  1 
ATOM   312  N  NZ  . LYS A 1 41  ? 7.638   15.613  -4.373  1.00 35.18 ? 29  LYS A NZ  1 
ATOM   313  N  N   . TRP A 1 42  ? 4.496   11.102  -1.310  1.00 20.23 ? 30  TRP A N   1 
ATOM   314  C  CA  . TRP A 1 42  ? 5.167   10.710  -0.068  1.00 20.87 ? 30  TRP A CA  1 
ATOM   315  C  C   . TRP A 1 42  ? 5.738   9.278   -0.132  1.00 20.37 ? 30  TRP A C   1 
ATOM   316  O  O   . TRP A 1 42  ? 6.941   9.079   0.180   1.00 21.81 ? 30  TRP A O   1 
ATOM   317  C  CB  . TRP A 1 42  ? 4.223   10.902  1.116   1.00 22.22 ? 30  TRP A CB  1 
ATOM   318  C  CG  . TRP A 1 42  ? 4.763   10.443  2.451   1.00 20.27 ? 30  TRP A CG  1 
ATOM   319  C  CD1 . TRP A 1 42  ? 5.671   11.093  3.241   1.00 24.51 ? 30  TRP A CD1 1 
ATOM   320  C  CD2 . TRP A 1 42  ? 4.442   9.232   3.115   1.00 22.42 ? 30  TRP A CD2 1 
ATOM   321  N  NE1 . TRP A 1 42  ? 5.920   10.366  4.375   1.00 25.81 ? 30  TRP A NE1 1 
ATOM   322  C  CE2 . TRP A 1 42  ? 5.168   9.227   4.342   1.00 22.71 ? 30  TRP A CE2 1 
ATOM   323  C  CE3 . TRP A 1 42  ? 3.569   8.178   2.841   1.00 25.49 ? 30  TRP A CE3 1 
ATOM   324  C  CZ2 . TRP A 1 42  ? 5.079   8.183   5.252   1.00 24.81 ? 30  TRP A CZ2 1 
ATOM   325  C  CZ3 . TRP A 1 42  ? 3.484   7.141   3.751   1.00 27.39 ? 30  TRP A CZ3 1 
ATOM   326  C  CH2 . TRP A 1 42  ? 4.231   7.167   4.955   1.00 25.05 ? 30  TRP A CH2 1 
ATOM   327  N  N   . VAL A 1 43  ? 4.962   8.333   -0.659  1.00 19.89 ? 31  VAL A N   1 
ATOM   328  C  CA  . VAL A 1 43  ? 5.449   6.951   -0.748  1.00 20.44 ? 31  VAL A CA  1 
ATOM   329  C  C   . VAL A 1 43  ? 6.652   6.884   -1.714  1.00 20.13 ? 31  VAL A C   1 
ATOM   330  O  O   . VAL A 1 43  ? 7.667   6.239   -1.433  1.00 21.72 ? 31  VAL A O   1 
ATOM   331  C  CB  . VAL A 1 43  ? 4.331   5.964   -1.171  1.00 22.47 ? 31  VAL A CB  1 
ATOM   332  C  CG1 . VAL A 1 43  ? 4.942   4.554   -1.502  1.00 21.62 ? 31  VAL A CG1 1 
ATOM   333  C  CG2 . VAL A 1 43  ? 3.217   5.905   -0.078  1.00 20.01 ? 31  VAL A CG2 1 
ATOM   334  N  N   . PHE A 1 44  ? 6.531   7.549   -2.850  1.00 21.19 ? 32  PHE A N   1 
ATOM   335  C  CA  . PHE A 1 44  ? 7.654   7.617   -3.807  1.00 21.19 ? 32  PHE A CA  1 
ATOM   336  C  C   . PHE A 1 44  ? 8.857   8.343   -3.241  1.00 21.57 ? 32  PHE A C   1 
ATOM   337  O  O   . PHE A 1 44  ? 9.994   7.877   -3.326  1.00 23.89 ? 32  PHE A O   1 
ATOM   338  C  CB  . PHE A 1 44  ? 7.226   8.194   -5.161  1.00 20.54 ? 32  PHE A CB  1 
ATOM   339  C  CG  . PHE A 1 44  ? 6.535   7.184   -6.045  1.00 21.01 ? 32  PHE A CG  1 
ATOM   340  C  CD1 . PHE A 1 44  ? 5.238   6.822   -5.836  1.00 25.16 ? 32  PHE A CD1 1 
ATOM   341  C  CD2 . PHE A 1 44  ? 7.217   6.591   -7.097  1.00 23.74 ? 32  PHE A CD2 1 
ATOM   342  C  CE1 . PHE A 1 44  ? 4.614   5.863   -6.662  1.00 24.61 ? 32  PHE A CE1 1 
ATOM   343  C  CE2 . PHE A 1 44  ? 6.583   5.646   -7.901  1.00 22.90 ? 32  PHE A CE2 1 
ATOM   344  C  CZ  . PHE A 1 44  ? 5.309   5.297   -7.699  1.00 23.04 ? 32  PHE A CZ  1 
ATOM   345  N  N   . ASP A 1 45  ? 8.648   9.513   -2.652  1.00 19.56 ? 33  ASP A N   1 
ATOM   346  C  CA  . ASP A 1 45  ? 9.791   10.249  -2.143  1.00 19.93 ? 33  ASP A CA  1 
ATOM   347  C  C   . ASP A 1 45  ? 10.500  9.573   -0.977  1.00 19.21 ? 33  ASP A C   1 
ATOM   348  O  O   . ASP A 1 45  ? 11.754  9.580   -0.909  1.00 20.92 ? 33  ASP A O   1 
ATOM   349  C  CB  . ASP A 1 45  ? 9.404   11.654  -1.716  1.00 21.62 ? 33  ASP A CB  1 
ATOM   350  C  CG  . ASP A 1 45  ? 9.062   12.576  -2.859  1.00 23.82 ? 33  ASP A CG  1 
ATOM   351  O  OD1 . ASP A 1 45  ? 9.371   12.311  -4.036  1.00 25.94 ? 33  ASP A OD1 1 
ATOM   352  O  OD2 . ASP A 1 45  ? 8.488   13.632  -2.550  1.00 26.11 ? 33  ASP A OD2 1 
ATOM   353  N  N   . GLU A 1 46  ? 9.732   9.036   -0.031  1.00 21.22 ? 34  GLU A N   1 
ATOM   354  C  CA  . GLU A 1 46  ? 10.294  8.447   1.178   1.00 21.65 ? 34  GLU A CA  1 
ATOM   355  C  C   . GLU A 1 46  ? 10.803  7.023   1.039   1.00 20.24 ? 34  GLU A C   1 
ATOM   356  O  O   . GLU A 1 46  ? 11.750  6.647   1.717   1.00 23.13 ? 34  GLU A O   1 
ATOM   357  C  CB  . GLU A 1 46  ? 9.248   8.467   2.308   1.00 24.55 ? 34  GLU A CB  1 
ATOM   358  C  CG  . GLU A 1 46  ? 8.837   9.857   2.689   1.00 24.78 ? 34  GLU A CG  1 
ATOM   359  C  CD  . GLU A 1 46  ? 9.977   10.680  3.275   1.00 33.74 ? 34  GLU A CD  1 
ATOM   360  O  OE1 . GLU A 1 46  ? 10.768  10.142  4.083   1.00 32.45 ? 34  GLU A OE1 1 
ATOM   361  O  OE2 . GLU A 1 46  ? 10.096  11.864  2.922   1.00 36.71 ? 34  GLU A OE2 1 
ATOM   362  N  N   . PHE A 1 47  ? 10.161  6.231   0.186   1.00 19.50 ? 35  PHE A N   1 
ATOM   363  C  CA  . PHE A 1 47  ? 10.438  4.819   0.132   1.00 20.26 ? 35  PHE A CA  1 
ATOM   364  C  C   . PHE A 1 47  ? 10.918  4.399   -1.268  1.00 18.02 ? 35  PHE A C   1 
ATOM   365  O  O   . PHE A 1 47  ? 12.052  3.972   -1.420  1.00 20.77 ? 35  PHE A O   1 
ATOM   366  C  CB  . PHE A 1 47  ? 9.230   4.049   0.627   1.00 19.92 ? 35  PHE A CB  1 
ATOM   367  C  CG  . PHE A 1 47  ? 8.757   4.515   1.985   1.00 21.15 ? 35  PHE A CG  1 
ATOM   368  C  CD1 . PHE A 1 47  ? 9.610   4.469   3.068   1.00 21.47 ? 35  PHE A CD1 1 
ATOM   369  C  CD2 . PHE A 1 47  ? 7.493   5.050   2.139   1.00 20.64 ? 35  PHE A CD2 1 
ATOM   370  C  CE1 . PHE A 1 47  ? 9.210   4.946   4.298   1.00 21.82 ? 35  PHE A CE1 1 
ATOM   371  C  CE2 . PHE A 1 47  ? 7.085   5.551   3.372   1.00 20.73 ? 35  PHE A CE2 1 
ATOM   372  C  CZ  . PHE A 1 47  ? 7.936   5.475   4.435   1.00 18.95 ? 35  PHE A CZ  1 
ATOM   373  N  N   . LEU A 1 48  ? 10.026  4.453   -2.255  1.00 20.28 ? 36  LEU A N   1 
ATOM   374  C  CA  . LEU A 1 48  ? 10.318  3.825   -3.551  1.00 21.29 ? 36  LEU A CA  1 
ATOM   375  C  C   . LEU A 1 48  ? 11.548  4.453   -4.200  1.00 21.93 ? 36  LEU A C   1 
ATOM   376  O  O   . LEU A 1 48  ? 12.420  3.746   -4.698  1.00 22.57 ? 36  LEU A O   1 
ATOM   377  C  CB  . LEU A 1 48  ? 9.114   3.895   -4.489  1.00 22.68 ? 36  LEU A CB  1 
ATOM   378  C  CG  . LEU A 1 48  ? 7.895   3.103   -4.042  1.00 21.36 ? 36  LEU A CG  1 
ATOM   379  C  CD1 . LEU A 1 48  ? 6.632   3.353   -4.872  1.00 24.18 ? 36  LEU A CD1 1 
ATOM   380  C  CD2 . LEU A 1 48  ? 8.186   1.603   -3.967  1.00 24.21 ? 36  LEU A CD2 1 
ATOM   381  N  N   . ASN A 1 49  ? 11.650  5.774   -4.176  1.00 22.91 ? 37  ASN A N   1 
ATOM   382  C  CA  . ASN A 1 49  ? 12.813  6.426   -4.783  1.00 22.44 ? 37  ASN A CA  1 
ATOM   383  C  C   . ASN A 1 49  ? 14.111  6.302   -3.988  1.00 24.69 ? 37  ASN A C   1 
ATOM   384  O  O   . ASN A 1 49  ? 15.179  6.616   -4.501  1.00 27.16 ? 37  ASN A O   1 
ATOM   385  C  CB  . ASN A 1 49  ? 12.500  7.886   -5.121  1.00 23.41 ? 37  ASN A CB  1 
ATOM   386  C  CG  . ASN A 1 49  ? 11.381  8.035   -6.166  1.00 25.28 ? 37  ASN A CG  1 
ATOM   387  O  OD1 . ASN A 1 49  ? 11.014  7.089   -6.882  1.00 32.06 ? 37  ASN A OD1 1 
ATOM   388  N  ND2 . ASN A 1 49  ? 10.836  9.239   -6.257  1.00 35.35 ? 37  ASN A ND2 1 
ATOM   389  N  N   . LYS A 1 50  ? 14.016  5.793   -2.763  1.00 22.34 ? 38  LYS A N   1 
ATOM   390  C  CA  . LYS A 1 50  ? 15.163  5.508   -1.911  1.00 25.38 ? 38  LYS A CA  1 
ATOM   391  C  C   . LYS A 1 50  ? 15.482  4.010   -1.875  1.00 26.62 ? 38  LYS A C   1 
ATOM   392  O  O   . LYS A 1 50  ? 16.338  3.599   -1.099  1.00 29.07 ? 38  LYS A O   1 
ATOM   393  C  CB  . LYS A 1 50  ? 14.945  6.032   -0.500  1.00 26.17 ? 38  LYS A CB  1 
ATOM   394  C  CG  . LYS A 1 50  ? 14.667  7.526   -0.430  1.00 23.58 ? 38  LYS A CG  1 
ATOM   395  C  CD  . LYS A 1 50  ? 14.675  8.048   0.978   1.00 29.43 ? 38  LYS A CD  1 
ATOM   396  C  CE  . LYS A 1 50  ? 14.670  9.570   1.013   1.00 36.18 ? 38  LYS A CE  1 
ATOM   397  N  NZ  . LYS A 1 50  ? 14.527  10.084  2.421   1.00 40.49 ? 38  LYS A NZ  1 
ATOM   398  N  N   . GLY A 1 51  ? 14.817  3.219   -2.710  1.00 24.60 ? 39  GLY A N   1 
ATOM   399  C  CA  . GLY A 1 51  ? 15.136  1.798   -2.849  1.00 27.07 ? 39  GLY A CA  1 
ATOM   400  C  C   . GLY A 1 51  ? 14.360  0.829   -1.955  1.00 26.34 ? 39  GLY A C   1 
ATOM   401  O  O   . GLY A 1 51  ? 14.616  -0.382  -1.987  1.00 28.07 ? 39  GLY A O   1 
ATOM   402  N  N   . TYR A 1 52  ? 13.397  1.326   -1.184  1.00 24.88 ? 40  TYR A N   1 
ATOM   403  C  CA  . TYR A 1 52  ? 12.530  0.452   -0.421  1.00 25.30 ? 40  TYR A CA  1 
ATOM   404  C  C   . TYR A 1 52  ? 11.390  0.006   -1.291  1.00 28.41 ? 40  TYR A C   1 
ATOM   405  O  O   . TYR A 1 52  ? 10.368  0.710   -1.398  1.00 34.44 ? 40  TYR A O   1 
ATOM   406  C  CB  . TYR A 1 52  ? 11.901  1.155   0.767   1.00 25.51 ? 40  TYR A CB  1 
ATOM   407  C  CG  . TYR A 1 52  ? 12.826  1.501   1.870   1.00 23.61 ? 40  TYR A CG  1 
ATOM   408  C  CD1 . TYR A 1 52  ? 13.105  0.590   2.887   1.00 25.86 ? 40  TYR A CD1 1 
ATOM   409  C  CD2 . TYR A 1 52  ? 13.380  2.761   1.948   1.00 24.95 ? 40  TYR A CD2 1 
ATOM   410  C  CE1 . TYR A 1 52  ? 13.915  0.927   3.930   1.00 30.66 ? 40  TYR A CE1 1 
ATOM   411  C  CE2 . TYR A 1 52  ? 14.188  3.110   2.996   1.00 30.99 ? 40  TYR A CE2 1 
ATOM   412  C  CZ  . TYR A 1 52  ? 14.462  2.188   3.975   1.00 27.50 ? 40  TYR A CZ  1 
ATOM   413  O  OH  . TYR A 1 52  ? 15.295  2.535   5.026   1.00 36.06 ? 40  TYR A OH  1 
ATOM   414  N  N   . ASN A 1 53  ? 11.526  -1.185  -1.832  1.00 24.24 ? 41  ASN A N   1 
ATOM   415  C  CA  . ASN A 1 53  ? 10.496  -1.725  -2.726  1.00 24.41 ? 41  ASN A CA  1 
ATOM   416  C  C   . ASN A 1 53  ? 9.782   -2.964  -2.196  1.00 24.06 ? 41  ASN A C   1 
ATOM   417  O  O   . ASN A 1 53  ? 9.172   -3.691  -2.963  1.00 23.42 ? 41  ASN A O   1 
ATOM   418  C  CB  . ASN A 1 53  ? 11.096  -1.978  -4.117  1.00 25.25 ? 41  ASN A CB  1 
ATOM   419  C  CG  . ASN A 1 53  ? 12.085  -3.120  -4.141  1.00 26.74 ? 41  ASN A CG  1 
ATOM   420  O  OD1 . ASN A 1 53  ? 12.520  -3.606  -3.088  1.00 25.64 ? 41  ASN A OD1 1 
ATOM   421  N  ND2 . ASN A 1 53  ? 12.479  -3.544  -5.349  1.00 25.73 ? 41  ASN A ND2 1 
ATOM   422  N  N   . LYS A 1 54  ? 9.801   -3.168  -0.873  1.00 24.22 ? 42  LYS A N   1 
ATOM   423  C  CA  . LYS A 1 54  ? 8.934   -4.141  -0.217  1.00 21.55 ? 42  LYS A CA  1 
ATOM   424  C  C   . LYS A 1 54  ? 7.976   -3.349  0.674   1.00 23.32 ? 42  LYS A C   1 
ATOM   425  O  O   . LYS A 1 54  ? 8.411   -2.733  1.662   1.00 22.79 ? 42  LYS A O   1 
ATOM   426  C  CB  . LYS A 1 54  ? 9.719   -5.155  0.606   1.00 23.05 ? 42  LYS A CB  1 
ATOM   427  C  CG  . LYS A 1 54  ? 10.685  -6.038  -0.177  1.00 24.33 ? 42  LYS A CG  1 
ATOM   428  C  CD  . LYS A 1 54  ? 11.523  -6.929  0.767   1.00 25.32 ? 42  LYS A CD  1 
ATOM   429  N  N   . ILE A 1 55  ? 6.698   -3.339  0.305   1.00 21.51 ? 43  ILE A N   1 
ATOM   430  C  CA  . ILE A 1 55  ? 5.693   -2.482  0.940   1.00 21.82 ? 43  ILE A CA  1 
ATOM   431  C  C   . ILE A 1 55  ? 4.407   -3.229  1.186   1.00 22.84 ? 43  ILE A C   1 
ATOM   432  O  O   . ILE A 1 55  ? 3.925   -3.960  0.329   1.00 22.25 ? 43  ILE A O   1 
ATOM   433  C  CB  . ILE A 1 55  ? 5.373   -1.212  0.061   1.00 23.64 ? 43  ILE A CB  1 
ATOM   434  C  CG1 . ILE A 1 55  ? 6.671   -0.398  -0.132  1.00 25.29 ? 43  ILE A CG1 1 
ATOM   435  C  CG2 . ILE A 1 55  ? 4.231   -0.369  0.636   1.00 24.38 ? 43  ILE A CG2 1 
ATOM   436  C  CD1 . ILE A 1 55  ? 6.453   0.967   -0.781  1.00 26.44 ? 43  ILE A CD1 1 
ATOM   437  N  N   . PHE A 1 56  ? 3.878   -3.061  2.400   1.00 19.74 ? 44  PHE A N   1 
ATOM   438  C  CA  . PHE A 1 56  ? 2.539   -3.497  2.751   1.00 22.40 ? 44  PHE A CA  1 
ATOM   439  C  C   . PHE A 1 56  ? 1.696   -2.223  2.870   1.00 21.95 ? 44  PHE A C   1 
ATOM   440  O  O   . PHE A 1 56  ? 2.045   -1.326  3.651   1.00 23.47 ? 44  PHE A O   1 
ATOM   441  C  CB  . PHE A 1 56  ? 2.454   -4.194  4.102   1.00 23.18 ? 44  PHE A CB  1 
ATOM   442  C  CG  . PHE A 1 56  ? 3.230   -5.471  4.240   1.00 21.88 ? 44  PHE A CG  1 
ATOM   443  C  CD1 . PHE A 1 56  ? 3.794   -6.150  3.157   1.00 21.95 ? 44  PHE A CD1 1 
ATOM   444  C  CD2 . PHE A 1 56  ? 3.384   -6.029  5.523   1.00 26.71 ? 44  PHE A CD2 1 
ATOM   445  C  CE1 . PHE A 1 56  ? 4.509   -7.331  3.342   1.00 25.40 ? 44  PHE A CE1 1 
ATOM   446  C  CE2 . PHE A 1 56  ? 4.077   -7.199  5.704   1.00 26.89 ? 44  PHE A CE2 1 
ATOM   447  C  CZ  . PHE A 1 56  ? 4.638   -7.866  4.599   1.00 22.88 ? 44  PHE A CZ  1 
ATOM   448  N  N   . LEU A 1 57  ? 0.570   -2.157  2.167   1.00 21.72 ? 45  LEU A N   1 
ATOM   449  C  CA  . LEU A 1 57  ? -0.357  -1.073  2.359   1.00 21.51 ? 45  LEU A CA  1 
ATOM   450  C  C   . LEU A 1 57  ? -1.516  -1.647  3.187   1.00 22.48 ? 45  LEU A C   1 
ATOM   451  O  O   . LEU A 1 57  ? -2.375  -2.404  2.704   1.00 20.71 ? 45  LEU A O   1 
ATOM   452  C  CB  . LEU A 1 57  ? -0.815  -0.456  1.032   1.00 22.23 ? 45  LEU A CB  1 
ATOM   453  C  CG  . LEU A 1 57  ? -1.960  0.560   1.128   1.00 21.94 ? 45  LEU A CG  1 
ATOM   454  C  CD1 . LEU A 1 57  ? -1.536  1.742   2.043   1.00 24.24 ? 45  LEU A CD1 1 
ATOM   455  C  CD2 . LEU A 1 57  ? -2.318  1.026   -0.277  1.00 23.72 ? 45  LEU A CD2 1 
ATOM   456  N  N   . VAL A 1 58  ? -1.498  -1.298  4.466   1.00 20.45 ? 46  VAL A N   1 
ATOM   457  C  CA  . VAL A 1 58  ? -2.460  -1.775  5.438   1.00 18.73 ? 46  VAL A CA  1 
ATOM   458  C  C   . VAL A 1 58  ? -3.691  -0.856  5.375   1.00 20.91 ? 46  VAL A C   1 
ATOM   459  O  O   . VAL A 1 58  ? -3.577  0.368   5.529   1.00 21.21 ? 46  VAL A O   1 
ATOM   460  C  CB  . VAL A 1 58  ? -1.849  -1.805  6.841   1.00 19.41 ? 46  VAL A CB  1 
ATOM   461  C  CG1 . VAL A 1 58  ? -2.935  -2.240  7.886   1.00 21.88 ? 46  VAL A CG1 1 
ATOM   462  C  CG2 . VAL A 1 58  ? -0.631  -2.771  6.894   1.00 21.61 ? 46  VAL A CG2 1 
ATOM   463  N  N   . LEU A 1 59  ? -4.838  -1.470  5.140   1.00 21.71 ? 47  LEU A N   1 
ATOM   464  C  CA  . LEU A 1 59  ? -6.094  -0.771  4.871   1.00 22.04 ? 47  LEU A CA  1 
ATOM   465  C  C   . LEU A 1 59  ? -7.145  -0.842  5.998   1.00 20.17 ? 47  LEU A C   1 
ATOM   466  O  O   . LEU A 1 59  ? -8.297  -0.485  5.826   1.00 19.46 ? 47  LEU A O   1 
ATOM   467  C  CB  . LEU A 1 59  ? -6.667  -1.303  3.537   1.00 23.68 ? 47  LEU A CB  1 
ATOM   468  C  CG  . LEU A 1 59  ? -5.792  -1.068  2.316   1.00 26.19 ? 47  LEU A CG  1 
ATOM   469  C  CD1 . LEU A 1 59  ? -6.326  -1.813  1.078   1.00 26.86 ? 47  LEU A CD1 1 
ATOM   470  C  CD2 . LEU A 1 59  ? -5.752  0.410   2.044   1.00 23.12 ? 47  LEU A CD2 1 
ATOM   471  N  N   . SER A 1 60  ? -6.738  -1.291  7.190   1.00 20.60 ? 48  SER A N   1 
ATOM   472  C  CA  . SER A 1 60  ? -7.630  -1.454  8.308   1.00 20.80 ? 48  SER A CA  1 
ATOM   473  C  C   . SER A 1 60  ? -8.478  -0.226  8.628   1.00 20.34 ? 48  SER A C   1 
ATOM   474  O  O   . SER A 1 60  ? -9.650  -0.368  8.998   1.00 21.07 ? 48  SER A O   1 
ATOM   475  C  CB  . SER A 1 60  ? -6.808  -1.820  9.567   1.00 21.73 ? 48  SER A CB  1 
ATOM   476  O  OG  . SER A 1 60  ? -5.998  -2.956  9.320   1.00 22.81 ? 48  SER A OG  1 
ATOM   477  N  N   . ASP A 1 61  ? -7.878  0.964   8.468   1.00 19.74 ? 49  ASP A N   1 
ATOM   478  C  CA  . ASP A 1 61  ? -8.543  2.209   8.870   1.00 20.36 ? 49  ASP A CA  1 
ATOM   479  C  C   . ASP A 1 61  ? -8.987  3.027   7.658   1.00 22.64 ? 49  ASP A C   1 
ATOM   480  O  O   . ASP A 1 61  ? -9.391  4.168   7.822   1.00 28.20 ? 49  ASP A O   1 
ATOM   481  C  CB  . ASP A 1 61  ? -7.605  3.031   9.738   1.00 20.14 ? 49  ASP A CB  1 
ATOM   482  C  CG  . ASP A 1 61  ? -7.270  2.337   11.010  1.00 21.39 ? 49  ASP A CG  1 
ATOM   483  O  OD1 . ASP A 1 61  ? -8.188  1.893   11.690  1.00 20.30 ? 49  ASP A OD1 1 
ATOM   484  O  OD2 . ASP A 1 61  ? -6.072  2.212   11.322  1.00 31.85 ? 49  ASP A OD2 1 
ATOM   485  N  N   . VAL A 1 62  ? -8.948  2.428   6.476   1.00 20.67 ? 50  VAL A N   1 
ATOM   486  C  CA  . VAL A 1 62  ? -9.395  3.081   5.256   1.00 23.94 ? 50  VAL A CA  1 
ATOM   487  C  C   . VAL A 1 62  ? -10.838 2.636   4.953   1.00 24.59 ? 50  VAL A C   1 
ATOM   488  O  O   . VAL A 1 62  ? -11.060 1.489   4.612   1.00 26.33 ? 50  VAL A O   1 
ATOM   489  C  CB  . VAL A 1 62  ? -8.421  2.784   4.110   1.00 22.76 ? 50  VAL A CB  1 
ATOM   490  C  CG1 . VAL A 1 62  ? -8.973  3.417   2.780   1.00 25.22 ? 50  VAL A CG1 1 
ATOM   491  C  CG2 . VAL A 1 62  ? -6.999  3.353   4.421   1.00 23.89 ? 50  VAL A CG2 1 
ATOM   492  N  N   . GLU A 1 63  ? -11.824 3.528   5.104   1.00 26.58 ? 51  GLU A N   1 
ATOM   493  C  CA  . GLU A 1 63  ? -13.249 3.174   5.006   1.00 27.39 ? 51  GLU A CA  1 
ATOM   494  C  C   . GLU A 1 63  ? -13.717 2.789   3.604   1.00 24.81 ? 51  GLU A C   1 
ATOM   495  O  O   . GLU A 1 63  ? -14.519 1.870   3.428   1.00 25.01 ? 51  GLU A O   1 
ATOM   496  C  CB  . GLU A 1 63  ? -14.131 4.297   5.568   1.00 28.51 ? 51  GLU A CB  1 
ATOM   497  C  CG  . GLU A 1 63  ? -15.653 3.994   5.624   1.00 36.42 ? 51  GLU A CG  1 
ATOM   498  C  CD  . GLU A 1 63  ? -15.998 2.595   6.175   1.00 53.79 ? 51  GLU A CD  1 
ATOM   499  O  OE1 . GLU A 1 63  ? -15.412 2.193   7.214   1.00 53.37 ? 51  GLU A OE1 1 
ATOM   500  O  OE2 . GLU A 1 63  ? -16.856 1.906   5.559   1.00 58.02 ? 51  GLU A OE2 1 
ATOM   501  N  N   . SER A 1 64  ? -13.145 3.445   2.605   1.00 26.69 ? 52  SER A N   1 
ATOM   502  C  CA  . SER A 1 64  ? -13.489 3.204   1.215   1.00 27.34 ? 52  SER A CA  1 
ATOM   503  C  C   . SER A 1 64  ? -12.332 3.716   0.366   1.00 25.35 ? 52  SER A C   1 
ATOM   504  O  O   . SER A 1 64  ? -11.501 4.490   0.837   1.00 25.58 ? 52  SER A O   1 
ATOM   505  C  CB  . SER A 1 64  ? -14.765 3.953   0.824   1.00 26.93 ? 52  SER A CB  1 
ATOM   506  O  OG  . SER A 1 64  ? -14.528 5.344   0.811   1.00 32.78 ? 52  SER A OG  1 
ATOM   507  N  N   . ILE A 1 65  ? -12.267 3.249   -0.869  1.00 26.57 ? 53  ILE A N   1 
ATOM   508  C  CA  . ILE A 1 65  ? -11.339 3.807   -1.844  1.00 25.83 ? 53  ILE A CA  1 
ATOM   509  C  C   . ILE A 1 65  ? -12.116 4.261   -3.064  1.00 23.85 ? 53  ILE A C   1 
ATOM   510  O  O   . ILE A 1 65  ? -13.209 3.757   -3.358  1.00 26.26 ? 53  ILE A O   1 
ATOM   511  C  CB  . ILE A 1 65  ? -10.221 2.829   -2.280  1.00 26.40 ? 53  ILE A CB  1 
ATOM   512  C  CG1 . ILE A 1 65  ? -10.834 1.524   -2.785  1.00 27.88 ? 53  ILE A CG1 1 
ATOM   513  C  CG2 . ILE A 1 65  ? -9.183  2.602   -1.094  1.00 26.73 ? 53  ILE A CG2 1 
ATOM   514  C  CD1 . ILE A 1 65  ? -9.828  0.564   -3.507  1.00 26.60 ? 53  ILE A CD1 1 
ATOM   515  N  N   . ASP A 1 66  ? -11.533 5.219   -3.759  1.00 21.00 ? 54  ASP A N   1 
ATOM   516  C  CA  . ASP A 1 66  ? -12.104 5.788   -4.975  1.00 21.62 ? 54  ASP A CA  1 
ATOM   517  C  C   . ASP A 1 66  ? -11.135 5.610   -6.134  1.00 19.01 ? 54  ASP A C   1 
ATOM   518  O  O   . ASP A 1 66  ? -10.075 4.952   -5.989  1.00 21.74 ? 54  ASP A O   1 
ATOM   519  C  CB  . ASP A 1 66  ? -12.602 7.240   -4.730  1.00 21.39 ? 54  ASP A CB  1 
ATOM   520  C  CG  . ASP A 1 66  ? -11.479 8.305   -4.596  1.00 20.07 ? 54  ASP A CG  1 
ATOM   521  O  OD1 . ASP A 1 66  ? -10.309 8.007   -4.896  1.00 19.18 ? 54  ASP A OD1 1 
ATOM   522  O  OD2 . ASP A 1 66  ? -11.857 9.469   -4.210  1.00 22.06 ? 54  ASP A OD2 1 
ATOM   523  N  N   . SER A 1 67  ? -11.460 6.184   -7.299  1.00 20.20 ? 55  SER A N   1 
ATOM   524  C  CA  . SER A 1 67  ? -10.646 5.966   -8.484  1.00 19.93 ? 55  SER A CA  1 
ATOM   525  C  C   . SER A 1 67  ? -9.252  6.545   -8.319  1.00 19.58 ? 55  SER A C   1 
ATOM   526  O  O   . SER A 1 67  ? -8.285  6.008   -8.861  1.00 20.08 ? 55  SER A O   1 
ATOM   527  C  CB  . SER A 1 67  ? -11.320 6.539   -9.731  1.00 20.01 ? 55  SER A CB  1 
ATOM   528  O  OG  . SER A 1 67  ? -11.417 7.951   -9.688  1.00 20.17 ? 55  SER A OG  1 
ATOM   529  N  N   . PHE A 1 68  ? -9.146  7.640   -7.565  1.00 19.28 ? 56  PHE A N   1 
ATOM   530  C  CA  . PHE A 1 68  ? -7.848  8.257   -7.306  1.00 21.50 ? 56  PHE A CA  1 
ATOM   531  C  C   . PHE A 1 68  ? -6.993  7.442   -6.386  1.00 22.99 ? 56  PHE A C   1 
ATOM   532  O  O   . PHE A 1 68  ? -5.788  7.253   -6.670  1.00 26.04 ? 56  PHE A O   1 
ATOM   533  C  CB  . PHE A 1 68  ? -8.013  9.707   -6.775  1.00 21.13 ? 56  PHE A CB  1 
ATOM   534  C  CG  . PHE A 1 68  ? -8.244  10.718  -7.849  1.00 22.08 ? 56  PHE A CG  1 
ATOM   535  C  CD1 . PHE A 1 68  ? -9.384  10.678  -8.632  1.00 24.79 ? 56  PHE A CD1 1 
ATOM   536  C  CD2 . PHE A 1 68  ? -7.331  11.727  -8.060  1.00 24.04 ? 56  PHE A CD2 1 
ATOM   537  C  CE1 . PHE A 1 68  ? -9.576  11.598  -9.638  1.00 26.23 ? 56  PHE A CE1 1 
ATOM   538  C  CE2 . PHE A 1 68  ? -7.540  12.671  -9.036  1.00 21.72 ? 56  PHE A CE2 1 
ATOM   539  C  CZ  . PHE A 1 68  ? -8.656  12.611  -9.835  1.00 21.54 ? 56  PHE A CZ  1 
ATOM   540  N  N   . SER A 1 69  ? -7.563  6.868   -5.339  1.00 23.26 ? 57  SER A N   1 
ATOM   541  C  CA  . SER A 1 69  ? -6.732  6.015   -4.464  1.00 28.70 ? 57  SER A CA  1 
ATOM   542  C  C   . SER A 1 69  ? -6.367  4.717   -5.208  1.00 27.45 ? 57  SER A C   1 
ATOM   543  O  O   . SER A 1 69  ? -5.250  4.182   -5.062  1.00 26.84 ? 57  SER A O   1 
ATOM   544  C  CB  . SER A 1 69  ? -7.327  5.791   -3.067  1.00 37.90 ? 57  SER A CB  1 
ATOM   545  O  OG  . SER A 1 69  ? -8.747  5.783   -3.004  1.00 26.09 ? 57  SER A OG  1 
ATOM   546  N  N   . LEU A 1 70  ? -7.245  4.245   -6.083  1.00 24.96 ? 58  LEU A N   1 
ATOM   547  C  CA  . LEU A 1 70  ? -6.886  3.102   -6.918  1.00 26.64 ? 58  LEU A CA  1 
ATOM   548  C  C   . LEU A 1 70  ? -5.729  3.448   -7.847  1.00 24.12 ? 58  LEU A C   1 
ATOM   549  O  O   . LEU A 1 70  ? -4.814  2.643   -8.050  1.00 24.77 ? 58  LEU A O   1 
ATOM   550  C  CB  . LEU A 1 70  ? -8.042  2.619   -7.788  1.00 29.04 ? 58  LEU A CB  1 
ATOM   551  C  CG  . LEU A 1 70  ? -8.976  1.607   -7.196  1.00 34.53 ? 58  LEU A CG  1 
ATOM   552  C  CD1 . LEU A 1 70  ? -10.167 1.406   -8.174  1.00 35.33 ? 58  LEU A CD1 1 
ATOM   553  C  CD2 . LEU A 1 70  ? -8.219  0.284   -6.907  1.00 28.99 ? 58  LEU A CD2 1 
ATOM   554  N  N   . GLY A 1 71  ? -5.742  4.639   -8.439  1.00 24.44 ? 59  GLY A N   1 
ATOM   555  C  CA  . GLY A 1 71  ? -4.652  5.053   -9.303  1.00 25.62 ? 59  GLY A CA  1 
ATOM   556  C  C   . GLY A 1 71  ? -3.315  5.075   -8.568  1.00 25.34 ? 59  GLY A C   1 
ATOM   557  O  O   . GLY A 1 71  ? -2.280  4.666   -9.116  1.00 25.04 ? 59  GLY A O   1 
ATOM   558  N  N   . VAL A 1 72  ? -3.338  5.502   -7.314  1.00 27.24 ? 60  VAL A N   1 
ATOM   559  C  CA  . VAL A 1 72  ? -2.136  5.477   -6.470  1.00 26.66 ? 60  VAL A CA  1 
ATOM   560  C  C   . VAL A 1 72  ? -1.647  4.042   -6.226  1.00 24.26 ? 60  VAL A C   1 
ATOM   561  O  O   . VAL A 1 72  ? -0.449  3.737   -6.384  1.00 23.99 ? 60  VAL A O   1 
ATOM   562  C  CB  . VAL A 1 72  ? -2.302  6.296   -5.219  1.00 31.29 ? 60  VAL A CB  1 
ATOM   563  C  CG1 . VAL A 1 72  ? -1.124  6.041   -4.248  1.00 33.11 ? 60  VAL A CG1 1 
ATOM   564  C  CG2 . VAL A 1 72  ? -2.442  7.803   -5.663  1.00 30.72 ? 60  VAL A CG2 1 
ATOM   565  N  N   . ILE A 1 73  ? -2.572  3.143   -5.883  1.00 22.53 ? 61  ILE A N   1 
ATOM   566  C  CA  . ILE A 1 73  ? -2.239  1.740   -5.711  1.00 24.24 ? 61  ILE A CA  1 
ATOM   567  C  C   . ILE A 1 73  ? -1.599  1.161   -6.978  1.00 24.16 ? 61  ILE A C   1 
ATOM   568  O  O   . ILE A 1 73  ? -0.562  0.477   -6.927  1.00 23.00 ? 61  ILE A O   1 
ATOM   569  C  CB  . ILE A 1 73  ? -3.461  0.940   -5.283  1.00 25.38 ? 61  ILE A CB  1 
ATOM   570  C  CG1 . ILE A 1 73  ? -3.849  1.376   -3.863  1.00 27.84 ? 61  ILE A CG1 1 
ATOM   571  C  CG2 . ILE A 1 73  ? -3.213  -0.565  -5.367  1.00 26.02 ? 61  ILE A CG2 1 
ATOM   572  C  CD1 . ILE A 1 73  ? -5.176  0.786   -3.394  1.00 28.53 ? 61  ILE A CD1 1 
ATOM   573  N  N   . VAL A 1 74  ? -2.191  1.486   -8.122  1.00 22.56 ? 62  VAL A N   1 
ATOM   574  C  CA  . VAL A 1 74  ? -1.666  1.054   -9.397  1.00 22.66 ? 62  VAL A CA  1 
ATOM   575  C  C   . VAL A 1 74  ? -0.271  1.603   -9.641  1.00 22.13 ? 62  VAL A C   1 
ATOM   576  O  O   . VAL A 1 74  ? 0.587   0.884   -10.121 1.00 23.28 ? 62  VAL A O   1 
ATOM   577  C  CB  . VAL A 1 74  ? -2.654  1.376   -10.545 1.00 22.76 ? 62  VAL A CB  1 
ATOM   578  C  CG1 . VAL A 1 74  ? -1.974  1.255   -11.935 1.00 25.37 ? 62  VAL A CG1 1 
ATOM   579  C  CG2 . VAL A 1 74  ? -3.889  0.492   -10.434 1.00 24.05 ? 62  VAL A CG2 1 
ATOM   580  N  N   . ASN A 1 75  ? -0.053  2.884   -9.311  1.00 23.60 ? 63  ASN A N   1 
ATOM   581  C  CA  . ASN A 1 75  ? 1.263   3.464   -9.525  1.00 24.47 ? 63  ASN A CA  1 
ATOM   582  C  C   . ASN A 1 75  ? 2.321   2.790   -8.667  1.00 22.88 ? 63  ASN A C   1 
ATOM   583  O  O   . ASN A 1 75  ? 3.451   2.549   -9.114  1.00 22.17 ? 63  ASN A O   1 
ATOM   584  C  CB  . ASN A 1 75  ? 1.237   4.957   -9.238  1.00 26.66 ? 63  ASN A CB  1 
ATOM   585  C  CG  . ASN A 1 75  ? 0.642   5.751   -10.372 1.00 35.13 ? 63  ASN A CG  1 
ATOM   586  O  OD1 . ASN A 1 75  ? 0.796   5.405   -11.537 1.00 43.10 ? 63  ASN A OD1 1 
ATOM   587  N  ND2 . ASN A 1 75  ? -0.022  6.838   -10.021 1.00 41.24 ? 63  ASN A ND2 1 
ATOM   588  N  N   . ILE A 1 76  ? 1.984   2.496   -7.423  1.00 22.63 ? 64  ILE A N   1 
ATOM   589  C  CA  . ILE A 1 76  ? 2.896   1.774   -6.525  1.00 21.08 ? 64  ILE A CA  1 
ATOM   590  C  C   . ILE A 1 76  ? 3.196   0.361   -7.043  1.00 21.25 ? 64  ILE A C   1 
ATOM   591  O  O   . ILE A 1 76  ? 4.361   -0.091  -7.093  1.00 21.20 ? 64  ILE A O   1 
ATOM   592  C  CB  . ILE A 1 76  ? 2.345   1.709   -5.065  1.00 22.03 ? 64  ILE A CB  1 
ATOM   593  C  CG1 . ILE A 1 76  ? 2.275   3.107   -4.481  1.00 22.80 ? 64  ILE A CG1 1 
ATOM   594  C  CG2 . ILE A 1 76  ? 3.215   0.813   -4.148  1.00 22.67 ? 64  ILE A CG2 1 
ATOM   595  C  CD1 . ILE A 1 76  ? 1.435   3.173   -3.191  1.00 24.65 ? 64  ILE A CD1 1 
ATOM   596  N  N   . LEU A 1 77  ? 2.134   -0.302  -7.453  1.00 23.20 ? 65  LEU A N   1 
ATOM   597  C  CA  . LEU A 1 77  ? 2.249   -1.633  -8.002  1.00 22.92 ? 65  LEU A CA  1 
ATOM   598  C  C   . LEU A 1 77  ? 3.163   -1.670  -9.224  1.00 21.48 ? 65  LEU A C   1 
ATOM   599  O  O   . LEU A 1 77  ? 4.024   -2.554  -9.345  1.00 21.19 ? 65  LEU A O   1 
ATOM   600  C  CB  . LEU A 1 77  ? 0.870   -2.167  -8.385  1.00 22.34 ? 65  LEU A CB  1 
ATOM   601  C  CG  . LEU A 1 77  ? 0.846   -3.539  -9.034  1.00 27.11 ? 65  LEU A CG  1 
ATOM   602  C  CD1 . LEU A 1 77  ? 1.600   -4.643  -8.206  1.00 27.55 ? 65  LEU A CD1 1 
ATOM   603  C  CD2 . LEU A 1 77  ? -0.585  -3.936  -9.273  1.00 29.54 ? 65  LEU A CD2 1 
ATOM   604  N  N   . LYS A 1 78  ? 2.988   -0.698  -10.128 1.00 22.22 ? 66  LYS A N   1 
ATOM   605  C  CA  . LYS A 1 78  ? 3.816   -0.590  -11.324 1.00 23.33 ? 66  LYS A CA  1 
ATOM   606  C  C   . LYS A 1 78  ? 5.279   -0.398  -10.968 1.00 20.11 ? 66  LYS A C   1 
ATOM   607  O  O   . LYS A 1 78  ? 6.143   -1.052  -11.520 1.00 21.30 ? 66  LYS A O   1 
ATOM   608  C  CB  . LYS A 1 78  ? 3.341   0.572   -12.210 1.00 24.24 ? 66  LYS A CB  1 
ATOM   609  C  CG  . LYS A 1 78  ? 2.076   0.273   -12.979 1.00 26.02 ? 66  LYS A CG  1 
ATOM   610  C  CD  . LYS A 1 78  ? 1.427   1.561   -13.585 1.00 27.91 ? 66  LYS A CD  1 
ATOM   611  C  CE  . LYS A 1 78  ? 2.238   2.203   -14.672 1.00 36.12 ? 66  LYS A CE  1 
ATOM   612  N  NZ  . LYS A 1 78  ? 1.408   3.269   -15.370 1.00 38.06 ? 66  LYS A NZ  1 
ATOM   613  N  N   . SER A 1 79  ? 5.553   0.486   -10.009 1.00 21.00 ? 67  SER A N   1 
ATOM   614  C  CA  . SER A 1 79  ? 6.933   0.743   -9.620  1.00 22.06 ? 67  SER A CA  1 
ATOM   615  C  C   . SER A 1 79  ? 7.558   -0.518  -9.044  1.00 20.49 ? 67  SER A C   1 
ATOM   616  O  O   . SER A 1 79  ? 8.687   -0.905  -9.397  1.00 20.93 ? 67  SER A O   1 
ATOM   617  C  CB  . SER A 1 79  ? 6.995   1.869   -8.589  1.00 22.64 ? 67  SER A CB  1 
ATOM   618  O  OG  . SER A 1 79  ? 8.300   2.034   -8.104  1.00 22.22 ? 67  SER A OG  1 
ATOM   619  N  N   . ILE A 1 80  ? 6.833   -1.146  -8.114  1.00 21.15 ? 68  ILE A N   1 
ATOM   620  C  CA  . ILE A 1 80  ? 7.363   -2.323  -7.449  1.00 21.13 ? 68  ILE A CA  1 
ATOM   621  C  C   . ILE A 1 80  ? 7.548   -3.524  -8.420  1.00 21.67 ? 68  ILE A C   1 
ATOM   622  O  O   . ILE A 1 80  ? 8.564   -4.229  -8.370  1.00 22.51 ? 68  ILE A O   1 
ATOM   623  C  CB  . ILE A 1 80  ? 6.556   -2.692  -6.175  1.00 22.73 ? 68  ILE A CB  1 
ATOM   624  C  CG1 . ILE A 1 80  ? 6.779   -1.594  -5.123  1.00 23.47 ? 68  ILE A CG1 1 
ATOM   625  C  CG2 . ILE A 1 80  ? 6.968   -4.042  -5.643  1.00 21.61 ? 68  ILE A CG2 1 
ATOM   626  C  CD1 . ILE A 1 80  ? 5.973   -1.792  -3.811  1.00 23.23 ? 68  ILE A CD1 1 
ATOM   627  N  N   A SER A 1 81  ? 6.597   -3.715  -9.330  0.50 20.81 ? 69  SER A N   1 
ATOM   628  N  N   B SER A 1 81  ? 6.579   -3.732  -9.302  0.50 22.44 ? 69  SER A N   1 
ATOM   629  C  CA  A SER A 1 81  ? 6.712   -4.768  -10.337 0.50 19.18 ? 69  SER A CA  1 
ATOM   630  C  CA  B SER A 1 81  ? 6.675   -4.791  -10.298 0.50 22.46 ? 69  SER A CA  1 
ATOM   631  C  C   A SER A 1 81  ? 7.925   -4.522  -11.229 0.50 20.03 ? 69  SER A C   1 
ATOM   632  C  C   B SER A 1 81  ? 7.927   -4.594  -11.146 0.50 22.74 ? 69  SER A C   1 
ATOM   633  O  O   A SER A 1 81  ? 8.649   -5.455  -11.585 0.50 19.62 ? 69  SER A O   1 
ATOM   634  O  O   B SER A 1 81  ? 8.685   -5.531  -11.397 0.50 22.31 ? 69  SER A O   1 
ATOM   635  C  CB  A SER A 1 81  ? 5.439   -4.848  -11.171 0.50 19.04 ? 69  SER A CB  1 
ATOM   636  C  CB  B SER A 1 81  ? 5.422   -4.787  -11.164 0.50 22.27 ? 69  SER A CB  1 
ATOM   637  O  OG  A SER A 1 81  ? 5.536   -5.895  -12.129 0.50 16.66 ? 69  SER A OG  1 
ATOM   638  O  OG  B SER A 1 81  ? 4.270   -4.975  -10.364 0.50 27.93 ? 69  SER A OG  1 
ATOM   639  N  N   A SER A 1 82  ? 8.148   -3.256  -11.577 0.50 18.70 ? 70  SER A N   1 
ATOM   640  N  N   B SER A 1 82  ? 8.154   -3.350  -11.553 0.50 21.99 ? 70  SER A N   1 
ATOM   641  C  CA  A SER A 1 82  ? 9.279   -2.902  -12.441 0.50 18.33 ? 70  SER A CA  1 
ATOM   642  C  CA  B SER A 1 82  ? 9.281   -3.035  -12.428 0.50 21.46 ? 70  SER A CA  1 
ATOM   643  C  C   A SER A 1 82  ? 10.626  -3.211  -11.762 0.50 19.70 ? 70  SER A C   1 
ATOM   644  C  C   B SER A 1 82  ? 10.639  -3.249  -11.751 0.50 21.35 ? 70  SER A C   1 
ATOM   645  O  O   A SER A 1 82  ? 11.531  -3.726  -12.397 0.50 20.10 ? 70  SER A O   1 
ATOM   646  O  O   B SER A 1 82  ? 11.576  -3.720  -12.380 0.50 21.74 ? 70  SER A O   1 
ATOM   647  C  CB  A SER A 1 82  ? 9.189   -1.427  -12.858 0.50 17.35 ? 70  SER A CB  1 
ATOM   648  C  CB  B SER A 1 82  ? 9.147   -1.607  -12.943 0.50 21.00 ? 70  SER A CB  1 
ATOM   649  O  OG  A SER A 1 82  ? 10.209  -1.081  -13.798 0.50 17.18 ? 70  SER A OG  1 
ATOM   650  O  OG  B SER A 1 82  ? 8.035   -1.510  -13.810 0.50 30.70 ? 70  SER A OG  1 
ATOM   651  N  N   . SER A 1 83  ? 10.741  -2.909  -10.469 1.00 20.26 ? 71  SER A N   1 
ATOM   652  C  CA  . SER A 1 83  ? 11.991  -3.071  -9.719  1.00 21.57 ? 71  SER A CA  1 
ATOM   653  C  C   . SER A 1 83  ? 12.146  -4.473  -9.108  1.00 23.05 ? 71  SER A C   1 
ATOM   654  O  O   . SER A 1 83  ? 13.215  -4.824  -8.599  1.00 26.37 ? 71  SER A O   1 
ATOM   655  C  CB  . SER A 1 83  ? 12.095  -1.995  -8.632  1.00 22.01 ? 71  SER A CB  1 
ATOM   656  O  OG  . SER A 1 83  ? 11.150  -2.221  -7.614  1.00 22.11 ? 71  SER A OG  1 
ATOM   657  N  N   . GLY A 1 84  ? 11.107  -5.294  -9.184  1.00 22.00 ? 72  GLY A N   1 
ATOM   658  C  CA  . GLY A 1 84  ? 11.165  -6.646  -8.655  1.00 20.90 ? 72  GLY A CA  1 
ATOM   659  C  C   . GLY A 1 84  ? 11.029  -6.776  -7.154  1.00 24.98 ? 72  GLY A C   1 
ATOM   660  O  O   . GLY A 1 84  ? 11.593  -7.687  -6.536  1.00 25.60 ? 72  GLY A O   1 
ATOM   661  N  N   . GLY A 1 85  ? 10.241  -5.899  -6.566  1.00 24.96 ? 73  GLY A N   1 
ATOM   662  C  CA  . GLY A 1 85  ? 10.012  -5.929  -5.132  1.00 24.83 ? 73  GLY A CA  1 
ATOM   663  C  C   . GLY A 1 85  ? 8.796   -6.750  -4.769  1.00 23.94 ? 73  GLY A C   1 
ATOM   664  O  O   . GLY A 1 85  ? 8.397   -7.677  -5.487  1.00 26.13 ? 73  GLY A O   1 
ATOM   665  N  N   . PHE A 1 86  ? 8.197   -6.404  -3.634  1.00 23.26 ? 74  PHE A N   1 
ATOM   666  C  CA  . PHE A 1 86  ? 7.081   -7.127  -3.088  1.00 23.67 ? 74  PHE A CA  1 
ATOM   667  C  C   . PHE A 1 86  ? 6.032   -6.077  -2.683  1.00 22.39 ? 74  PHE A C   1 
ATOM   668  O  O   . PHE A 1 86  ? 6.335   -5.129  -1.959  1.00 23.85 ? 74  PHE A O   1 
ATOM   669  C  CB  . PHE A 1 86  ? 7.496   -7.969  -1.874  1.00 25.36 ? 74  PHE A CB  1 
ATOM   670  C  CG  . PHE A 1 86  ? 6.365   -8.773  -1.294  1.00 28.93 ? 74  PHE A CG  1 
ATOM   671  C  CD1 . PHE A 1 86  ? 5.526   -8.242  -0.337  1.00 30.74 ? 74  PHE A CD1 1 
ATOM   672  C  CD2 . PHE A 1 86  ? 6.100   -10.045 -1.757  1.00 37.09 ? 74  PHE A CD2 1 
ATOM   673  C  CE1 . PHE A 1 86  ? 4.466   -8.975  0.154   1.00 29.35 ? 74  PHE A CE1 1 
ATOM   674  C  CE2 . PHE A 1 86  ? 5.034   -10.778 -1.259  1.00 40.55 ? 74  PHE A CE2 1 
ATOM   675  C  CZ  . PHE A 1 86  ? 4.213   -10.233 -0.304  1.00 31.24 ? 74  PHE A CZ  1 
ATOM   676  N  N   . PHE A 1 87  ? 4.815   -6.201  -3.198  1.00 22.65 ? 75  PHE A N   1 
ATOM   677  C  CA  . PHE A 1 87  ? 3.722   -5.316  -2.788  1.00 24.15 ? 75  PHE A CA  1 
ATOM   678  C  C   . PHE A 1 87  ? 2.525   -6.139  -2.328  1.00 23.80 ? 75  PHE A C   1 
ATOM   679  O  O   . PHE A 1 87  ? 2.123   -7.112  -3.001  1.00 23.70 ? 75  PHE A O   1 
ATOM   680  C  CB  . PHE A 1 87  ? 3.321   -4.392  -3.952  1.00 23.50 ? 75  PHE A CB  1 
ATOM   681  C  CG  . PHE A 1 87  ? 2.308   -3.334  -3.594  1.00 21.71 ? 75  PHE A CG  1 
ATOM   682  C  CD1 . PHE A 1 87  ? 2.353   -2.638  -2.380  1.00 22.61 ? 75  PHE A CD1 1 
ATOM   683  C  CD2 . PHE A 1 87  ? 1.333   -2.952  -4.527  1.00 23.78 ? 75  PHE A CD2 1 
ATOM   684  C  CE1 . PHE A 1 87  ? 1.396   -1.634  -2.097  1.00 23.82 ? 75  PHE A CE1 1 
ATOM   685  C  CE2 . PHE A 1 87  ? 0.415   -1.936  -4.262  1.00 27.00 ? 75  PHE A CE2 1 
ATOM   686  C  CZ  . PHE A 1 87  ? 0.444   -1.281  -3.035  1.00 23.87 ? 75  PHE A CZ  1 
ATOM   687  N  N   . ALA A 1 88  ? 1.956   -5.792  -1.174  1.00 22.67 ? 76  ALA A N   1 
ATOM   688  C  CA  . ALA A 1 88  ? 0.716   -6.415  -0.746  1.00 20.68 ? 76  ALA A CA  1 
ATOM   689  C  C   . ALA A 1 88  ? -0.234  -5.439  -0.122  1.00 21.45 ? 76  ALA A C   1 
ATOM   690  O  O   . ALA A 1 88  ? 0.196   -4.490  0.523   1.00 22.81 ? 76  ALA A O   1 
ATOM   691  C  CB  . ALA A 1 88  ? 0.957   -7.549  0.270   1.00 22.88 ? 76  ALA A CB  1 
ATOM   692  N  N   . LEU A 1 89  ? -1.525  -5.677  -0.377  1.00 22.77 ? 77  LEU A N   1 
ATOM   693  C  CA  . LEU A 1 89  ? -2.598  -4.969  0.302   1.00 22.51 ? 77  LEU A CA  1 
ATOM   694  C  C   . LEU A 1 89  ? -2.985  -5.827  1.494   1.00 23.19 ? 77  LEU A C   1 
ATOM   695  O  O   . LEU A 1 89  ? -3.053  -7.044  1.388   1.00 24.22 ? 77  LEU A O   1 
ATOM   696  C  CB  . LEU A 1 89  ? -3.802  -4.738  -0.621  1.00 23.04 ? 77  LEU A CB  1 
ATOM   697  C  CG  . LEU A 1 89  ? -3.483  -4.040  -1.939  1.00 23.25 ? 77  LEU A CG  1 
ATOM   698  C  CD1 . LEU A 1 89  ? -4.729  -3.850  -2.803  1.00 25.20 ? 77  LEU A CD1 1 
ATOM   699  C  CD2 . LEU A 1 89  ? -2.776  -2.709  -1.704  1.00 22.79 ? 77  LEU A CD2 1 
ATOM   700  N  N   . VAL A 1 90  ? -3.227  -5.200  2.646   1.00 22.02 ? 78  VAL A N   1 
ATOM   701  C  CA  . VAL A 1 90  ? -3.503  -5.911  3.887   1.00 22.47 ? 78  VAL A CA  1 
ATOM   702  C  C   . VAL A 1 90  ? -4.752  -5.364  4.541   1.00 21.63 ? 78  VAL A C   1 
ATOM   703  O  O   . VAL A 1 90  ? -4.927  -4.138  4.662   1.00 22.38 ? 78  VAL A O   1 
ATOM   704  C  CB  . VAL A 1 90  ? -2.300  -5.828  4.880   1.00 20.56 ? 78  VAL A CB  1 
ATOM   705  C  CG1 . VAL A 1 90  ? -2.528  -6.714  6.078   1.00 19.17 ? 78  VAL A CG1 1 
ATOM   706  C  CG2 . VAL A 1 90  ? -1.003  -6.262  4.164   1.00 21.71 ? 78  VAL A CG2 1 
ATOM   707  N  N   . SER A 1 91  ? -5.621  -6.267  4.963   1.00 20.75 ? 79  SER A N   1 
ATOM   708  C  CA  . SER A 1 91  ? -6.846  -5.914  5.699   1.00 20.99 ? 79  SER A CA  1 
ATOM   709  C  C   . SER A 1 91  ? -7.851  -4.953  5.030   1.00 22.70 ? 79  SER A C   1 
ATOM   710  O  O   . SER A 1 91  ? -8.426  -4.095  5.699   1.00 22.41 ? 79  SER A O   1 
ATOM   711  C  CB  . SER A 1 91  ? -6.458  -5.390  7.110   1.00 22.48 ? 79  SER A CB  1 
ATOM   712  O  OG  . SER A 1 91  ? -5.470  -6.196  7.693   1.00 23.04 ? 79  SER A OG  1 
ATOM   713  N  N   . PRO A 1 92  ? -8.154  -5.151  3.719   1.00 21.58 ? 80  PRO A N   1 
ATOM   714  C  CA  . PRO A 1 92  ? -9.227  -4.344  3.149   1.00 22.69 ? 80  PRO A CA  1 
ATOM   715  C  C   . PRO A 1 92  ? -10.548 -4.707  3.799   1.00 22.52 ? 80  PRO A C   1 
ATOM   716  O  O   . PRO A 1 92  ? -10.847 -5.891  4.027   1.00 23.39 ? 80  PRO A O   1 
ATOM   717  C  CB  . PRO A 1 92  ? -9.218  -4.762  1.663   1.00 23.57 ? 80  PRO A CB  1 
ATOM   718  C  CG  . PRO A 1 92  ? -8.758  -6.171  1.703   1.00 22.19 ? 80  PRO A CG  1 
ATOM   719  C  CD  . PRO A 1 92  ? -7.654  -6.151  2.753   1.00 23.81 ? 80  PRO A CD  1 
ATOM   720  N  N   . ASN A 1 93  ? -11.352 -3.697  4.095   1.00 24.50 ? 81  ASN A N   1 
ATOM   721  C  CA  . ASN A 1 93  ? -12.697 -3.936  4.598   1.00 24.35 ? 81  ASN A CA  1 
ATOM   722  C  C   . ASN A 1 93  ? -13.602 -4.419  3.455   1.00 23.03 ? 81  ASN A C   1 
ATOM   723  O  O   . ASN A 1 93  ? -13.138 -4.620  2.325   1.00 23.67 ? 81  ASN A O   1 
ATOM   724  C  CB  . ASN A 1 93  ? -13.237 -2.707  5.336   1.00 27.36 ? 81  ASN A CB  1 
ATOM   725  C  CG  . ASN A 1 93  ? -13.652 -1.585  4.422   1.00 27.24 ? 81  ASN A CG  1 
ATOM   726  O  OD1 . ASN A 1 93  ? -13.759 -1.769  3.213   1.00 30.04 ? 81  ASN A OD1 1 
ATOM   727  N  ND2 . ASN A 1 93  ? -13.924 -0.424  4.995   1.00 30.13 ? 81  ASN A ND2 1 
ATOM   728  N  N   . GLU A 1 94  ? -14.892 -4.610  3.709   1.00 26.36 ? 82  GLU A N   1 
ATOM   729  C  CA  . GLU A 1 94  ? -15.724 -5.245  2.678   1.00 29.09 ? 82  GLU A CA  1 
ATOM   730  C  C   . GLU A 1 94  ? -15.988 -4.350  1.476   1.00 25.59 ? 82  GLU A C   1 
ATOM   731  O  O   . GLU A 1 94  ? -15.925 -4.816  0.345   1.00 25.65 ? 82  GLU A O   1 
ATOM   732  C  CB  . GLU A 1 94  ? -16.993 -5.879  3.261   1.00 31.67 ? 82  GLU A CB  1 
ATOM   733  C  CG  . GLU A 1 94  ? -18.021 -4.962  3.789   1.00 42.03 ? 82  GLU A CG  1 
ATOM   734  C  CD  . GLU A 1 94  ? -19.257 -5.742  4.229   1.00 37.79 ? 82  GLU A CD  1 
ATOM   735  O  OE1 . GLU A 1 94  ? -20.128 -6.013  3.362   1.00 47.25 ? 82  GLU A OE1 1 
ATOM   736  O  OE2 . GLU A 1 94  ? -19.322 -6.111  5.432   1.00 54.92 ? 82  GLU A OE2 1 
ATOM   737  N  N   A LYS A 1 95  ? -16.214 -3.067  1.731   0.50 25.95 ? 83  LYS A N   1 
ATOM   738  N  N   B LYS A 1 95  ? -16.229 -3.064  1.717   0.50 25.98 ? 83  LYS A N   1 
ATOM   739  C  CA  A LYS A 1 95  ? -16.400 -2.062  0.681   0.50 27.75 ? 83  LYS A CA  1 
ATOM   740  C  CA  B LYS A 1 95  ? -16.400 -2.087  0.633   0.50 27.85 ? 83  LYS A CA  1 
ATOM   741  C  C   A LYS A 1 95  ? -15.153 -1.956  -0.225  0.50 26.85 ? 83  LYS A C   1 
ATOM   742  C  C   B LYS A 1 95  ? -15.140 -1.987  -0.245  0.50 26.81 ? 83  LYS A C   1 
ATOM   743  O  O   A LYS A 1 95  ? -15.249 -1.890  -1.465  0.50 28.04 ? 83  LYS A O   1 
ATOM   744  O  O   B LYS A 1 95  ? -15.213 -1.949  -1.489  0.50 27.62 ? 83  LYS A O   1 
ATOM   745  C  CB  A LYS A 1 95  ? -16.687 -0.711  1.343   0.50 28.28 ? 83  LYS A CB  1 
ATOM   746  C  CB  B LYS A 1 95  ? -16.715 -0.704  1.208   0.50 28.29 ? 83  LYS A CB  1 
ATOM   747  C  CG  A LYS A 1 95  ? -17.247 0.369   0.431   0.50 30.91 ? 83  LYS A CG  1 
ATOM   748  C  CG  B LYS A 1 95  ? -18.114 -0.547  1.791   0.50 28.98 ? 83  LYS A CG  1 
ATOM   749  C  CD  A LYS A 1 95  ? -17.471 1.668   1.203   0.50 28.09 ? 83  LYS A CD  1 
ATOM   750  C  CD  B LYS A 1 95  ? -18.328 0.861   2.343   0.50 29.55 ? 83  LYS A CD  1 
ATOM   751  N  N   . VAL A 1 96  ? -13.979 -1.925  0.397   1.00 25.77 ? 84  VAL A N   1 
ATOM   752  C  CA  . VAL A 1 96  ? -12.728 -1.857  -0.339  1.00 24.35 ? 84  VAL A CA  1 
ATOM   753  C  C   . VAL A 1 96  ? -12.491 -3.166  -1.096  1.00 21.90 ? 84  VAL A C   1 
ATOM   754  O  O   . VAL A 1 96  ? -12.139 -3.144  -2.283  1.00 22.90 ? 84  VAL A O   1 
ATOM   755  C  CB  . VAL A 1 96  ? -11.547 -1.499  0.618   1.00 22.16 ? 84  VAL A CB  1 
ATOM   756  C  CG1 . VAL A 1 96  ? -10.179 -1.613  -0.106  1.00 24.31 ? 84  VAL A CG1 1 
ATOM   757  C  CG2 . VAL A 1 96  ? -11.772 -0.073  1.193   1.00 25.70 ? 84  VAL A CG2 1 
ATOM   758  N  N   . GLU A 1 97  ? -12.681 -4.300  -0.452  1.00 23.75 ? 85  GLU A N   1 
ATOM   759  C  CA  . GLU A 1 97  ? -12.474 -5.569  -1.138  1.00 24.98 ? 85  GLU A CA  1 
ATOM   760  C  C   . GLU A 1 97  ? -13.405 -5.739  -2.354  1.00 25.79 ? 85  GLU A C   1 
ATOM   761  O  O   . GLU A 1 97  ? -13.030 -6.373  -3.337  1.00 27.59 ? 85  GLU A O   1 
ATOM   762  C  CB  . GLU A 1 97  ? -12.649 -6.756  -0.179  1.00 27.71 ? 85  GLU A CB  1 
ATOM   763  C  CG  . GLU A 1 97  ? -12.583 -8.118  -0.885  1.00 31.70 ? 85  GLU A CG  1 
ATOM   764  C  CD  . GLU A 1 97  ? -11.312 -8.297  -1.753  1.00 51.71 ? 85  GLU A CD  1 
ATOM   765  O  OE1 . GLU A 1 97  ? -10.215 -7.926  -1.260  1.00 55.24 ? 85  GLU A OE1 1 
ATOM   766  O  OE2 . GLU A 1 97  ? -11.412 -8.791  -2.926  1.00 53.02 ? 85  GLU A OE2 1 
ATOM   767  N  N   . ARG A 1 98  ? -14.623 -5.192  -2.276  1.00 25.19 ? 86  ARG A N   1 
ATOM   768  C  CA  . ARG A 1 98  ? -15.550 -5.253  -3.414  1.00 25.76 ? 86  ARG A CA  1 
ATOM   769  C  C   . ARG A 1 98  ? -14.990 -4.490  -4.610  1.00 23.56 ? 86  ARG A C   1 
ATOM   770  O  O   . ARG A 1 98  ? -15.048 -4.962  -5.748  1.00 25.30 ? 86  ARG A O   1 
ATOM   771  C  CB  . ARG A 1 98  ? -16.914 -4.701  -3.000  1.00 24.76 ? 86  ARG A CB  1 
ATOM   772  C  CG  . ARG A 1 98  ? -18.016 -4.824  -4.031  1.00 29.92 ? 86  ARG A CG  1 
ATOM   773  C  CD  . ARG A 1 98  ? -19.380 -4.587  -3.377  1.00 35.65 ? 86  ARG A CD  1 
ATOM   774  N  NE  . ARG A 1 98  ? -19.727 -5.671  -2.436  1.00 48.34 ? 86  ARG A NE  1 
ATOM   775  C  CZ  . ARG A 1 98  ? -19.791 -5.584  -1.097  1.00 50.72 ? 86  ARG A CZ  1 
ATOM   776  N  NH1 . ARG A 1 98  ? -19.556 -4.446  -0.435  1.00 51.61 ? 86  ARG A NH1 1 
ATOM   777  N  NH2 . ARG A 1 98  ? -20.105 -6.667  -0.397  1.00 51.34 ? 86  ARG A NH2 1 
ATOM   778  N  N   . VAL A 1 99  ? -14.386 -3.324  -4.344  1.00 23.08 ? 87  VAL A N   1 
ATOM   779  C  CA  . VAL A 1 99  ? -13.760 -2.545  -5.413  1.00 23.25 ? 87  VAL A CA  1 
ATOM   780  C  C   . VAL A 1 99  ? -12.558 -3.318  -5.969  1.00 22.79 ? 87  VAL A C   1 
ATOM   781  O  O   . VAL A 1 99  ? -12.377 -3.366  -7.191  1.00 24.35 ? 87  VAL A O   1 
ATOM   782  C  CB  . VAL A 1 99  ? -13.391 -1.125  -4.963  1.00 27.05 ? 87  VAL A CB  1 
ATOM   783  C  CG1 . VAL A 1 99  ? -12.416 -0.450  -5.972  1.00 22.62 ? 87  VAL A CG1 1 
ATOM   784  C  CG2 . VAL A 1 99  ? -14.677 -0.312  -4.733  1.00 24.05 ? 87  VAL A CG2 1 
ATOM   785  N  N   . LEU A 1 100 ? -11.744 -3.912  -5.080  1.00 23.63 ? 88  LEU A N   1 
ATOM   786  C  CA  . LEU A 1 100 ? -10.530 -4.653  -5.500  1.00 22.57 ? 88  LEU A CA  1 
ATOM   787  C  C   . LEU A 1 100 ? -10.902 -5.837  -6.389  1.00 22.53 ? 88  LEU A C   1 
ATOM   788  O  O   . LEU A 1 100 ? -10.202 -6.156  -7.328  1.00 23.47 ? 88  LEU A O   1 
ATOM   789  C  CB  . LEU A 1 100 ? -9.721  -5.119  -4.279  1.00 22.90 ? 88  LEU A CB  1 
ATOM   790  C  CG  . LEU A 1 100 ? -9.098  -4.041  -3.391  1.00 22.85 ? 88  LEU A CG  1 
ATOM   791  C  CD1 . LEU A 1 100 ? -8.416  -4.683  -2.144  1.00 25.30 ? 88  LEU A CD1 1 
ATOM   792  C  CD2 . LEU A 1 100 ? -8.113  -3.134  -4.149  1.00 24.33 ? 88  LEU A CD2 1 
ATOM   793  N  N   . SER A 1 101 ? -12.019 -6.479  -6.062  1.00 22.47 ? 89  SER A N   1 
ATOM   794  C  CA  . SER A 1 101 ? -12.558 -7.599  -6.854  1.00 23.46 ? 89  SER A CA  1 
ATOM   795  C  C   . SER A 1 101 ? -13.109 -7.176  -8.217  1.00 25.42 ? 89  SER A C   1 
ATOM   796  O  O   . SER A 1 101 ? -12.760 -7.744  -9.254  1.00 25.99 ? 89  SER A O   1 
ATOM   797  C  CB  . SER A 1 101 ? -13.663 -8.293  -6.057  1.00 25.56 ? 89  SER A CB  1 
ATOM   798  O  OG  . SER A 1 101 ? -14.212 -9.393  -6.755  1.00 29.78 ? 89  SER A OG  1 
ATOM   799  N  N   . LEU A 1 102 ? -13.994 -6.187  -8.195  1.00 24.45 ? 90  LEU A N   1 
ATOM   800  C  CA  . LEU A 1 102 ? -14.646 -5.761  -9.410  1.00 23.57 ? 90  LEU A CA  1 
ATOM   801  C  C   . LEU A 1 102 ? -13.671 -5.134  -10.411 1.00 24.38 ? 90  LEU A C   1 
ATOM   802  O  O   . LEU A 1 102 ? -13.933 -5.178  -11.630 1.00 26.68 ? 90  LEU A O   1 
ATOM   803  C  CB  . LEU A 1 102 ? -15.832 -4.836  -9.123  1.00 25.35 ? 90  LEU A CB  1 
ATOM   804  C  CG  . LEU A 1 102 ? -17.098 -5.451  -8.560  1.00 30.80 ? 90  LEU A CG  1 
ATOM   805  C  CD1 . LEU A 1 102 ? -18.154 -4.343  -8.380  1.00 31.72 ? 90  LEU A CD1 1 
ATOM   806  C  CD2 . LEU A 1 102 ? -17.618 -6.561  -9.465  1.00 33.49 ? 90  LEU A CD2 1 
ATOM   807  N  N   . THR A 1 103 ? -12.567 -4.562  -9.942  1.00 21.16 ? 91  THR A N   1 
ATOM   808  C  CA  . THR A 1 103 ? -11.555 -3.999  -10.833 1.00 23.39 ? 91  THR A CA  1 
ATOM   809  C  C   . THR A 1 103 ? -10.414 -4.980  -11.132 1.00 22.57 ? 91  THR A C   1 
ATOM   810  O  O   . THR A 1 103 ? -9.439  -4.610  -11.751 1.00 24.41 ? 91  THR A O   1 
ATOM   811  C  CB  . THR A 1 103 ? -10.938 -2.725  -10.224 1.00 24.69 ? 91  THR A CB  1 
ATOM   812  O  OG1 . THR A 1 103 ? -10.204 -3.069  -9.028  1.00 22.96 ? 91  THR A OG1 1 
ATOM   813  C  CG2 . THR A 1 103 ? -12.011 -1.689  -9.878  1.00 22.12 ? 91  THR A CG2 1 
ATOM   814  N  N   . ASN A 1 104 ? -10.570 -6.224  -10.671 1.00 22.16 ? 92  ASN A N   1 
ATOM   815  C  CA  . ASN A 1 104 ? -9.625  -7.324  -10.924 1.00 24.66 ? 92  ASN A CA  1 
ATOM   816  C  C   . ASN A 1 104 ? -8.247  -7.128  -10.281 1.00 24.44 ? 92  ASN A C   1 
ATOM   817  O  O   . ASN A 1 104 ? -7.309  -7.875  -10.577 1.00 24.05 ? 92  ASN A O   1 
ATOM   818  C  CB  . ASN A 1 104 ? -9.495  -7.625  -12.428 1.00 25.70 ? 92  ASN A CB  1 
ATOM   819  C  CG  . ASN A 1 104 ? -10.639 -8.456  -12.967 1.00 34.31 ? 92  ASN A CG  1 
ATOM   820  O  OD1 . ASN A 1 104 ? -11.632 -8.706  -12.292 1.00 34.34 ? 92  ASN A OD1 1 
ATOM   821  N  ND2 . ASN A 1 104 ? -10.515 -8.854  -14.222 1.00 40.92 ? 92  ASN A ND2 1 
ATOM   822  N  N   . LEU A 1 105 ? -8.127  -6.139  -9.392  1.00 23.93 ? 93  LEU A N   1 
ATOM   823  C  CA  . LEU A 1 105 ? -6.862  -5.893  -8.747  1.00 22.90 ? 93  LEU A CA  1 
ATOM   824  C  C   . LEU A 1 105 ? -6.449  -7.103  -7.894  1.00 23.40 ? 93  LEU A C   1 
ATOM   825  O  O   . LEU A 1 105 ? -5.273  -7.421  -7.780  1.00 24.87 ? 93  LEU A O   1 
ATOM   826  C  CB  . LEU A 1 105 ? -6.933  -4.597  -7.946  1.00 27.06 ? 93  LEU A CB  1 
ATOM   827  C  CG  . LEU A 1 105 ? -5.722  -3.837  -7.517  1.00 32.27 ? 93  LEU A CG  1 
ATOM   828  C  CD1 . LEU A 1 105 ? -4.519  -3.908  -8.424  1.00 26.80 ? 93  LEU A CD1 1 
ATOM   829  C  CD2 . LEU A 1 105 ? -6.235  -2.377  -7.236  1.00 28.18 ? 93  LEU A CD2 1 
ATOM   830  N  N   . ASP A 1 106 ? -7.437  -7.817  -7.355  1.00 22.69 ? 94  ASP A N   1 
ATOM   831  C  CA  . ASP A 1 106 ? -7.163  -9.029  -6.600  1.00 25.06 ? 94  ASP A CA  1 
ATOM   832  C  C   . ASP A 1 106 ? -6.565  -10.189 -7.403  1.00 23.70 ? 94  ASP A C   1 
ATOM   833  O  O   . ASP A 1 106 ? -6.107  -11.182 -6.828  1.00 27.33 ? 94  ASP A O   1 
ATOM   834  C  CB  . ASP A 1 106 ? -8.380  -9.467  -5.783  1.00 28.09 ? 94  ASP A CB  1 
ATOM   835  C  CG  . ASP A 1 106 ? -9.573  -9.874  -6.631  1.00 28.97 ? 94  ASP A CG  1 
ATOM   836  O  OD1 . ASP A 1 106 ? -9.543  -9.802  -7.887  1.00 29.20 ? 94  ASP A OD1 1 
ATOM   837  O  OD2 . ASP A 1 106 ? -10.585 -10.237 -6.004  1.00 33.22 ? 94  ASP A OD2 1 
ATOM   838  N  N   . ARG A 1 107 ? -6.546  -10.054 -8.738  1.00 22.25 ? 95  ARG A N   1 
ATOM   839  C  CA  . ARG A 1 107 ? -5.858  -10.987 -9.628  1.00 23.58 ? 95  ARG A CA  1 
ATOM   840  C  C   . ARG A 1 107 ? -4.371  -10.663 -9.854  1.00 22.79 ? 95  ARG A C   1 
ATOM   841  O  O   . ARG A 1 107 ? -3.627  -11.520 -10.322 1.00 24.58 ? 95  ARG A O   1 
ATOM   842  C  CB  . ARG A 1 107 ? -6.586  -11.086 -10.984 1.00 23.65 ? 95  ARG A CB  1 
ATOM   843  C  CG  . ARG A 1 107 ? -8.032  -11.519 -10.837 1.00 29.53 ? 95  ARG A CG  1 
ATOM   844  C  CD  . ARG A 1 107 ? -8.770  -11.473 -12.179 1.00 35.33 ? 95  ARG A CD  1 
ATOM   845  N  NE  . ARG A 1 107 ? -10.202 -11.726 -12.000 1.00 49.19 ? 95  ARG A NE  1 
ATOM   846  C  CZ  . ARG A 1 107 ? -11.052 -12.000 -12.997 1.00 52.80 ? 95  ARG A CZ  1 
ATOM   847  N  NH1 . ARG A 1 107 ? -10.634 -12.068 -14.264 1.00 52.39 ? 95  ARG A NH1 1 
ATOM   848  N  NH2 . ARG A 1 107 ? -12.335 -12.211 -12.719 1.00 52.83 ? 95  ARG A NH2 1 
ATOM   849  N  N   . ILE A 1 108 ? -3.944  -9.443  -9.547  1.00 23.22 ? 96  ILE A N   1 
ATOM   850  C  CA  . ILE A 1 108 ? -2.603  -8.965  -9.866  1.00 22.93 ? 96  ILE A CA  1 
ATOM   851  C  C   . ILE A 1 108 ? -1.764  -8.436  -8.690  1.00 26.99 ? 96  ILE A C   1 
ATOM   852  O  O   . ILE A 1 108 ? -0.596  -8.096  -8.884  1.00 28.49 ? 96  ILE A O   1 
ATOM   853  C  CB  . ILE A 1 108 ? -2.645  -7.908  -11.000 1.00 23.23 ? 96  ILE A CB  1 
ATOM   854  C  CG1 . ILE A 1 108 ? -3.451  -6.666  -10.630 1.00 28.67 ? 96  ILE A CG1 1 
ATOM   855  C  CG2 . ILE A 1 108 ? -3.215  -8.556  -12.320 1.00 23.63 ? 96  ILE A CG2 1 
ATOM   856  C  CD1 . ILE A 1 108 ? -3.196  -5.423  -11.585 1.00 27.20 ? 96  ILE A CD1 1 
ATOM   857  N  N   . VAL A 1 109 ? -2.361  -8.328  -7.503  1.00 24.58 ? 97  VAL A N   1 
ATOM   858  C  CA  . VAL A 1 109 ? -1.623  -7.937  -6.301  1.00 23.21 ? 97  VAL A CA  1 
ATOM   859  C  C   . VAL A 1 109 ? -2.065  -8.874  -5.175  1.00 24.03 ? 97  VAL A C   1 
ATOM   860  O  O   . VAL A 1 109 ? -3.234  -9.249  -5.058  1.00 24.46 ? 97  VAL A O   1 
ATOM   861  C  CB  . VAL A 1 109 ? -1.824  -6.440  -5.945  1.00 22.94 ? 97  VAL A CB  1 
ATOM   862  C  CG1 . VAL A 1 109 ? -3.234  -6.171  -5.506  1.00 23.73 ? 97  VAL A CG1 1 
ATOM   863  C  CG2 . VAL A 1 109 ? -0.814  -5.982  -4.852  1.00 26.34 ? 97  VAL A CG2 1 
ATOM   864  N  N   . LYS A 1 110 ? -1.090  -9.271  -4.361  1.00 22.12 ? 98  LYS A N   1 
ATOM   865  C  CA  . LYS A 1 110 ? -1.339  -10.082 -3.180  1.00 24.02 ? 98  LYS A CA  1 
ATOM   866  C  C   . LYS A 1 110 ? -2.144  -9.291  -2.177  1.00 22.30 ? 98  LYS A C   1 
ATOM   867  O  O   . LYS A 1 110 ? -1.903  -8.110  -1.969  1.00 22.55 ? 98  LYS A O   1 
ATOM   868  C  CB  . LYS A 1 110 ? -0.029  -10.546 -2.534  1.00 26.77 ? 98  LYS A CB  1 
ATOM   869  C  CG  . LYS A 1 110 ? 0.714   -11.587 -3.332  1.00 33.56 ? 98  LYS A CG  1 
ATOM   870  C  CD  . LYS A 1 110 ? 0.036   -12.953 -3.231  1.00 38.26 ? 98  LYS A CD  1 
ATOM   871  N  N   . ILE A 1 111 ? -3.131  -9.956  -1.610  1.00 23.98 ? 99  ILE A N   1 
ATOM   872  C  CA  . ILE A 1 111 ? -3.996  -9.379  -0.594  1.00 23.99 ? 99  ILE A CA  1 
ATOM   873  C  C   . ILE A 1 111 ? -4.095  -10.345 0.566   1.00 25.20 ? 99  ILE A C   1 
ATOM   874  O  O   . ILE A 1 111 ? -4.361  -11.555 0.378   1.00 27.90 ? 99  ILE A O   1 
ATOM   875  C  CB  . ILE A 1 111 ? -5.416  -9.111  -1.125  1.00 25.17 ? 99  ILE A CB  1 
ATOM   876  C  CG1 . ILE A 1 111 ? -5.412  -8.147  -2.318  1.00 24.11 ? 99  ILE A CG1 1 
ATOM   877  C  CG2 . ILE A 1 111 ? -6.309  -8.612  0.017   1.00 30.62 ? 99  ILE A CG2 1 
ATOM   878  C  CD1 . ILE A 1 111 ? -6.775  -8.028  -3.012  1.00 28.14 ? 99  ILE A CD1 1 
ATOM   879  N  N   . TYR A 1 112 ? -3.826  -9.843  1.777   1.00 22.03 ? 100 TYR A N   1 
ATOM   880  C  CA  . TYR A 1 112 ? -3.821  -10.674 2.956   1.00 22.54 ? 100 TYR A CA  1 
ATOM   881  C  C   . TYR A 1 112 ? -4.745  -10.087 3.988   1.00 22.64 ? 100 TYR A C   1 
ATOM   882  O  O   . TYR A 1 112 ? -4.889  -8.883  4.087   1.00 24.81 ? 100 TYR A O   1 
ATOM   883  C  CB  . TYR A 1 112 ? -2.417  -10.811 3.561   1.00 23.04 ? 100 TYR A CB  1 
ATOM   884  C  CG  . TYR A 1 112 ? -1.405  -11.422 2.625   1.00 27.28 ? 100 TYR A CG  1 
ATOM   885  C  CD1 . TYR A 1 112 ? -1.381  -12.789 2.393   1.00 30.70 ? 100 TYR A CD1 1 
ATOM   886  C  CD2 . TYR A 1 112 ? -0.477  -10.630 1.959   1.00 25.11 ? 100 TYR A CD2 1 
ATOM   887  C  CE1 . TYR A 1 112 ? -0.460  -13.344 1.514   1.00 30.67 ? 100 TYR A CE1 1 
ATOM   888  C  CE2 . TYR A 1 112 ? 0.437   -11.174 1.076   1.00 27.32 ? 100 TYR A CE2 1 
ATOM   889  C  CZ  . TYR A 1 112 ? 0.444   -12.525 0.864   1.00 31.01 ? 100 TYR A CZ  1 
ATOM   890  O  OH  . TYR A 1 112 ? 1.350   -13.050 -0.017  1.00 34.18 ? 100 TYR A OH  1 
ATOM   891  N  N   . ASP A 1 113 ? -5.310  -10.955 4.813   1.00 20.76 ? 101 ASP A N   1 
ATOM   892  C  CA  . ASP A 1 113 ? -6.225  -10.533 5.870   1.00 23.94 ? 101 ASP A CA  1 
ATOM   893  C  C   . ASP A 1 113 ? -5.479  -9.830  7.003   1.00 24.74 ? 101 ASP A C   1 
ATOM   894  O  O   . ASP A 1 113 ? -6.048  -8.941  7.638   1.00 24.76 ? 101 ASP A O   1 
ATOM   895  C  CB  . ASP A 1 113 ? -6.988  -11.706 6.461   1.00 25.21 ? 101 ASP A CB  1 
ATOM   896  C  CG  . ASP A 1 113 ? -8.076  -12.240 5.555   1.00 30.62 ? 101 ASP A CG  1 
ATOM   897  O  OD1 . ASP A 1 113 ? -8.507  -11.546 4.606   1.00 36.33 ? 101 ASP A OD1 1 
ATOM   898  O  OD2 . ASP A 1 113 ? -8.517  -13.376 5.840   1.00 38.34 ? 101 ASP A OD2 1 
ATOM   899  N  N   . THR A 1 114 ? -4.224  -10.216 7.233   1.00 21.12 ? 102 THR A N   1 
ATOM   900  C  CA  . THR A 1 114 ? -3.449  -9.745  8.387   1.00 21.76 ? 102 THR A CA  1 
ATOM   901  C  C   . THR A 1 114 ? -1.973  -9.537  8.063   1.00 21.21 ? 102 THR A C   1 
ATOM   902  O  O   . THR A 1 114 ? -1.447  -10.104 7.102   1.00 20.85 ? 102 THR A O   1 
ATOM   903  C  CB  . THR A 1 114 ? -3.520  -10.709 9.598   1.00 21.65 ? 102 THR A CB  1 
ATOM   904  O  OG1 . THR A 1 114 ? -2.725  -11.888 9.350   1.00 23.18 ? 102 THR A OG1 1 
ATOM   905  C  CG2 . THR A 1 114 ? -4.984  -11.110 9.908   1.00 21.49 ? 102 THR A CG2 1 
ATOM   906  N  N   . ILE A 1 115 ? -1.334  -8.691  8.857   1.00 21.95 ? 103 ILE A N   1 
ATOM   907  C  CA  . ILE A 1 115 ? 0.056   -8.363  8.692   1.00 21.38 ? 103 ILE A CA  1 
ATOM   908  C  C   . ILE A 1 115 ? 0.953   -9.614  8.883   1.00 23.81 ? 103 ILE A C   1 
ATOM   909  O  O   . ILE A 1 115 ? 1.899   -9.795  8.117   1.00 24.01 ? 103 ILE A O   1 
ATOM   910  C  CB  . ILE A 1 115 ? 0.490   -7.187  9.652   1.00 21.11 ? 103 ILE A CB  1 
ATOM   911  C  CG1 . ILE A 1 115 ? -0.227  -5.899  9.243   1.00 20.01 ? 103 ILE A CG1 1 
ATOM   912  C  CG2 . ILE A 1 115 ? 2.018   -7.016  9.644   1.00 22.13 ? 103 ILE A CG2 1 
ATOM   913  C  CD1 . ILE A 1 115 ? 0.016   -4.687  10.218  1.00 20.98 ? 103 ILE A CD1 1 
ATOM   914  N  N   . SER A 1 116 ? 0.626   -10.504 9.813   1.00 25.12 ? 104 SER A N   1 
ATOM   915  C  CA  . SER A 1 116 ? 1.493   -11.682 10.028  1.00 26.39 ? 104 SER A CA  1 
ATOM   916  C  C   . SER A 1 116 ? 1.462   -12.583 8.811   1.00 25.37 ? 104 SER A C   1 
ATOM   917  O  O   . SER A 1 116 ? 2.487   -13.123 8.406   1.00 27.00 ? 104 SER A O   1 
ATOM   918  C  CB  . SER A 1 116 ? 1.147   -12.418 11.334  1.00 27.24 ? 104 SER A CB  1 
ATOM   919  O  OG  . SER A 1 116 ? -0.228  -12.757 11.382  1.00 35.09 ? 104 SER A OG  1 
ATOM   920  N  N   . GLU A 1 117 ? 0.305   -12.712 8.181   1.00 24.60 ? 105 GLU A N   1 
ATOM   921  C  CA  . GLU A 1 117 ? 0.213   -13.486 6.944   1.00 27.61 ? 105 GLU A CA  1 
ATOM   922  C  C   . GLU A 1 117 ? 1.094   -12.906 5.843   1.00 28.11 ? 105 GLU A C   1 
ATOM   923  O  O   . GLU A 1 117 ? 1.795   -13.640 5.152   1.00 27.16 ? 105 GLU A O   1 
ATOM   924  C  CB  . GLU A 1 117 ? -1.232  -13.562 6.464   1.00 29.38 ? 105 GLU A CB  1 
ATOM   925  C  CG  . GLU A 1 117 ? -2.128  -14.401 7.380   1.00 36.04 ? 105 GLU A CG  1 
ATOM   926  C  CD  . GLU A 1 117 ? -3.628  -14.155 7.147   1.00 37.05 ? 105 GLU A CD  1 
ATOM   927  O  OE1 . GLU A 1 117 ? -3.996  -13.378 6.237   1.00 44.18 ? 105 GLU A OE1 1 
ATOM   928  O  OE2 . GLU A 1 117 ? -4.437  -14.744 7.891   1.00 54.95 ? 105 GLU A OE2 1 
ATOM   929  N  N   . ALA A 1 118 ? 1.060   -11.588 5.679   1.00 24.64 ? 106 ALA A N   1 
ATOM   930  C  CA  . ALA A 1 118 ? 1.889   -10.910 4.666   1.00 25.81 ? 106 ALA A CA  1 
ATOM   931  C  C   . ALA A 1 118 ? 3.380   -11.102 4.952   1.00 25.00 ? 106 ALA A C   1 
ATOM   932  O  O   . ALA A 1 118 ? 4.187   -11.327 4.036   1.00 25.17 ? 106 ALA A O   1 
ATOM   933  C  CB  . ALA A 1 118 ? 1.538   -9.389  4.574   1.00 23.70 ? 106 ALA A CB  1 
HETATM 934  N  N   A MSE A 1 119 ? 3.748   -10.994 6.220   0.60 23.30 ? 107 MSE A N   1 
HETATM 935  N  N   B MSE A 1 119 ? 3.745   -11.007 6.224   0.40 24.93 ? 107 MSE A N   1 
HETATM 936  C  CA  A MSE A 1 119 ? 5.152   -11.127 6.620   0.60 26.17 ? 107 MSE A CA  1 
HETATM 937  C  CA  B MSE A 1 119 ? 5.148   -11.108 6.624   0.40 27.39 ? 107 MSE A CA  1 
HETATM 938  C  C   A MSE A 1 119 ? 5.648   -12.530 6.282   0.60 29.17 ? 107 MSE A C   1 
HETATM 939  C  C   B MSE A 1 119 ? 5.680   -12.527 6.404   0.40 29.71 ? 107 MSE A C   1 
HETATM 940  O  O   A MSE A 1 119 ? 6.756   -12.708 5.765   0.60 29.89 ? 107 MSE A O   1 
HETATM 941  O  O   B MSE A 1 119 ? 6.861   -12.710 6.114   0.40 30.80 ? 107 MSE A O   1 
HETATM 942  C  CB  A MSE A 1 119 ? 5.355   -10.866 8.116   0.60 26.35 ? 107 MSE A CB  1 
HETATM 943  C  CB  B MSE A 1 119 ? 5.337   -10.684 8.084   0.40 27.82 ? 107 MSE A CB  1 
HETATM 944  C  CG  A MSE A 1 119 ? 5.311   -9.407  8.544   0.60 30.38 ? 107 MSE A CG  1 
HETATM 945  C  CG  B MSE A 1 119 ? 6.795   -10.548 8.512   0.40 30.21 ? 107 MSE A CG  1 
HETATM 946  SE SE  A MSE A 1 119 ? 6.734   -8.207  7.864   0.45 35.23 ? 107 MSE A SE  1 
HETATM 947  SE SE  B MSE A 1 119 ? 7.833   -9.241  7.490   0.30 40.50 ? 107 MSE A SE  1 
HETATM 948  C  CE  A MSE A 1 119 ? 7.938   -9.492  6.990   0.60 12.50 ? 107 MSE A CE  1 
HETATM 949  C  CE  B MSE A 1 119 ? 6.744   -7.671  7.878   0.40 40.16 ? 107 MSE A CE  1 
ATOM   950  N  N   . GLU A 1 120 ? 4.806   -13.518 6.550   1.00 30.43 ? 108 GLU A N   1 
ATOM   951  C  CA  . GLU A 1 120 ? 5.147   -14.897 6.228   1.00 33.69 ? 108 GLU A CA  1 
ATOM   952  C  C   . GLU A 1 120 ? 5.430   -15.096 4.732   1.00 33.51 ? 108 GLU A C   1 
ATOM   953  O  O   . GLU A 1 120 ? 6.362   -15.828 4.379   1.00 36.17 ? 108 GLU A O   1 
ATOM   954  C  CB  . GLU A 1 120 ? 4.042   -15.829 6.709   1.00 34.26 ? 108 GLU A CB  1 
ATOM   955  C  CG  . GLU A 1 120 ? 4.031   -15.997 8.225   1.00 42.91 ? 108 GLU A CG  1 
ATOM   956  C  CD  . GLU A 1 120 ? 2.734   -16.608 8.753   1.00 43.11 ? 108 GLU A CD  1 
ATOM   957  O  OE1 . GLU A 1 120 ? 1.944   -17.145 7.931   1.00 54.88 ? 108 GLU A OE1 1 
ATOM   958  O  OE2 . GLU A 1 120 ? 2.510   -16.538 9.990   1.00 56.46 ? 108 GLU A OE2 1 
ATOM   959  N  N   . GLU A 1 121 ? 4.652   -14.466 3.857   1.00 34.59 ? 109 GLU A N   1 
ATOM   960  C  CA  . GLU A 1 121 ? 4.917   -14.552 2.417   1.00 34.84 ? 109 GLU A CA  1 
ATOM   961  C  C   . GLU A 1 121 ? 6.243   -13.887 2.021   1.00 36.79 ? 109 GLU A C   1 
ATOM   962  O  O   . GLU A 1 121 ? 7.035   -14.468 1.281   1.00 35.26 ? 109 GLU A O   1 
ATOM   963  C  CB  . GLU A 1 121 ? 3.777   -13.948 1.588   1.00 36.05 ? 109 GLU A CB  1 
ATOM   964  C  CG  . GLU A 1 121 ? 4.087   -13.908 0.076   1.00 38.40 ? 109 GLU A CG  1 
ATOM   965  C  CD  . GLU A 1 121 ? 4.164   -15.283 -0.582  1.00 52.81 ? 109 GLU A CD  1 
ATOM   966  O  OE1 . GLU A 1 121 ? 3.996   -16.314 0.118   1.00 52.82 ? 109 GLU A OE1 1 
ATOM   967  O  OE2 . GLU A 1 121 ? 4.389   -15.320 -1.818  1.00 54.27 ? 109 GLU A OE2 1 
ATOM   968  N  N   . VAL A 1 122 ? 6.489   -12.677 2.515   1.00 37.74 ? 110 VAL A N   1 
ATOM   969  C  CA  . VAL A 1 122 ? 7.667   -11.914 2.098   1.00 41.18 ? 110 VAL A CA  1 
ATOM   970  C  C   . VAL A 1 122 ? 8.977   -12.567 2.579   1.00 45.43 ? 110 VAL A C   1 
ATOM   971  O  O   . VAL A 1 122 ? 10.021  -12.416 1.945   1.00 46.87 ? 110 VAL A O   1 
ATOM   972  C  CB  . VAL A 1 122 ? 7.565   -10.408 2.526   1.00 41.24 ? 110 VAL A CB  1 
ATOM   973  C  CG1 . VAL A 1 122 ? 8.060   -10.214 3.935   1.00 43.26 ? 110 VAL A CG1 1 
ATOM   974  C  CG2 . VAL A 1 122 ? 8.341   -9.515  1.545   1.00 43.65 ? 110 VAL A CG2 1 
ATOM   975  N  N   . ARG A 1 123 ? 8.916   -13.316 3.677   1.00 48.33 ? 111 ARG A N   1 
ATOM   976  C  CA  . ARG A 1 123 ? 10.043  -14.137 4.095   1.00 52.06 ? 111 ARG A CA  1 
ATOM   977  C  C   . ARG A 1 123 ? 10.251  -15.315 3.142   1.00 54.36 ? 111 ARG A C   1 
ATOM   978  O  O   . ARG A 1 123 ? 11.384  -15.595 2.743   1.00 58.56 ? 111 ARG A O   1 
ATOM   979  C  CB  . ARG A 1 123 ? 9.821   -14.664 5.505   1.00 52.47 ? 111 ARG A CB  1 
ATOM   980  C  CG  . ARG A 1 123 ? 9.883   -13.602 6.567   1.00 56.19 ? 111 ARG A CG  1 
ATOM   981  C  CD  . ARG A 1 123 ? 9.240   -14.127 7.820   1.00 64.60 ? 111 ARG A CD  1 
ATOM   982  N  NE  . ARG A 1 123 ? 9.213   -13.144 8.895   1.00 67.64 ? 111 ARG A NE  1 
ATOM   983  C  CZ  . ARG A 1 123 ? 8.438   -13.237 9.974   1.00 68.93 ? 111 ARG A CZ  1 
ATOM   984  N  NH1 . ARG A 1 123 ? 7.603   -14.268 10.127  1.00 68.78 ? 111 ARG A NH1 1 
ATOM   985  N  NH2 . ARG A 1 123 ? 8.488   -12.287 10.901  1.00 68.32 ? 111 ARG A NH2 1 
ATOM   986  N  N   . ARG A 1 124 ? 9.163   -16.010 2.809   1.00 54.87 ? 112 ARG A N   1 
ATOM   987  C  CA  . ARG A 1 124 ? 9.162   -17.089 1.817   1.00 55.84 ? 112 ARG A CA  1 
ATOM   988  C  C   . ARG A 1 124 ? 8.105   -18.128 2.189   1.00 56.75 ? 112 ARG A C   1 
ATOM   989  O  O   . ARG A 1 124 ? 7.071   -18.247 1.523   1.00 57.65 ? 112 ARG A O   1 
ATOM   990  C  CB  . ARG A 1 124 ? 10.537  -17.763 1.695   1.00 57.03 ? 112 ARG A CB  1 
HETATM 991  CL CL  . CL  B 2 .   ? -0.572  11.218  -7.954  1.00 30.20 ? 114 CL  A CL  1 
HETATM 992  CL CL  . CL  C 2 .   ? 5.753   11.081  -7.112  1.00 49.14 ? 115 CL  A CL  1 
HETATM 993  CL CL  . CL  D 2 .   ? 1.336   -0.048  -17.319 1.00 26.83 ? 116 CL  A CL  1 
HETATM 994  O  OH2 A 1PE E 3 .   ? 2.769   0.117   15.763  0.50 26.71 ? 117 1PE A OH2 1 
HETATM 995  O  OH2 B 1PE E 3 .   ? 7.633   -1.720  16.705  0.50 32.55 ? 117 1PE A OH2 1 
HETATM 996  C  C12 A 1PE E 3 .   ? 3.365   1.236   16.427  0.50 31.40 ? 117 1PE A C12 1 
HETATM 997  C  C12 B 1PE E 3 .   ? 7.973   -0.343  16.944  0.50 28.92 ? 117 1PE A C12 1 
HETATM 998  C  C22 A 1PE E 3 .   ? 4.432   0.781   17.407  0.50 25.29 ? 117 1PE A C22 1 
HETATM 999  C  C22 B 1PE E 3 .   ? 6.874   0.300   17.773  0.50 26.02 ? 117 1PE A C22 1 
HETATM 1000 O  OH3 A 1PE E 3 .   ? 5.594   0.305   16.732  0.50 32.12 ? 117 1PE A OH3 1 
HETATM 1001 O  OH3 B 1PE E 3 .   ? 5.658   0.172   17.045  0.50 26.50 ? 117 1PE A OH3 1 
HETATM 1002 C  C13 A 1PE E 3 .   ? 7.516   -1.174  16.633  0.50 34.72 ? 117 1PE A C13 1 
HETATM 1003 C  C13 B 1PE E 3 .   ? 3.450   1.009   16.694  0.50 20.68 ? 117 1PE A C13 1 
HETATM 1004 C  C23 A 1PE E 3 .   ? 6.474   -0.495  17.526  0.50 32.94 ? 117 1PE A C23 1 
HETATM 1005 C  C23 B 1PE E 3 .   ? 4.592   0.861   17.671  0.50 23.93 ? 117 1PE A C23 1 
HETATM 1006 O  OH4 A 1PE E 3 .   ? 7.020   -2.419  16.127  0.50 28.28 ? 117 1PE A OH4 1 
HETATM 1007 O  OH4 B 1PE E 3 .   ? 2.895   -0.238  16.264  0.50 18.04 ? 117 1PE A OH4 1 
HETATM 1008 C  C14 A 1PE E 3 .   ? 7.291   -4.684  15.404  0.50 27.26 ? 117 1PE A C14 1 
HETATM 1009 C  C14 B 1PE E 3 .   ? 1.098   -1.264  14.927  0.50 13.30 ? 117 1PE A C14 1 
HETATM 1010 C  C24 A 1PE E 3 .   ? 8.005   -3.391  15.763  0.50 28.84 ? 117 1PE A C24 1 
HETATM 1011 C  C24 B 1PE E 3 .   ? 1.770   0.009   15.394  0.50 13.49 ? 117 1PE A C24 1 
HETATM 1012 O  OH5 A 1PE E 3 .   ? 6.373   -4.408  14.332  0.50 26.71 ? 117 1PE A OH5 1 
HETATM 1013 O  OH5 B 1PE E 3 .   ? 2.039   -1.971  14.104  0.50 20.44 ? 117 1PE A OH5 1 
HETATM 1014 C  C15 A 1PE E 3 .   ? 4.538   -5.029  12.848  0.50 30.49 ? 117 1PE A C15 1 
HETATM 1015 C  C15 B 1PE E 3 .   ? 2.517   -4.048  12.896  0.50 23.77 ? 117 1PE A C15 1 
HETATM 1016 C  C25 A 1PE E 3 .   ? 5.605   -5.504  13.838  0.50 24.57 ? 117 1PE A C25 1 
HETATM 1017 C  C25 B 1PE E 3 .   ? 1.449   -3.109  13.458  0.50 21.12 ? 117 1PE A C25 1 
HETATM 1018 O  OH6 A 1PE E 3 .   ? 3.759   -3.998  13.455  0.50 23.65 ? 117 1PE A OH6 1 
HETATM 1019 O  OH6 B 1PE E 3 .   ? 3.449   -4.454  13.896  0.50 22.65 ? 117 1PE A OH6 1 
HETATM 1020 C  C16 A 1PE E 3 .   ? 1.641   -2.927  13.751  0.50 23.47 ? 117 1PE A C16 1 
HETATM 1021 C  C16 B 1PE E 3 .   ? 5.593   -5.587  14.406  0.50 27.25 ? 117 1PE A C16 1 
HETATM 1022 C  C26 A 1PE E 3 .   ? 2.612   -3.549  12.743  0.50 24.27 ? 117 1PE A C26 1 
HETATM 1023 C  C26 B 1PE E 3 .   ? 4.637   -5.044  13.343  0.50 26.87 ? 117 1PE A C26 1 
HETATM 1024 O  OH7 A 1PE E 3 .   ? 2.083   -1.608  14.113  0.50 23.86 ? 117 1PE A OH7 1 
HETATM 1025 O  OH7 B 1PE E 3 .   ? 6.328   -4.547  15.069  0.50 29.33 ? 117 1PE A OH7 1 
HETATM 1026 C  C1  . PEG F 4 .   ? 1.477   -11.291 -8.516  1.00 63.57 ? 118 PEG A C1  1 
HETATM 1027 O  O1  . PEG F 4 .   ? 2.676   -10.707 -7.978  1.00 70.79 ? 118 PEG A O1  1 
HETATM 1028 C  C2  . PEG F 4 .   ? 0.751   -12.061 -7.421  1.00 54.29 ? 118 PEG A C2  1 
HETATM 1029 O  O2  . PEG F 4 .   ? -0.634  -12.089 -7.721  1.00 46.95 ? 118 PEG A O2  1 
HETATM 1030 C  C3  . PEG F 4 .   ? -1.412  -12.396 -6.588  1.00 44.10 ? 118 PEG A C3  1 
HETATM 1031 C  C4  . PEG F 4 .   ? -2.756  -12.915 -7.022  1.00 45.24 ? 118 PEG A C4  1 
HETATM 1032 O  O4  . PEG F 4 .   ? -3.108  -13.969 -6.125  1.00 55.59 ? 118 PEG A O4  1 
HETATM 1033 O  O   . HOH G 5 .   ? 14.748  1.692   9.402   1.00 55.85 ? 119 HOH A O   1 
HETATM 1034 O  O   . HOH G 5 .   ? 15.735  9.752   -3.686  1.00 57.53 ? 120 HOH A O   1 
HETATM 1035 O  O   . HOH G 5 .   ? 12.715  12.087  1.969   1.00 62.77 ? 121 HOH A O   1 
HETATM 1036 O  O   . HOH G 5 .   ? 8.231   13.469  1.930   1.00 37.66 ? 122 HOH A O   1 
HETATM 1037 O  O   . HOH G 5 .   ? 14.565  9.554   -7.992  1.00 53.05 ? 123 HOH A O   1 
HETATM 1038 O  O   . HOH G 5 .   ? 12.633  9.452   -9.784  1.00 73.92 ? 124 HOH A O   1 
HETATM 1039 O  O   . HOH G 5 .   ? 17.014  -0.511  -13.138 1.00 49.75 ? 125 HOH A O   1 
HETATM 1040 O  O   . HOH G 5 .   ? -9.223  -8.162  4.856   1.00 32.44 ? 126 HOH A O   1 
HETATM 1041 O  O   . HOH G 5 .   ? -9.597  -7.790  7.184   1.00 51.75 ? 127 HOH A O   1 
HETATM 1042 O  O   . HOH G 5 .   ? 9.600   17.722  12.594  1.00 45.72 ? 128 HOH A O   1 
HETATM 1043 O  O   . HOH G 5 .   ? 8.204   -7.982  -10.777 1.00 40.45 ? 129 HOH A O   1 
HETATM 1044 O  O   . HOH G 5 .   ? 15.923  -4.395  -5.445  1.00 60.60 ? 130 HOH A O   1 
HETATM 1045 O  O   . HOH G 5 .   ? 15.679  -3.302  -8.352  1.00 54.39 ? 131 HOH A O   1 
HETATM 1046 O  O   . HOH G 5 .   ? -16.560 -8.019  -0.049  1.00 53.13 ? 132 HOH A O   1 
HETATM 1047 O  O   . HOH G 5 .   ? -15.830 -9.026  -2.596  1.00 47.03 ? 133 HOH A O   1 
HETATM 1048 O  O   . HOH G 5 .   ? 8.448   8.449   -10.192 1.00 61.19 ? 134 HOH A O   1 
HETATM 1049 O  O   . HOH G 5 .   ? 8.708   18.515  -4.279  1.00 49.14 ? 135 HOH A O   1 
HETATM 1050 O  O   . HOH G 5 .   ? -13.549 6.922   -1.177  1.00 51.90 ? 136 HOH A O   1 
HETATM 1051 O  O   . HOH G 5 .   ? -1.137  8.080   -8.604  1.00 45.20 ? 137 HOH A O   1 
HETATM 1052 O  O   . HOH G 5 .   ? -4.087  -2.945  11.288  1.00 20.32 ? 138 HOH A O   1 
HETATM 1053 O  O   . HOH G 5 .   ? -5.022  14.002  -4.975  1.00 19.58 ? 139 HOH A O   1 
HETATM 1054 O  O   . HOH G 5 .   ? -0.714  2.148   -17.029 1.00 23.15 ? 140 HOH A O   1 
HETATM 1055 O  O   . HOH G 5 .   ? -5.162  1.559   7.492   1.00 20.40 ? 141 HOH A O   1 
HETATM 1056 O  O   . HOH G 5 .   ? -13.520 8.661   -8.160  1.00 21.23 ? 142 HOH A O   1 
HETATM 1057 O  O   . HOH G 5 .   ? 10.056  0.102   -6.777  1.00 23.20 ? 143 HOH A O   1 
HETATM 1058 O  O   . HOH G 5 .   ? -10.261 -1.052  4.040   1.00 21.21 ? 144 HOH A O   1 
HETATM 1059 O  O   . HOH G 5 .   ? -2.897  -7.563  10.941  1.00 22.98 ? 145 HOH A O   1 
HETATM 1060 O  O   . HOH G 5 .   ? 1.818   -8.532  -5.127  1.00 28.35 ? 146 HOH A O   1 
HETATM 1061 O  O   . HOH G 5 .   ? -3.699  15.140  -2.621  1.00 19.30 ? 147 HOH A O   1 
HETATM 1062 O  O   . HOH G 5 .   ? -2.179  4.025   11.815  1.00 24.90 ? 148 HOH A O   1 
HETATM 1063 O  O   . HOH G 5 .   ? -4.756  11.722  5.449   1.00 28.39 ? 149 HOH A O   1 
HETATM 1064 O  O   . HOH G 5 .   ? 4.666   3.857   -11.152 1.00 28.02 ? 150 HOH A O   1 
HETATM 1065 O  O   . HOH G 5 .   ? -1.118  -10.251 12.032  1.00 25.68 ? 151 HOH A O   1 
HETATM 1066 O  O   . HOH G 5 .   ? -2.972  8.533   7.532   1.00 30.35 ? 152 HOH A O   1 
HETATM 1067 O  O   . HOH G 5 .   ? -17.621 -1.123  -2.737  1.00 28.97 ? 153 HOH A O   1 
HETATM 1068 O  O   . HOH G 5 .   ? -3.695  -5.315  9.557   1.00 21.97 ? 154 HOH A O   1 
HETATM 1069 O  O   . HOH G 5 .   ? 4.039   14.302  -0.443  1.00 25.46 ? 155 HOH A O   1 
HETATM 1070 O  O   . HOH G 5 .   ? 12.083  1.189   -5.432  1.00 29.98 ? 156 HOH A O   1 
HETATM 1071 O  O   . HOH G 5 .   ? 5.214   -1.820  -14.015 1.00 35.35 ? 157 HOH A O   1 
HETATM 1072 O  O   . HOH G 5 .   ? -13.321 10.653  -6.289  1.00 24.99 ? 158 HOH A O   1 
HETATM 1073 O  O   . HOH G 5 .   ? -5.498  -13.767 3.871   1.00 41.85 ? 159 HOH A O   1 
HETATM 1074 O  O   . HOH G 5 .   ? -3.972  1.055   9.869   1.00 25.56 ? 160 HOH A O   1 
HETATM 1075 O  O   . HOH G 5 .   ? -3.976  -12.727 -2.669  1.00 40.29 ? 161 HOH A O   1 
HETATM 1076 O  O   . HOH G 5 .   ? 10.600  0.919   -10.433 1.00 27.21 ? 162 HOH A O   1 
HETATM 1077 O  O   . HOH G 5 .   ? -10.686 -2.943  9.615   1.00 26.91 ? 163 HOH A O   1 
HETATM 1078 O  O   . HOH G 5 .   ? -5.047  -11.177 -4.385  1.00 28.62 ? 164 HOH A O   1 
HETATM 1079 O  O   . HOH G 5 .   ? 1.767   10.072  10.782  1.00 26.08 ? 165 HOH A O   1 
HETATM 1080 O  O   . HOH G 5 .   ? 6.821   13.851  -0.270  1.00 24.38 ? 166 HOH A O   1 
HETATM 1081 O  O   . HOH G 5 .   ? -15.526 5.230   -3.799  1.00 26.70 ? 167 HOH A O   1 
HETATM 1082 O  O   . HOH G 5 .   ? -1.628  6.228   13.481  1.00 29.78 ? 168 HOH A O   1 
HETATM 1083 O  O   . HOH G 5 .   ? 10.263  2.261   11.555  1.00 31.32 ? 169 HOH A O   1 
HETATM 1084 O  O   . HOH G 5 .   ? -17.082 -2.101  4.660   1.00 39.08 ? 170 HOH A O   1 
HETATM 1085 O  O   . HOH G 5 .   ? -2.547  -0.844  11.227  1.00 28.52 ? 171 HOH A O   1 
HETATM 1086 O  O   . HOH G 5 .   ? 6.725   -3.384  -15.292 1.00 29.10 ? 172 HOH A O   1 
HETATM 1087 O  O   . HOH G 5 .   ? -11.268 -10.328 -9.647  1.00 33.80 ? 173 HOH A O   1 
HETATM 1088 O  O   . HOH G 5 .   ? -10.575 -4.372  7.368   1.00 36.23 ? 174 HOH A O   1 
HETATM 1089 O  O   . HOH G 5 .   ? -4.782  8.682   5.594   1.00 33.79 ? 175 HOH A O   1 
HETATM 1090 O  O   . HOH G 5 .   ? 13.311  10.767  -2.766  1.00 34.99 ? 176 HOH A O   1 
HETATM 1091 O  O   . HOH G 5 .   ? 6.305   -5.877  -14.610 1.00 27.65 ? 177 HOH A O   1 
HETATM 1092 O  O   . HOH G 5 .   ? -4.365  8.909   -8.416  1.00 29.01 ? 178 HOH A O   1 
HETATM 1093 O  O   . HOH G 5 .   ? -16.109 -4.232  6.654   1.00 52.81 ? 179 HOH A O   1 
HETATM 1094 O  O   . HOH G 5 .   ? -14.449 1.324   -1.578  1.00 31.58 ? 180 HOH A O   1 
HETATM 1095 O  O   . HOH G 5 .   ? -0.341  2.410   13.036  1.00 27.32 ? 181 HOH A O   1 
HETATM 1096 O  O   . HOH G 5 .   ? -2.628  4.941   -11.988 1.00 32.33 ? 182 HOH A O   1 
HETATM 1097 O  O   . HOH G 5 .   ? 11.139  -2.012  1.497   1.00 34.42 ? 183 HOH A O   1 
HETATM 1098 O  O   . HOH G 5 .   ? -0.860  10.967  10.630  1.00 40.16 ? 184 HOH A O   1 
HETATM 1099 O  O   . HOH G 5 .   ? 14.275  -3.309  8.359   1.00 45.00 ? 185 HOH A O   1 
HETATM 1100 O  O   . HOH G 5 .   ? -4.053  2.447   13.019  1.00 33.69 ? 186 HOH A O   1 
HETATM 1101 O  O   . HOH G 5 .   ? 14.524  -0.260  -5.923  1.00 42.89 ? 187 HOH A O   1 
HETATM 1102 O  O   . HOH G 5 .   ? 12.248  2.403   -8.726  1.00 43.50 ? 188 HOH A O   1 
HETATM 1103 O  O   . HOH G 5 .   ? -14.093 9.884   -2.804  1.00 31.13 ? 189 HOH A O   1 
HETATM 1104 O  O   . HOH G 5 .   ? -11.875 3.729   9.381   1.00 41.85 ? 190 HOH A O   1 
HETATM 1105 O  O   . HOH G 5 .   ? 9.292   3.809   -9.814  1.00 33.51 ? 191 HOH A O   1 
HETATM 1106 O  O   . HOH G 5 .   ? -20.088 -1.854  -1.840  1.00 36.93 ? 192 HOH A O   1 
HETATM 1107 O  O   . HOH G 5 .   ? 3.843   -0.347  -19.109 1.00 28.86 ? 193 HOH A O   1 
HETATM 1108 O  O   . HOH G 5 .   ? -11.852 0.285   7.482   1.00 32.28 ? 194 HOH A O   1 
HETATM 1109 O  O   . HOH G 5 .   ? 12.784  7.378   4.210   1.00 42.34 ? 195 HOH A O   1 
HETATM 1110 O  O   . HOH G 5 .   ? 1.875   -8.132  -7.912  1.00 40.33 ? 196 HOH A O   1 
HETATM 1111 O  O   . HOH G 5 .   ? 6.627   2.636   -12.663 1.00 38.38 ? 197 HOH A O   1 
HETATM 1112 O  O   . HOH G 5 .   ? -8.638  13.001  2.296   1.00 47.89 ? 198 HOH A O   1 
HETATM 1113 O  O   . HOH G 5 .   ? 11.862  11.422  -4.949  1.00 36.17 ? 199 HOH A O   1 
HETATM 1114 O  O   . HOH G 5 .   ? 13.188  -4.734  11.850  1.00 42.19 ? 200 HOH A O   1 
HETATM 1115 O  O   . HOH G 5 .   ? 8.777   9.998   -8.193  1.00 42.76 ? 201 HOH A O   1 
HETATM 1116 O  O   . HOH G 5 .   ? 3.720   4.400   -16.831 1.00 42.32 ? 202 HOH A O   1 
HETATM 1117 O  O   . HOH G 5 .   ? 4.677   -8.252  -5.236  1.00 34.70 ? 203 HOH A O   1 
HETATM 1118 O  O   . HOH G 5 .   ? 6.081   1.474   -15.158 1.00 31.44 ? 204 HOH A O   1 
HETATM 1119 O  O   . HOH G 5 .   ? 4.713   -13.449 10.380  1.00 53.57 ? 205 HOH A O   1 
HETATM 1120 O  O   . HOH G 5 .   ? 8.193   4.759   11.908  1.00 42.31 ? 206 HOH A O   1 
HETATM 1121 O  O   . HOH G 5 .   ? 2.255   12.233  -9.702  1.00 35.28 ? 207 HOH A O   1 
HETATM 1122 O  O   . HOH G 5 .   ? -16.155 -5.310  -13.333 1.00 33.96 ? 208 HOH A O   1 
HETATM 1123 O  O   . HOH G 5 .   ? -1.556  4.647   -14.298 1.00 47.59 ? 209 HOH A O   1 
HETATM 1124 O  O   . HOH G 5 .   ? 10.039  -1.391  13.569  1.00 56.76 ? 210 HOH A O   1 
HETATM 1125 O  O   . HOH G 5 .   ? 12.140  0.051   -12.304 1.00 41.07 ? 211 HOH A O   1 
HETATM 1126 O  O   . HOH G 5 .   ? 4.765   13.620  -7.890  1.00 44.93 ? 212 HOH A O   1 
HETATM 1127 O  O   . HOH G 5 .   ? -10.428 3.315   11.630  1.00 36.60 ? 213 HOH A O   1 
HETATM 1128 O  O   . HOH G 5 .   ? 14.509  -0.767  -11.336 1.00 40.95 ? 214 HOH A O   1 
HETATM 1129 O  O   . HOH G 5 .   ? 4.876   -7.087  -8.001  1.00 42.18 ? 215 HOH A O   1 
HETATM 1130 O  O   . HOH G 5 .   ? 4.725   -0.434  -15.972 1.00 42.04 ? 216 HOH A O   1 
HETATM 1131 O  O   . HOH G 5 .   ? 8.208   11.670  -6.223  1.00 43.37 ? 217 HOH A O   1 
HETATM 1132 O  O   . HOH G 5 .   ? 0.882   -16.070 4.189   1.00 46.30 ? 218 HOH A O   1 
HETATM 1133 O  O   . HOH G 5 .   ? 14.945  6.790   -7.869  1.00 68.01 ? 219 HOH A O   1 
HETATM 1134 O  O   . HOH G 5 .   ? 13.810  5.126   5.893   1.00 62.45 ? 220 HOH A O   1 
HETATM 1135 O  O   . HOH G 5 .   ? -15.099 -9.888  -9.797  1.00 59.24 ? 221 HOH A O   1 
HETATM 1136 O  O   . HOH G 5 .   ? -2.582  -13.167 12.260  1.00 36.07 ? 222 HOH A O   1 
HETATM 1137 O  O   . HOH G 5 .   ? -13.558 -2.842  8.876   1.00 36.80 ? 223 HOH A O   1 
HETATM 1138 O  O   . HOH G 5 .   ? -2.259  10.865  8.706   1.00 42.35 ? 224 HOH A O   1 
HETATM 1139 O  O   . HOH G 5 .   ? 7.983   -8.147  -8.199  1.00 43.28 ? 225 HOH A O   1 
HETATM 1140 O  O   . HOH G 5 .   ? -15.607 11.823  -4.950  1.00 40.40 ? 226 HOH A O   1 
HETATM 1141 O  O   . HOH G 5 .   ? -8.868  11.447  4.414   1.00 39.26 ? 227 HOH A O   1 
HETATM 1142 O  O   . HOH G 5 .   ? -11.872 13.159  2.658   1.00 51.57 ? 228 HOH A O   1 
HETATM 1143 O  O   . HOH G 5 .   ? 4.415   6.779   -10.909 1.00 44.72 ? 229 HOH A O   1 
HETATM 1144 O  O   . HOH G 5 .   ? 15.716  0.718   6.980   1.00 47.87 ? 230 HOH A O   1 
HETATM 1145 O  O   . HOH G 5 .   ? -0.439  -15.677 10.538  1.00 49.11 ? 231 HOH A O   1 
HETATM 1146 O  O   . HOH G 5 .   ? -11.414 6.059   6.008   1.00 45.82 ? 232 HOH A O   1 
HETATM 1147 O  O   . HOH G 5 .   ? 6.019   8.715   -10.196 1.00 54.00 ? 233 HOH A O   1 
HETATM 1148 O  O   . HOH G 5 .   ? -0.147  9.827   -10.356 1.00 51.38 ? 234 HOH A O   1 
HETATM 1149 O  O   . HOH G 5 .   ? 4.864   -8.231  -11.791 1.00 57.71 ? 235 HOH A O   1 
HETATM 1150 O  O   . HOH G 5 .   ? 4.942   7.378   10.843  1.00 26.83 ? 236 HOH A O   1 
HETATM 1151 O  O   . HOH G 5 .   ? 12.236  5.201   9.501   1.00 51.49 ? 237 HOH A O   1 
HETATM 1152 O  O   . HOH G 5 .   ? 13.257  -3.192  0.446   1.00 55.63 ? 238 HOH A O   1 
HETATM 1153 O  O   . HOH G 5 .   ? 11.488  18.523  14.504  1.00 53.81 ? 239 HOH A O   1 
# 
